data_1GU1
#
_entry.id   1GU1
#
_cell.length_a   113.600
_cell.length_b   138.400
_cell.length_c   141.500
_cell.angle_alpha   90.00
_cell.angle_beta   90.00
_cell.angle_gamma   90.00
#
_symmetry.space_group_name_H-M   'P 21 21 21'
#
loop_
_entity.id
_entity.type
_entity.pdbx_description
1 polymer '3-DEHYDROQUINATE DEHYDRATASE'
2 non-polymer '2,3 -ANHYDRO-QUINIC ACID'
3 non-polymer GLYCEROL
4 non-polymer 'L(+)-TARTARIC ACID'
5 non-polymer 2-AMINO-2-HYDROXYMETHYL-PROPANE-1,3-DIOL
6 water water
#
_entity_poly.entity_id   1
_entity_poly.type   'polypeptide(L)'
_entity_poly.pdbx_seq_one_letter_code
;PRSLANAPIMILNGPNLNLLGQRQPEIYGSDTLADVEALCVKAAAAHGGTVDFRQSNHEGELVDWIHEARLNHCGIVINP
AAYSHTSVAILDALNTCDGLPVVEVHISNIHQREPFRHHSYVSQRADGVVAGCGVQGYVFGVERIAALAGAGSARA
;
_entity_poly.pdbx_strand_id   A,B,C,D,E,F,G,H,I,J,K,L
#
# COMPACT_ATOMS: atom_id res chain seq x y z
N ARG A 2 -37.93 -22.64 3.51
CA ARG A 2 -39.08 -22.81 2.59
C ARG A 2 -38.76 -23.29 1.20
N SER A 3 -39.81 -23.90 0.61
CA SER A 3 -39.68 -24.46 -0.73
C SER A 3 -40.15 -23.41 -1.75
N LEU A 4 -39.88 -23.66 -3.00
CA LEU A 4 -40.41 -22.79 -4.07
C LEU A 4 -41.92 -22.92 -4.16
N ALA A 5 -42.46 -24.08 -3.78
CA ALA A 5 -43.91 -24.24 -3.85
C ALA A 5 -44.64 -23.43 -2.80
N ASN A 6 -43.99 -23.19 -1.67
CA ASN A 6 -44.61 -22.50 -0.57
C ASN A 6 -44.38 -21.01 -0.46
N ALA A 7 -43.40 -20.45 -1.15
CA ALA A 7 -43.16 -19.02 -1.02
C ALA A 7 -42.35 -18.52 -2.23
N PRO A 8 -42.57 -17.27 -2.57
CA PRO A 8 -41.90 -16.70 -3.73
C PRO A 8 -40.39 -16.51 -3.45
N ILE A 9 -39.68 -16.41 -4.57
CA ILE A 9 -38.27 -15.99 -4.57
C ILE A 9 -38.25 -14.45 -4.61
N MET A 10 -37.55 -13.81 -3.69
CA MET A 10 -37.40 -12.36 -3.73
C MET A 10 -36.33 -11.98 -4.75
N ILE A 11 -36.64 -11.16 -5.72
CA ILE A 11 -35.67 -10.67 -6.70
C ILE A 11 -35.51 -9.16 -6.49
N LEU A 12 -34.33 -8.75 -6.01
CA LEU A 12 -34.06 -7.35 -5.66
C LEU A 12 -33.06 -6.69 -6.57
N ASN A 13 -33.41 -5.45 -6.94
CA ASN A 13 -32.55 -4.67 -7.84
C ASN A 13 -32.24 -3.33 -7.21
N GLY A 14 -30.95 -2.93 -7.23
CA GLY A 14 -30.53 -1.70 -6.59
C GLY A 14 -30.65 -0.48 -7.51
N PRO A 15 -29.90 0.55 -7.18
CA PRO A 15 -30.06 1.88 -7.75
C PRO A 15 -29.73 1.95 -9.22
N ASN A 16 -30.45 2.81 -9.93
CA ASN A 16 -30.32 3.08 -11.34
C ASN A 16 -30.85 1.98 -12.23
N LEU A 17 -31.23 0.79 -11.72
CA LEU A 17 -31.69 -0.28 -12.57
C LEU A 17 -33.08 -0.03 -13.15
N ASN A 18 -33.76 1.00 -12.59
CA ASN A 18 -35.04 1.42 -13.18
C ASN A 18 -34.80 1.90 -14.61
N LEU A 19 -33.60 2.35 -15.00
CA LEU A 19 -33.30 2.77 -16.35
C LEU A 19 -32.72 1.72 -17.28
N LEU A 20 -32.76 0.49 -16.82
CA LEU A 20 -32.15 -0.59 -17.62
C LEU A 20 -32.76 -0.62 -19.00
N GLY A 21 -31.93 -0.74 -20.02
CA GLY A 21 -32.41 -0.88 -21.37
C GLY A 21 -32.56 0.47 -22.08
N GLN A 22 -32.55 1.56 -21.32
CA GLN A 22 -32.72 2.88 -21.91
C GLN A 22 -31.43 3.53 -22.39
N ARG A 23 -30.27 2.92 -22.14
CA ARG A 23 -28.98 3.43 -22.56
C ARG A 23 -27.88 2.41 -22.28
N GLN A 24 -26.70 2.63 -22.83
CA GLN A 24 -25.56 1.74 -22.64
C GLN A 24 -25.84 0.28 -22.92
N PRO A 25 -26.39 -0.06 -24.06
CA PRO A 25 -26.70 -1.41 -24.42
C PRO A 25 -25.48 -2.29 -24.53
N GLU A 26 -24.32 -1.72 -24.87
CA GLU A 26 -23.08 -2.48 -24.99
C GLU A 26 -22.70 -2.99 -23.60
N ILE A 27 -22.94 -2.21 -22.56
CA ILE A 27 -22.70 -2.72 -21.22
C ILE A 27 -23.89 -3.46 -20.61
N TYR A 28 -25.09 -2.85 -20.70
CA TYR A 28 -26.24 -3.40 -20.02
C TYR A 28 -27.34 -4.08 -20.83
N GLY A 29 -27.24 -3.99 -22.14
CA GLY A 29 -28.21 -4.67 -22.99
C GLY A 29 -29.40 -3.74 -23.27
N SER A 30 -30.31 -4.26 -24.09
CA SER A 30 -31.50 -3.52 -24.49
C SER A 30 -32.80 -3.98 -23.84
N ASP A 31 -32.72 -4.99 -23.00
CA ASP A 31 -33.85 -5.43 -22.22
C ASP A 31 -34.10 -4.51 -21.05
N THR A 32 -35.38 -4.27 -20.74
CA THR A 32 -35.76 -3.40 -19.64
C THR A 32 -35.92 -4.25 -18.38
N LEU A 33 -36.16 -3.58 -17.25
CA LEU A 33 -36.40 -4.33 -16.03
C LEU A 33 -37.69 -5.15 -16.16
N ALA A 34 -38.69 -4.62 -16.88
CA ALA A 34 -39.89 -5.46 -17.07
C ALA A 34 -39.53 -6.75 -17.79
N ASP A 35 -38.61 -6.64 -18.78
CA ASP A 35 -38.17 -7.81 -19.55
C ASP A 35 -37.49 -8.81 -18.61
N VAL A 36 -36.62 -8.30 -17.75
CA VAL A 36 -35.92 -9.12 -16.76
C VAL A 36 -36.90 -9.83 -15.83
N GLU A 37 -37.88 -9.09 -15.33
CA GLU A 37 -38.93 -9.67 -14.49
C GLU A 37 -39.61 -10.86 -15.17
N ALA A 38 -39.95 -10.68 -16.45
CA ALA A 38 -40.58 -11.75 -17.23
C ALA A 38 -39.71 -12.98 -17.33
N LEU A 39 -38.39 -12.78 -17.57
CA LEU A 39 -37.45 -13.89 -17.60
C LEU A 39 -37.44 -14.67 -16.26
N CYS A 40 -37.51 -13.93 -15.15
CA CYS A 40 -37.52 -14.52 -13.85
C CYS A 40 -38.81 -15.33 -13.58
N VAL A 41 -39.92 -14.70 -13.89
CA VAL A 41 -41.25 -15.37 -13.72
C VAL A 41 -41.25 -16.70 -14.48
N LYS A 42 -40.76 -16.69 -15.70
CA LYS A 42 -40.73 -17.88 -16.52
C LYS A 42 -39.82 -18.95 -15.95
N ALA A 43 -38.62 -18.52 -15.51
CA ALA A 43 -37.68 -19.54 -14.98
C ALA A 43 -38.23 -20.11 -13.68
N ALA A 44 -38.81 -19.26 -12.85
CA ALA A 44 -39.35 -19.87 -11.61
C ALA A 44 -40.56 -20.80 -11.87
N ALA A 45 -41.38 -20.43 -12.87
CA ALA A 45 -42.58 -21.22 -13.13
C ALA A 45 -42.19 -22.62 -13.59
N ALA A 46 -41.03 -22.76 -14.24
CA ALA A 46 -40.61 -24.11 -14.65
C ALA A 46 -40.33 -25.00 -13.44
N HIS A 47 -40.06 -24.41 -12.26
CA HIS A 47 -39.85 -25.13 -11.04
C HIS A 47 -41.03 -25.11 -10.08
N GLY A 48 -42.22 -24.79 -10.52
CA GLY A 48 -43.42 -24.63 -9.77
C GLY A 48 -43.34 -23.46 -8.80
N GLY A 49 -42.55 -22.45 -9.05
CA GLY A 49 -42.40 -21.34 -8.15
C GLY A 49 -42.88 -19.99 -8.74
N THR A 50 -42.80 -19.01 -7.84
CA THR A 50 -43.18 -17.64 -8.14
C THR A 50 -42.10 -16.63 -7.73
N VAL A 51 -42.28 -15.37 -8.16
CA VAL A 51 -41.23 -14.39 -7.87
C VAL A 51 -41.86 -13.12 -7.33
N ASP A 52 -41.16 -12.36 -6.53
CA ASP A 52 -41.55 -11.08 -5.99
C ASP A 52 -40.41 -10.13 -6.40
N PHE A 53 -40.63 -9.41 -7.47
CA PHE A 53 -39.60 -8.64 -8.16
C PHE A 53 -39.69 -7.16 -7.80
N ARG A 54 -38.62 -6.60 -7.27
CA ARG A 54 -38.61 -5.23 -6.84
C ARG A 54 -37.30 -4.48 -7.17
N GLN A 55 -37.46 -3.15 -7.17
CA GLN A 55 -36.30 -2.29 -7.46
C GLN A 55 -36.34 -1.09 -6.54
N SER A 56 -35.19 -0.60 -6.06
CA SER A 56 -35.19 0.62 -5.27
C SER A 56 -33.84 1.35 -5.41
N ASN A 57 -33.89 2.67 -5.23
CA ASN A 57 -32.64 3.42 -5.19
C ASN A 57 -32.12 3.64 -3.77
N HIS A 58 -32.81 3.20 -2.76
CA HIS A 58 -32.53 3.46 -1.35
C HIS A 58 -31.95 2.25 -0.64
N GLU A 59 -30.75 2.47 -0.04
CA GLU A 59 -30.08 1.40 0.67
C GLU A 59 -30.89 0.80 1.81
N GLY A 60 -31.52 1.64 2.62
CA GLY A 60 -32.33 1.28 3.74
C GLY A 60 -33.60 0.52 3.31
N GLU A 61 -34.16 0.90 2.19
CA GLU A 61 -35.33 0.16 1.69
C GLU A 61 -34.95 -1.24 1.30
N LEU A 62 -33.78 -1.43 0.63
CA LEU A 62 -33.28 -2.74 0.30
C LEU A 62 -33.05 -3.55 1.59
N VAL A 63 -32.52 -2.92 2.63
CA VAL A 63 -32.37 -3.60 3.93
C VAL A 63 -33.72 -4.12 4.42
N ASP A 64 -34.72 -3.23 4.44
CA ASP A 64 -36.04 -3.62 4.86
C ASP A 64 -36.56 -4.83 4.09
N TRP A 65 -36.45 -4.85 2.79
CA TRP A 65 -36.93 -5.89 1.91
C TRP A 65 -36.23 -7.20 2.16
N ILE A 66 -34.94 -7.18 2.50
CA ILE A 66 -34.15 -8.34 2.85
C ILE A 66 -34.70 -8.92 4.18
N HIS A 67 -34.99 -8.08 5.13
CA HIS A 67 -35.60 -8.58 6.38
C HIS A 67 -36.97 -9.24 6.03
N GLU A 68 -37.71 -8.65 5.16
CA GLU A 68 -39.00 -9.23 4.75
C GLU A 68 -38.81 -10.60 4.16
N ALA A 69 -37.87 -10.75 3.22
CA ALA A 69 -37.57 -12.02 2.59
C ALA A 69 -37.16 -13.11 3.56
N ARG A 70 -36.40 -12.68 4.57
CA ARG A 70 -35.90 -13.49 5.64
C ARG A 70 -37.09 -14.26 6.20
N LEU A 71 -38.22 -13.61 6.40
CA LEU A 71 -39.38 -14.23 6.98
C LEU A 71 -40.38 -14.87 6.04
N ASN A 72 -40.49 -14.33 4.82
CA ASN A 72 -41.56 -14.72 3.92
C ASN A 72 -41.20 -15.37 2.62
N HIS A 73 -39.93 -15.41 2.22
CA HIS A 73 -39.54 -15.90 0.90
C HIS A 73 -38.66 -17.11 0.95
N CYS A 74 -38.45 -17.84 -0.13
CA CYS A 74 -37.61 -19.02 -0.18
C CYS A 74 -36.14 -18.78 -0.56
N GLY A 75 -35.80 -17.56 -0.99
CA GLY A 75 -34.47 -17.24 -1.45
C GLY A 75 -34.45 -15.77 -1.89
N ILE A 76 -33.26 -15.29 -2.19
CA ILE A 76 -33.07 -13.94 -2.69
C ILE A 76 -32.09 -13.99 -3.86
N VAL A 77 -32.48 -13.40 -4.99
CA VAL A 77 -31.61 -13.14 -6.13
C VAL A 77 -31.39 -11.61 -6.08
N ILE A 78 -30.16 -11.13 -5.94
CA ILE A 78 -30.01 -9.69 -5.77
C ILE A 78 -28.94 -9.12 -6.70
N ASN A 79 -29.36 -8.07 -7.41
CA ASN A 79 -28.39 -7.24 -8.18
C ASN A 79 -28.34 -5.92 -7.38
N PRO A 80 -27.35 -5.77 -6.50
CA PRO A 80 -27.24 -4.61 -5.65
C PRO A 80 -26.81 -3.35 -6.35
N ALA A 81 -26.41 -3.48 -7.62
CA ALA A 81 -25.99 -2.32 -8.42
C ALA A 81 -24.89 -1.58 -7.67
N ALA A 82 -24.87 -0.25 -7.58
CA ALA A 82 -23.76 0.48 -6.95
C ALA A 82 -23.53 0.13 -5.51
N TYR A 83 -24.57 -0.25 -4.79
CA TYR A 83 -24.50 -0.65 -3.39
C TYR A 83 -23.70 -1.92 -3.20
N SER A 84 -23.47 -2.73 -4.26
CA SER A 84 -22.60 -3.86 -4.15
C SER A 84 -21.25 -3.38 -3.55
N HIS A 85 -20.74 -2.26 -4.02
CA HIS A 85 -19.38 -1.80 -3.76
C HIS A 85 -19.33 -0.95 -2.46
N THR A 86 -20.49 -0.48 -1.98
CA THR A 86 -20.42 0.45 -0.87
C THR A 86 -21.15 0.02 0.39
N SER A 87 -22.07 -0.93 0.31
CA SER A 87 -22.95 -1.24 1.39
C SER A 87 -22.64 -2.38 2.32
N VAL A 88 -22.08 -2.01 3.47
CA VAL A 88 -21.91 -2.96 4.57
C VAL A 88 -23.30 -3.24 5.16
N ALA A 89 -24.20 -2.25 5.13
CA ALA A 89 -25.55 -2.45 5.61
C ALA A 89 -26.34 -3.56 4.92
N ILE A 90 -26.22 -3.67 3.60
CA ILE A 90 -26.85 -4.70 2.82
C ILE A 90 -26.24 -6.05 3.13
N LEU A 91 -24.88 -6.10 3.21
CA LEU A 91 -24.22 -7.30 3.63
C LEU A 91 -24.73 -7.73 5.01
N ASP A 92 -24.80 -6.85 6.01
CA ASP A 92 -25.27 -7.25 7.34
C ASP A 92 -26.76 -7.67 7.32
N ALA A 93 -27.58 -7.12 6.43
CA ALA A 93 -28.96 -7.56 6.26
C ALA A 93 -29.03 -8.99 5.72
N LEU A 94 -28.23 -9.33 4.68
CA LEU A 94 -28.13 -10.67 4.13
C LEU A 94 -27.62 -11.64 5.18
N ASN A 95 -26.67 -11.24 6.02
CA ASN A 95 -26.16 -12.06 7.08
C ASN A 95 -27.26 -12.45 8.05
N THR A 96 -28.30 -11.67 8.24
CA THR A 96 -29.39 -12.08 9.08
C THR A 96 -30.26 -13.19 8.47
N CYS A 97 -30.12 -13.54 7.18
CA CYS A 97 -30.90 -14.56 6.54
C CYS A 97 -30.27 -15.94 6.71
N ASP A 98 -30.05 -16.37 7.94
CA ASP A 98 -29.43 -17.64 8.24
C ASP A 98 -30.13 -18.79 7.53
N GLY A 99 -29.41 -19.52 6.74
CA GLY A 99 -29.93 -20.64 5.98
C GLY A 99 -30.68 -20.33 4.70
N LEU A 100 -30.93 -19.07 4.38
CA LEU A 100 -31.64 -18.73 3.15
C LEU A 100 -30.69 -18.67 1.98
N PRO A 101 -31.01 -19.31 0.84
CA PRO A 101 -30.20 -19.22 -0.35
C PRO A 101 -30.21 -17.79 -0.91
N VAL A 102 -29.05 -17.27 -1.22
CA VAL A 102 -28.81 -15.95 -1.79
C VAL A 102 -27.87 -16.03 -2.99
N VAL A 103 -28.31 -15.46 -4.12
CA VAL A 103 -27.45 -15.45 -5.30
C VAL A 103 -27.32 -13.99 -5.75
N GLU A 104 -26.08 -13.54 -5.95
CA GLU A 104 -25.77 -12.18 -6.38
C GLU A 104 -25.59 -12.17 -7.88
N VAL A 105 -26.19 -11.21 -8.57
CA VAL A 105 -26.12 -11.06 -10.02
C VAL A 105 -25.67 -9.69 -10.47
N HIS A 106 -24.69 -9.63 -11.41
CA HIS A 106 -24.24 -8.42 -12.10
C HIS A 106 -24.40 -8.67 -13.58
N ILE A 107 -25.16 -7.84 -14.27
CA ILE A 107 -25.35 -7.95 -15.72
C ILE A 107 -23.99 -7.80 -16.45
N SER A 108 -23.26 -6.77 -16.04
CA SER A 108 -21.92 -6.54 -16.59
C SER A 108 -20.83 -7.36 -15.88
N ASN A 109 -19.69 -7.49 -16.60
CA ASN A 109 -18.57 -8.18 -15.98
C ASN A 109 -17.80 -7.12 -15.20
N ILE A 110 -18.17 -6.98 -13.93
CA ILE A 110 -17.53 -5.95 -13.07
C ILE A 110 -15.99 -6.05 -13.02
N HIS A 111 -15.44 -7.21 -13.23
CA HIS A 111 -13.98 -7.42 -13.21
C HIS A 111 -13.25 -6.81 -14.38
N GLN A 112 -13.90 -6.41 -15.43
CA GLN A 112 -13.29 -5.70 -16.55
C GLN A 112 -13.47 -4.19 -16.44
N ARG A 113 -14.17 -3.73 -15.40
CA ARG A 113 -14.54 -2.33 -15.32
C ARG A 113 -13.66 -1.55 -14.35
N GLU A 114 -14.10 -0.39 -13.87
CA GLU A 114 -13.21 0.38 -12.98
C GLU A 114 -12.87 -0.43 -11.75
N PRO A 115 -11.70 -0.24 -11.14
CA PRO A 115 -11.26 -0.90 -9.94
C PRO A 115 -12.18 -0.80 -8.74
N PHE A 116 -12.91 0.34 -8.59
CA PHE A 116 -13.87 0.46 -7.50
C PHE A 116 -15.03 -0.56 -7.66
N ARG A 117 -15.27 -1.14 -8.81
CA ARG A 117 -16.31 -2.13 -9.06
C ARG A 117 -15.81 -3.54 -8.81
N HIS A 118 -14.50 -3.72 -8.59
CA HIS A 118 -13.97 -5.08 -8.48
C HIS A 118 -14.36 -5.79 -7.21
N HIS A 119 -14.60 -5.09 -6.12
CA HIS A 119 -14.96 -5.64 -4.86
C HIS A 119 -16.48 -5.45 -4.60
N SER A 120 -17.04 -6.51 -4.08
CA SER A 120 -18.46 -6.40 -3.64
C SER A 120 -18.60 -6.94 -2.22
N TYR A 121 -19.19 -6.17 -1.34
CA TYR A 121 -19.48 -6.61 0.01
C TYR A 121 -20.49 -7.76 -0.01
N VAL A 122 -21.43 -7.73 -0.93
CA VAL A 122 -22.46 -8.77 -1.01
C VAL A 122 -21.86 -10.14 -1.24
N SER A 123 -20.78 -10.24 -2.01
CA SER A 123 -20.14 -11.49 -2.37
C SER A 123 -19.63 -12.28 -1.14
N GLN A 124 -19.35 -11.64 -0.03
CA GLN A 124 -18.92 -12.28 1.21
C GLN A 124 -20.04 -13.16 1.81
N ARG A 125 -21.32 -12.90 1.50
CA ARG A 125 -22.43 -13.65 2.04
C ARG A 125 -23.17 -14.45 0.96
N ALA A 126 -23.26 -13.93 -0.26
CA ALA A 126 -23.96 -14.63 -1.31
C ALA A 126 -23.44 -16.06 -1.49
N ASP A 127 -24.33 -16.97 -1.73
CA ASP A 127 -23.91 -18.37 -1.94
C ASP A 127 -23.16 -18.44 -3.24
N GLY A 128 -23.67 -17.88 -4.27
CA GLY A 128 -23.17 -17.84 -5.64
C GLY A 128 -23.20 -16.39 -6.16
N VAL A 129 -22.29 -16.15 -7.09
CA VAL A 129 -22.19 -14.82 -7.69
C VAL A 129 -22.03 -15.01 -9.19
N VAL A 130 -22.94 -14.42 -9.95
CA VAL A 130 -22.90 -14.47 -11.42
C VAL A 130 -22.60 -13.10 -11.96
N ALA A 131 -21.56 -12.92 -12.74
CA ALA A 131 -21.23 -11.68 -13.34
C ALA A 131 -21.02 -11.77 -14.85
N GLY A 132 -21.51 -10.76 -15.57
CA GLY A 132 -21.19 -10.67 -17.00
C GLY A 132 -21.91 -11.67 -17.90
N CYS A 133 -23.00 -12.25 -17.38
CA CYS A 133 -23.77 -13.16 -18.21
C CYS A 133 -25.01 -12.44 -18.73
N GLY A 134 -24.99 -11.14 -18.75
CA GLY A 134 -26.14 -10.36 -19.16
C GLY A 134 -27.34 -10.55 -18.28
N VAL A 135 -28.57 -10.26 -18.78
CA VAL A 135 -29.79 -10.48 -18.01
C VAL A 135 -30.07 -11.96 -17.80
N GLN A 136 -29.40 -12.81 -18.63
CA GLN A 136 -29.48 -14.25 -18.47
C GLN A 136 -28.95 -14.66 -17.12
N GLY A 137 -28.05 -13.85 -16.49
CA GLY A 137 -27.59 -14.17 -15.15
C GLY A 137 -28.72 -14.22 -14.14
N TYR A 138 -29.83 -13.46 -14.33
CA TYR A 138 -30.93 -13.56 -13.37
C TYR A 138 -31.62 -14.94 -13.50
N VAL A 139 -31.65 -15.46 -14.71
CA VAL A 139 -32.23 -16.82 -14.91
C VAL A 139 -31.37 -17.85 -14.16
N PHE A 140 -30.03 -17.68 -14.26
CA PHE A 140 -29.12 -18.59 -13.55
C PHE A 140 -29.34 -18.48 -12.05
N GLY A 141 -29.52 -17.22 -11.60
CA GLY A 141 -29.82 -17.00 -10.19
C GLY A 141 -31.02 -17.79 -9.69
N VAL A 142 -32.16 -17.63 -10.43
CA VAL A 142 -33.36 -18.39 -10.09
C VAL A 142 -33.10 -19.88 -10.06
N GLU A 143 -32.44 -20.40 -11.11
CA GLU A 143 -32.14 -21.83 -11.17
C GLU A 143 -31.34 -22.32 -9.98
N ARG A 144 -30.40 -21.51 -9.52
CA ARG A 144 -29.54 -21.84 -8.40
C ARG A 144 -30.33 -21.85 -7.10
N ILE A 145 -31.22 -20.91 -6.92
CA ILE A 145 -32.13 -20.85 -5.79
C ILE A 145 -33.02 -22.12 -5.83
N ALA A 146 -33.50 -22.49 -7.01
CA ALA A 146 -34.34 -23.68 -7.09
C ALA A 146 -33.55 -24.91 -6.63
N ALA A 147 -32.28 -25.00 -7.06
CA ALA A 147 -31.47 -26.16 -6.67
C ALA A 147 -31.16 -26.19 -5.20
N LEU A 148 -30.91 -25.03 -4.60
CA LEU A 148 -30.59 -24.93 -3.20
C LEU A 148 -31.78 -25.13 -2.27
N ALA A 149 -32.93 -24.66 -2.66
CA ALA A 149 -34.17 -24.81 -1.88
C ALA A 149 -34.57 -26.29 -1.95
N GLY A 150 -34.13 -27.01 -2.98
CA GLY A 150 -34.26 -28.40 -3.28
C GLY A 150 -33.33 -29.32 -2.50
N ARG B 2 -30.77 20.13 -23.55
CA ARG B 2 -31.58 21.35 -23.83
C ARG B 2 -30.94 22.71 -23.59
N SER B 3 -31.74 23.74 -23.95
CA SER B 3 -31.22 25.08 -23.73
C SER B 3 -31.69 25.62 -22.38
N LEU B 4 -31.00 26.65 -21.92
CA LEU B 4 -31.41 27.36 -20.71
C LEU B 4 -32.78 28.00 -20.89
N ALA B 5 -33.12 28.45 -22.11
CA ALA B 5 -34.46 29.03 -22.31
C ALA B 5 -35.57 28.00 -22.17
N ASN B 6 -35.28 26.75 -22.53
CA ASN B 6 -36.31 25.72 -22.50
C ASN B 6 -36.47 24.95 -21.23
N ALA B 7 -35.45 24.92 -20.37
CA ALA B 7 -35.60 24.08 -19.15
C ALA B 7 -34.68 24.59 -18.04
N PRO B 8 -35.11 24.45 -16.81
CA PRO B 8 -34.33 24.90 -15.69
C PRO B 8 -33.04 24.10 -15.50
N ILE B 9 -32.10 24.73 -14.81
CA ILE B 9 -30.87 24.11 -14.36
C ILE B 9 -31.21 23.47 -13.00
N MET B 10 -30.88 22.20 -12.82
CA MET B 10 -31.12 21.55 -11.53
C MET B 10 -29.93 21.82 -10.59
N ILE B 11 -30.15 22.33 -9.42
CA ILE B 11 -29.06 22.58 -8.46
C ILE B 11 -29.34 21.72 -7.24
N LEU B 12 -28.49 20.68 -7.07
CA LEU B 12 -28.64 19.72 -6.00
C LEU B 12 -27.59 19.85 -4.91
N ASN B 13 -28.02 19.70 -3.69
CA ASN B 13 -27.23 19.77 -2.49
C ASN B 13 -27.46 18.57 -1.58
N GLY B 14 -26.34 17.98 -1.17
CA GLY B 14 -26.29 16.78 -0.36
C GLY B 14 -26.51 17.04 1.12
N PRO B 15 -26.14 16.03 1.90
CA PRO B 15 -26.45 16.02 3.31
C PRO B 15 -25.78 17.06 4.14
N ASN B 16 -26.49 17.54 5.16
CA ASN B 16 -26.04 18.54 6.13
C ASN B 16 -26.03 19.98 5.61
N LEU B 17 -26.20 20.22 4.34
CA LEU B 17 -26.16 21.56 3.76
C LEU B 17 -27.39 22.38 4.13
N ASN B 18 -28.41 21.78 4.67
CA ASN B 18 -29.58 22.48 5.23
C ASN B 18 -29.11 23.35 6.38
N LEU B 19 -27.99 23.10 7.06
CA LEU B 19 -27.45 23.91 8.12
C LEU B 19 -26.38 24.89 7.68
N LEU B 20 -26.20 25.05 6.36
CA LEU B 20 -25.21 26.00 5.88
C LEU B 20 -25.45 27.41 6.44
N GLY B 21 -24.35 27.97 6.94
CA GLY B 21 -24.45 29.35 7.43
C GLY B 21 -24.68 29.36 8.94
N GLN B 22 -25.06 28.27 9.53
CA GLN B 22 -25.38 28.25 10.96
C GLN B 22 -24.19 27.95 11.85
N ARG B 23 -23.04 27.60 11.29
CA ARG B 23 -21.83 27.28 12.03
C ARG B 23 -20.64 27.12 11.09
N GLN B 24 -19.43 27.07 11.63
CA GLN B 24 -18.23 26.92 10.84
C GLN B 24 -18.09 27.89 9.69
N PRO B 25 -18.25 29.17 9.96
CA PRO B 25 -18.12 30.19 8.93
C PRO B 25 -16.75 30.24 8.31
N GLU B 26 -15.70 29.87 9.05
CA GLU B 26 -14.34 29.87 8.52
C GLU B 26 -14.24 28.83 7.38
N ILE B 27 -14.93 27.71 7.52
CA ILE B 27 -14.96 26.71 6.46
C ILE B 27 -16.06 26.95 5.42
N TYR B 28 -17.29 27.15 5.88
CA TYR B 28 -18.42 27.25 4.97
C TYR B 28 -19.05 28.60 4.70
N GLY B 29 -18.61 29.64 5.38
CA GLY B 29 -19.20 30.96 5.12
C GLY B 29 -20.43 31.18 5.99
N SER B 30 -20.96 32.41 5.92
CA SER B 30 -22.10 32.79 6.73
C SER B 30 -23.38 32.88 5.91
N ASP B 31 -23.34 32.56 4.63
CA ASP B 31 -24.54 32.55 3.81
C ASP B 31 -25.31 31.24 4.01
N THR B 32 -26.62 31.28 3.95
CA THR B 32 -27.44 30.10 4.09
C THR B 32 -27.70 29.49 2.74
N LEU B 33 -28.32 28.31 2.69
CA LEU B 33 -28.73 27.78 1.38
C LEU B 33 -29.73 28.65 0.66
N ALA B 34 -30.63 29.37 1.38
CA ALA B 34 -31.52 30.32 0.76
C ALA B 34 -30.71 31.42 0.04
N ASP B 35 -29.66 31.90 0.68
CA ASP B 35 -28.80 32.92 0.13
C ASP B 35 -28.14 32.41 -1.16
N VAL B 36 -27.68 31.18 -1.14
CA VAL B 36 -27.06 30.53 -2.28
C VAL B 36 -28.05 30.37 -3.42
N GLU B 37 -29.28 29.99 -3.10
CA GLU B 37 -30.30 29.87 -4.14
C GLU B 37 -30.53 31.16 -4.86
N ALA B 38 -30.63 32.27 -4.10
CA ALA B 38 -30.80 33.62 -4.66
C ALA B 38 -29.63 34.01 -5.54
N LEU B 39 -28.39 33.67 -5.22
CA LEU B 39 -27.25 33.91 -6.09
C LEU B 39 -27.43 33.19 -7.43
N CYS B 40 -27.84 31.94 -7.36
CA CYS B 40 -28.04 31.10 -8.54
C CYS B 40 -29.12 31.66 -9.45
N VAL B 41 -30.26 32.01 -8.84
CA VAL B 41 -31.40 32.57 -9.55
C VAL B 41 -30.97 33.76 -10.38
N LYS B 42 -30.19 34.65 -9.77
CA LYS B 42 -29.74 35.83 -10.43
C LYS B 42 -28.76 35.51 -11.55
N ALA B 43 -27.80 34.63 -11.30
CA ALA B 43 -26.88 34.21 -12.34
C ALA B 43 -27.60 33.64 -13.55
N ALA B 44 -28.54 32.72 -13.31
CA ALA B 44 -29.25 32.07 -14.41
C ALA B 44 -30.10 33.09 -15.15
N ALA B 45 -30.72 34.02 -14.45
CA ALA B 45 -31.57 35.00 -15.14
C ALA B 45 -30.78 35.85 -16.11
N ALA B 46 -29.52 36.12 -15.88
CA ALA B 46 -28.73 36.92 -16.80
C ALA B 46 -28.54 36.17 -18.10
N HIS B 47 -28.76 34.87 -18.21
CA HIS B 47 -28.66 34.11 -19.40
C HIS B 47 -30.03 33.70 -19.94
N GLY B 48 -31.08 34.19 -19.31
CA GLY B 48 -32.45 33.94 -19.59
C GLY B 48 -32.90 32.55 -19.14
N GLY B 49 -32.29 32.00 -18.10
CA GLY B 49 -32.69 30.71 -17.58
C GLY B 49 -33.25 30.81 -16.18
N THR B 50 -33.51 29.62 -15.63
CA THR B 50 -34.12 29.46 -14.33
C THR B 50 -33.41 28.28 -13.61
N VAL B 51 -33.70 28.17 -12.32
CA VAL B 51 -33.09 27.15 -11.51
C VAL B 51 -34.13 26.43 -10.70
N ASP B 52 -33.86 25.16 -10.46
CA ASP B 52 -34.67 24.29 -9.63
C ASP B 52 -33.71 23.80 -8.54
N PHE B 53 -33.75 24.50 -7.39
CA PHE B 53 -32.79 24.32 -6.31
C PHE B 53 -33.30 23.42 -5.21
N ARG B 54 -32.58 22.35 -4.87
CA ARG B 54 -33.03 21.38 -3.88
C ARG B 54 -31.93 20.90 -2.93
N GLN B 55 -32.30 20.35 -1.79
CA GLN B 55 -31.38 19.77 -0.83
C GLN B 55 -31.99 18.51 -0.23
N SER B 56 -31.16 17.48 -0.02
CA SER B 56 -31.60 16.27 0.63
C SER B 56 -30.52 15.60 1.46
N ASN B 57 -30.91 14.91 2.53
CA ASN B 57 -29.91 14.12 3.27
C ASN B 57 -29.86 12.68 2.79
N HIS B 58 -30.72 12.32 1.83
CA HIS B 58 -30.90 10.95 1.38
C HIS B 58 -30.30 10.63 0.02
N GLU B 59 -29.37 9.69 0.03
CA GLU B 59 -28.65 9.26 -1.16
C GLU B 59 -29.57 8.83 -2.31
N GLY B 60 -30.62 8.05 -1.97
CA GLY B 60 -31.52 7.60 -3.04
C GLY B 60 -32.41 8.69 -3.57
N GLU B 61 -32.72 9.69 -2.73
CA GLU B 61 -33.56 10.80 -3.25
C GLU B 61 -32.77 11.64 -4.25
N LEU B 62 -31.47 11.79 -3.99
CA LEU B 62 -30.58 12.53 -4.89
C LEU B 62 -30.48 11.77 -6.18
N VAL B 63 -30.43 10.41 -6.11
CA VAL B 63 -30.43 9.63 -7.34
C VAL B 63 -31.74 9.86 -8.11
N ASP B 64 -32.86 9.84 -7.36
CA ASP B 64 -34.14 10.09 -8.06
C ASP B 64 -34.15 11.44 -8.77
N TRP B 65 -33.62 12.47 -8.10
CA TRP B 65 -33.63 13.82 -8.65
C TRP B 65 -32.65 14.01 -9.81
N ILE B 66 -31.60 13.20 -9.86
CA ILE B 66 -30.72 13.14 -11.04
C ILE B 66 -31.48 12.51 -12.20
N HIS B 67 -32.25 11.43 -11.94
CA HIS B 67 -33.03 10.86 -13.04
C HIS B 67 -34.07 11.87 -13.59
N GLU B 68 -34.60 12.67 -12.68
CA GLU B 68 -35.62 13.66 -13.08
C GLU B 68 -34.96 14.69 -13.98
N ALA B 69 -33.78 15.18 -13.58
CA ALA B 69 -33.02 16.17 -14.36
C ALA B 69 -32.67 15.70 -15.75
N ARG B 70 -32.30 14.39 -15.87
CA ARG B 70 -31.97 13.75 -17.12
C ARG B 70 -33.12 13.96 -18.13
N LEU B 71 -34.35 13.94 -17.63
CA LEU B 71 -35.48 14.11 -18.57
C LEU B 71 -35.96 15.55 -18.67
N ASN B 72 -35.86 16.34 -17.62
CA ASN B 72 -36.49 17.66 -17.63
C ASN B 72 -35.68 18.93 -17.55
N HIS B 73 -34.39 18.81 -17.35
CA HIS B 73 -33.53 19.94 -17.07
C HIS B 73 -32.38 20.10 -18.05
N CYS B 74 -31.82 21.29 -18.10
CA CYS B 74 -30.76 21.57 -19.04
C CYS B 74 -29.34 21.28 -18.53
N GLY B 75 -29.22 20.98 -17.25
CA GLY B 75 -27.90 20.74 -16.65
C GLY B 75 -28.06 20.48 -15.16
N ILE B 76 -26.97 20.06 -14.51
CA ILE B 76 -26.95 19.81 -13.09
C ILE B 76 -25.70 20.49 -12.52
N VAL B 77 -25.89 21.25 -11.49
CA VAL B 77 -24.88 21.81 -10.58
C VAL B 77 -25.11 21.04 -9.29
N ILE B 78 -24.09 20.31 -8.79
CA ILE B 78 -24.27 19.47 -7.63
C ILE B 78 -23.14 19.63 -6.64
N ASN B 79 -23.49 19.91 -5.42
CA ASN B 79 -22.65 19.83 -4.24
C ASN B 79 -23.14 18.58 -3.50
N PRO B 80 -22.49 17.43 -3.67
CA PRO B 80 -22.91 16.15 -3.10
C PRO B 80 -22.64 16.01 -1.63
N ALA B 81 -21.88 16.93 -1.08
CA ALA B 81 -21.45 16.96 0.33
C ALA B 81 -20.85 15.64 0.71
N ALA B 82 -21.19 15.05 1.87
CA ALA B 82 -20.46 13.82 2.23
C ALA B 82 -20.59 12.72 1.20
N TYR B 83 -21.71 12.63 0.45
CA TYR B 83 -21.88 11.60 -0.56
C TYR B 83 -20.89 11.68 -1.71
N SER B 84 -20.20 12.80 -1.90
CA SER B 84 -19.14 12.96 -2.84
C SER B 84 -18.14 11.80 -2.65
N HIS B 85 -17.83 11.52 -1.35
CA HIS B 85 -16.75 10.65 -1.00
C HIS B 85 -17.15 9.17 -0.88
N THR B 86 -18.47 8.91 -0.78
CA THR B 86 -18.95 7.56 -0.56
C THR B 86 -19.89 6.98 -1.60
N SER B 87 -20.52 7.88 -2.38
CA SER B 87 -21.59 7.35 -3.24
C SER B 87 -21.30 7.03 -4.70
N VAL B 88 -21.07 5.72 -4.86
CA VAL B 88 -21.02 5.15 -6.22
C VAL B 88 -22.40 5.28 -6.85
N ALA B 89 -23.45 5.10 -6.02
CA ALA B 89 -24.82 5.24 -6.61
C ALA B 89 -25.09 6.58 -7.29
N ILE B 90 -24.67 7.70 -6.72
CA ILE B 90 -24.82 9.03 -7.33
C ILE B 90 -23.98 9.17 -8.61
N LEU B 91 -22.74 8.66 -8.53
CA LEU B 91 -21.91 8.64 -9.75
C LEU B 91 -22.65 7.90 -10.88
N ASP B 92 -23.22 6.73 -10.57
CA ASP B 92 -23.91 5.96 -11.58
C ASP B 92 -25.22 6.63 -12.04
N ALA B 93 -25.83 7.44 -11.15
CA ALA B 93 -26.99 8.22 -11.61
C ALA B 93 -26.59 9.28 -12.60
N LEU B 94 -25.48 9.96 -12.36
CA LEU B 94 -24.93 11.00 -13.22
C LEU B 94 -24.51 10.37 -14.57
N ASN B 95 -23.97 9.17 -14.52
CA ASN B 95 -23.55 8.48 -15.73
C ASN B 95 -24.78 8.22 -16.62
N THR B 96 -25.99 8.14 -16.11
CA THR B 96 -27.16 7.98 -16.98
C THR B 96 -27.54 9.24 -17.76
N CYS B 97 -27.01 10.41 -17.47
CA CYS B 97 -27.28 11.70 -18.02
C CYS B 97 -26.43 11.99 -19.26
N ASP B 98 -26.49 11.05 -20.20
CA ASP B 98 -25.70 11.14 -21.42
C ASP B 98 -25.85 12.49 -22.08
N GLY B 99 -24.75 13.18 -22.29
CA GLY B 99 -24.78 14.48 -22.92
C GLY B 99 -25.22 15.65 -22.08
N LEU B 100 -25.65 15.47 -20.86
CA LEU B 100 -26.11 16.58 -20.01
C LEU B 100 -24.93 17.20 -19.27
N PRO B 101 -24.74 18.52 -19.35
CA PRO B 101 -23.66 19.17 -18.63
C PRO B 101 -23.86 19.01 -17.13
N VAL B 102 -22.75 18.72 -16.43
CA VAL B 102 -22.75 18.51 -15.00
C VAL B 102 -21.55 19.22 -14.39
N VAL B 103 -21.77 20.05 -13.35
CA VAL B 103 -20.66 20.72 -12.67
C VAL B 103 -20.75 20.38 -11.18
N GLU B 104 -19.67 19.90 -10.57
CA GLU B 104 -19.58 19.56 -9.18
C GLU B 104 -18.98 20.77 -8.44
N VAL B 105 -19.57 21.12 -7.33
CA VAL B 105 -19.15 22.26 -6.53
C VAL B 105 -18.94 21.85 -5.07
N HIS B 106 -17.77 22.20 -4.53
CA HIS B 106 -17.48 22.15 -3.12
C HIS B 106 -17.19 23.56 -2.59
N ILE B 107 -17.89 23.95 -1.49
CA ILE B 107 -17.70 25.33 -0.96
C ILE B 107 -16.27 25.46 -0.41
N SER B 108 -15.88 24.39 0.33
CA SER B 108 -14.57 24.29 0.94
C SER B 108 -13.54 23.67 -0.02
N ASN B 109 -12.25 23.89 0.32
CA ASN B 109 -11.20 23.30 -0.52
C ASN B 109 -10.91 21.94 0.12
N ILE B 110 -11.60 20.91 -0.44
CA ILE B 110 -11.49 19.55 0.04
C ILE B 110 -10.05 19.03 0.06
N HIS B 111 -9.22 19.54 -0.85
CA HIS B 111 -7.81 19.12 -0.91
C HIS B 111 -6.99 19.52 0.28
N GLN B 112 -7.37 20.46 1.09
CA GLN B 112 -6.69 20.89 2.29
C GLN B 112 -7.23 20.23 3.53
N ARG B 113 -8.28 19.43 3.39
CA ARG B 113 -8.91 18.81 4.56
C ARG B 113 -8.54 17.37 4.79
N GLU B 114 -9.33 16.62 5.54
CA GLU B 114 -8.99 15.22 5.83
C GLU B 114 -8.78 14.39 4.58
N PRO B 115 -7.87 13.45 4.55
CA PRO B 115 -7.62 12.59 3.42
C PRO B 115 -8.88 11.87 2.94
N PHE B 116 -9.87 11.50 3.79
CA PHE B 116 -11.07 10.89 3.23
C PHE B 116 -11.88 11.86 2.36
N ARG B 117 -11.69 13.17 2.43
CA ARG B 117 -12.35 14.15 1.56
C ARG B 117 -11.62 14.40 0.23
N HIS B 118 -10.41 13.82 0.05
CA HIS B 118 -9.69 14.13 -1.17
C HIS B 118 -10.20 13.47 -2.43
N HIS B 119 -10.88 12.36 -2.33
CA HIS B 119 -11.43 11.67 -3.45
C HIS B 119 -12.95 11.85 -3.54
N SER B 120 -13.39 12.18 -4.71
CA SER B 120 -14.83 12.30 -5.01
C SER B 120 -15.22 11.40 -6.16
N TYR B 121 -16.18 10.46 -5.92
CA TYR B 121 -16.68 9.66 -7.03
C TYR B 121 -17.31 10.53 -8.11
N VAL B 122 -17.98 11.62 -7.74
CA VAL B 122 -18.66 12.51 -8.66
C VAL B 122 -17.74 13.13 -9.68
N SER B 123 -16.48 13.34 -9.29
CA SER B 123 -15.54 14.00 -10.20
C SER B 123 -15.21 13.20 -11.45
N GLN B 124 -15.36 11.87 -11.39
CA GLN B 124 -15.18 11.01 -12.54
C GLN B 124 -16.21 11.24 -13.66
N ARG B 125 -17.35 11.81 -13.40
CA ARG B 125 -18.36 12.11 -14.39
C ARG B 125 -18.58 13.62 -14.53
N ALA B 126 -18.47 14.40 -13.49
CA ALA B 126 -18.70 15.85 -13.66
C ALA B 126 -17.80 16.42 -14.78
N ASP B 127 -18.38 17.26 -15.61
CA ASP B 127 -17.61 17.90 -16.66
C ASP B 127 -16.59 18.80 -15.99
N GLY B 128 -17.01 19.64 -15.07
CA GLY B 128 -16.15 20.58 -14.37
C GLY B 128 -16.33 20.44 -12.86
N VAL B 129 -15.24 20.67 -12.12
CA VAL B 129 -15.25 20.58 -10.65
C VAL B 129 -14.64 21.85 -10.08
N VAL B 130 -15.40 22.53 -9.20
CA VAL B 130 -14.99 23.77 -8.56
C VAL B 130 -14.94 23.53 -7.05
N ALA B 131 -13.82 23.82 -6.42
CA ALA B 131 -13.63 23.61 -5.00
C ALA B 131 -12.96 24.78 -4.28
N GLY B 132 -13.44 25.11 -3.08
CA GLY B 132 -12.74 26.17 -2.35
C GLY B 132 -12.99 27.59 -2.86
N CYS B 133 -14.00 27.76 -3.70
CA CYS B 133 -14.35 29.12 -4.16
C CYS B 133 -15.54 29.67 -3.38
N GLY B 134 -15.84 29.03 -2.26
CA GLY B 134 -16.93 29.56 -1.40
C GLY B 134 -18.26 29.24 -2.08
N VAL B 135 -19.31 29.99 -1.67
CA VAL B 135 -20.60 29.86 -2.32
C VAL B 135 -20.59 30.48 -3.70
N GLN B 136 -19.56 31.27 -4.06
CA GLN B 136 -19.39 31.82 -5.38
C GLN B 136 -19.18 30.67 -6.39
N GLY B 137 -18.65 29.52 -5.97
CA GLY B 137 -18.52 28.32 -6.75
C GLY B 137 -19.83 27.88 -7.42
N TYR B 138 -20.98 28.08 -6.74
CA TYR B 138 -22.27 27.75 -7.34
C TYR B 138 -22.55 28.60 -8.58
N VAL B 139 -22.23 29.89 -8.48
CA VAL B 139 -22.38 30.83 -9.59
C VAL B 139 -21.50 30.41 -10.76
N PHE B 140 -20.27 29.99 -10.48
CA PHE B 140 -19.41 29.47 -11.58
C PHE B 140 -20.08 28.28 -12.21
N GLY B 141 -20.68 27.37 -11.39
CA GLY B 141 -21.39 26.24 -11.93
C GLY B 141 -22.49 26.67 -12.88
N VAL B 142 -23.32 27.64 -12.46
CA VAL B 142 -24.38 28.12 -13.35
C VAL B 142 -23.78 28.68 -14.65
N GLU B 143 -22.72 29.48 -14.57
CA GLU B 143 -22.10 30.06 -15.77
C GLU B 143 -21.49 29.01 -16.71
N ARG B 144 -20.93 27.98 -16.13
CA ARG B 144 -20.39 26.86 -16.93
C ARG B 144 -21.50 26.12 -17.67
N ILE B 145 -22.62 25.83 -16.97
CA ILE B 145 -23.74 25.14 -17.57
C ILE B 145 -24.30 25.98 -18.72
N ALA B 146 -24.38 27.30 -18.46
CA ALA B 146 -24.88 28.24 -19.49
C ALA B 146 -23.98 28.16 -20.71
N ALA B 147 -22.67 28.06 -20.53
CA ALA B 147 -21.75 27.95 -21.66
C ALA B 147 -21.82 26.61 -22.38
N LEU B 148 -22.11 25.52 -21.66
CA LEU B 148 -22.13 24.20 -22.23
C LEU B 148 -23.48 23.90 -22.90
N ALA B 149 -24.53 24.49 -22.36
CA ALA B 149 -25.85 24.30 -22.96
C ALA B 149 -25.89 25.13 -24.22
N GLY B 150 -25.29 26.33 -24.18
CA GLY B 150 -25.23 27.18 -25.37
C GLY B 150 -24.17 26.65 -26.35
N ARG C 2 -27.67 21.53 26.96
CA ARG C 2 -28.83 21.13 27.84
C ARG C 2 -28.38 20.14 28.91
N SER C 3 -28.96 20.11 30.11
CA SER C 3 -28.67 19.18 31.19
C SER C 3 -29.57 17.97 31.07
N LEU C 4 -29.31 16.89 31.84
CA LEU C 4 -30.18 15.74 31.85
C LEU C 4 -31.58 16.07 32.34
N ALA C 5 -31.68 16.98 33.30
CA ALA C 5 -33.00 17.36 33.81
C ALA C 5 -33.86 18.07 32.79
N ASN C 6 -33.26 18.84 31.90
CA ASN C 6 -33.99 19.63 30.94
C ASN C 6 -34.25 19.01 29.58
N ALA C 7 -33.48 17.97 29.24
CA ALA C 7 -33.77 17.39 27.91
C ALA C 7 -33.36 15.94 27.86
N PRO C 8 -34.05 15.15 27.08
CA PRO C 8 -33.66 13.74 26.93
C PRO C 8 -32.32 13.46 26.23
N ILE C 9 -31.72 12.36 26.59
CA ILE C 9 -30.56 11.79 25.89
C ILE C 9 -31.11 11.13 24.61
N MET C 10 -30.58 11.43 23.44
CA MET C 10 -30.99 10.75 22.19
C MET C 10 -30.17 9.47 22.01
N ILE C 11 -30.82 8.30 21.95
CA ILE C 11 -30.16 7.02 21.79
C ILE C 11 -30.48 6.48 20.41
N LEU C 12 -29.48 6.46 19.49
CA LEU C 12 -29.72 6.11 18.13
C LEU C 12 -29.09 4.80 17.70
N ASN C 13 -29.82 3.99 16.94
CA ASN C 13 -29.38 2.69 16.49
C ASN C 13 -29.53 2.59 14.99
N GLY C 14 -28.49 2.15 14.32
CA GLY C 14 -28.37 1.95 12.89
C GLY C 14 -28.99 0.69 12.35
N PRO C 15 -28.61 0.33 11.11
CA PRO C 15 -29.29 -0.75 10.39
C PRO C 15 -29.14 -2.08 10.99
N ASN C 16 -30.17 -2.93 10.86
CA ASN C 16 -30.27 -4.30 11.27
C ASN C 16 -30.39 -4.50 12.76
N LEU C 17 -30.23 -3.49 13.59
CA LEU C 17 -30.40 -3.65 15.04
C LEU C 17 -31.85 -3.87 15.44
N ASN C 18 -32.80 -3.66 14.57
CA ASN C 18 -34.21 -4.07 14.77
C ASN C 18 -34.27 -5.56 15.05
N LEU C 19 -33.35 -6.38 14.53
CA LEU C 19 -33.31 -7.80 14.76
C LEU C 19 -32.46 -8.29 15.91
N LEU C 20 -32.00 -7.40 16.77
CA LEU C 20 -31.10 -7.74 17.86
C LEU C 20 -31.78 -8.74 18.78
N GLY C 21 -31.06 -9.78 19.13
CA GLY C 21 -31.61 -10.78 20.06
C GLY C 21 -32.26 -11.92 19.29
N GLN C 22 -32.50 -11.79 18.01
CA GLN C 22 -33.17 -12.86 17.26
C GLN C 22 -32.21 -13.84 16.63
N ARG C 23 -30.91 -13.64 16.73
CA ARG C 23 -29.91 -14.52 16.14
C ARG C 23 -28.52 -14.07 16.58
N GLN C 24 -27.51 -14.90 16.35
CA GLN C 24 -26.14 -14.60 16.68
C GLN C 24 -25.94 -14.12 18.11
N PRO C 25 -26.41 -14.87 19.08
CA PRO C 25 -26.26 -14.51 20.47
C PRO C 25 -24.81 -14.51 20.92
N GLU C 26 -23.96 -15.32 20.30
CA GLU C 26 -22.54 -15.36 20.65
C GLU C 26 -21.89 -14.00 20.33
N ILE C 27 -22.32 -13.38 19.24
CA ILE C 27 -21.80 -12.05 18.92
C ILE C 27 -22.62 -10.94 19.57
N TYR C 28 -23.95 -10.94 19.36
CA TYR C 28 -24.79 -9.86 19.87
C TYR C 28 -25.61 -10.07 21.10
N GLY C 29 -25.63 -11.25 21.68
CA GLY C 29 -26.42 -11.48 22.86
C GLY C 29 -27.87 -11.87 22.55
N SER C 30 -28.63 -12.07 23.62
CA SER C 30 -30.01 -12.50 23.54
C SER C 30 -31.02 -11.45 23.95
N ASP C 31 -30.57 -10.25 24.31
CA ASP C 31 -31.47 -9.18 24.63
C ASP C 31 -31.96 -8.55 23.33
N THR C 32 -33.17 -8.08 23.29
CA THR C 32 -33.77 -7.43 22.16
C THR C 32 -33.47 -5.95 22.24
N LEU C 33 -33.82 -5.22 21.17
CA LEU C 33 -33.66 -3.78 21.23
C LEU C 33 -34.55 -3.14 22.29
N ALA C 34 -35.74 -3.68 22.53
CA ALA C 34 -36.62 -3.22 23.63
C ALA C 34 -35.96 -3.45 24.97
N ASP C 35 -35.26 -4.56 25.16
CA ASP C 35 -34.52 -4.83 26.39
C ASP C 35 -33.44 -3.75 26.57
N VAL C 36 -32.73 -3.37 25.51
CA VAL C 36 -31.71 -2.33 25.56
C VAL C 36 -32.33 -1.00 25.91
N GLU C 37 -33.49 -0.70 25.31
CA GLU C 37 -34.17 0.55 25.69
C GLU C 37 -34.46 0.61 27.17
N ALA C 38 -35.01 -0.47 27.73
CA ALA C 38 -35.28 -0.47 29.19
C ALA C 38 -34.05 -0.28 30.02
N LEU C 39 -32.89 -0.84 29.68
CA LEU C 39 -31.66 -0.65 30.37
C LEU C 39 -31.33 0.84 30.36
N CYS C 40 -31.48 1.50 29.20
CA CYS C 40 -31.13 2.91 29.08
C CYS C 40 -32.02 3.83 29.91
N VAL C 41 -33.32 3.59 29.89
CA VAL C 41 -34.33 4.25 30.69
C VAL C 41 -33.96 4.18 32.15
N LYS C 42 -33.57 3.02 32.65
CA LYS C 42 -33.23 2.88 34.07
C LYS C 42 -31.97 3.61 34.44
N ALA C 43 -30.95 3.51 33.55
CA ALA C 43 -29.69 4.18 33.82
C ALA C 43 -29.88 5.67 33.82
N ALA C 44 -30.65 6.20 32.84
CA ALA C 44 -30.87 7.62 32.82
C ALA C 44 -31.71 8.09 34.01
N ALA C 45 -32.67 7.30 34.39
CA ALA C 45 -33.52 7.71 35.57
C ALA C 45 -32.69 7.88 36.81
N ALA C 46 -31.65 7.04 36.99
CA ALA C 46 -30.78 7.16 38.14
C ALA C 46 -30.09 8.51 38.18
N HIS C 47 -29.91 9.23 37.10
CA HIS C 47 -29.38 10.57 37.06
C HIS C 47 -30.45 11.63 36.88
N GLY C 48 -31.71 11.26 37.00
CA GLY C 48 -32.82 12.19 36.85
C GLY C 48 -33.10 12.55 35.39
N GLY C 49 -32.56 11.79 34.45
CA GLY C 49 -32.89 12.12 33.04
C GLY C 49 -33.77 11.09 32.40
N THR C 50 -33.96 11.29 31.10
CA THR C 50 -34.81 10.50 30.25
C THR C 50 -34.12 10.20 28.92
N VAL C 51 -34.68 9.23 28.20
CA VAL C 51 -34.10 8.84 26.91
C VAL C 51 -35.12 8.89 25.80
N ASP C 52 -34.63 9.16 24.60
CA ASP C 52 -35.41 9.17 23.36
C ASP C 52 -34.72 8.13 22.50
N PHE C 53 -35.19 6.91 22.50
CA PHE C 53 -34.57 5.74 21.89
C PHE C 53 -35.12 5.40 20.52
N ARG C 54 -34.26 5.33 19.47
CA ARG C 54 -34.74 5.16 18.13
C ARG C 54 -33.85 4.23 17.29
N GLN C 55 -34.45 3.68 16.24
CA GLN C 55 -33.66 2.81 15.36
C GLN C 55 -34.10 3.06 13.93
N SER C 56 -33.16 3.05 12.98
CA SER C 56 -33.44 3.17 11.58
C SER C 56 -32.46 2.40 10.71
N ASN C 57 -32.94 1.93 9.55
CA ASN C 57 -32.06 1.35 8.56
C ASN C 57 -31.59 2.36 7.52
N HIS C 58 -32.02 3.59 7.60
CA HIS C 58 -31.79 4.67 6.66
C HIS C 58 -30.76 5.69 7.09
N GLU C 59 -29.69 5.85 6.28
CA GLU C 59 -28.60 6.78 6.59
C GLU C 59 -29.07 8.21 6.76
N GLY C 60 -29.89 8.75 5.81
CA GLY C 60 -30.42 10.08 5.85
C GLY C 60 -31.37 10.36 7.02
N GLU C 61 -32.11 9.35 7.44
CA GLU C 61 -33.00 9.47 8.60
C GLU C 61 -32.16 9.66 9.89
N LEU C 62 -31.09 8.88 10.04
CA LEU C 62 -30.16 9.05 11.13
C LEU C 62 -29.57 10.45 11.11
N VAL C 63 -29.24 10.99 9.95
CA VAL C 63 -28.76 12.35 9.78
C VAL C 63 -29.79 13.33 10.30
N ASP C 64 -31.07 13.13 9.90
CA ASP C 64 -32.16 14.02 10.35
C ASP C 64 -32.28 13.97 11.88
N TRP C 65 -32.20 12.79 12.46
CA TRP C 65 -32.33 12.59 13.90
C TRP C 65 -31.19 13.26 14.68
N ILE C 66 -29.97 13.24 14.17
CA ILE C 66 -28.85 13.92 14.75
C ILE C 66 -29.07 15.43 14.69
N HIS C 67 -29.61 15.96 13.56
CA HIS C 67 -29.95 17.38 13.54
C HIS C 67 -31.00 17.77 14.58
N GLU C 68 -31.96 16.87 14.81
CA GLU C 68 -32.97 17.09 15.86
C GLU C 68 -32.32 17.10 17.24
N ALA C 69 -31.42 16.19 17.56
CA ALA C 69 -30.72 16.06 18.81
C ALA C 69 -29.86 17.31 19.10
N ARG C 70 -29.27 17.86 18.04
CA ARG C 70 -28.47 19.07 18.06
C ARG C 70 -29.25 20.20 18.73
N LEU C 71 -30.51 20.36 18.40
CA LEU C 71 -31.35 21.36 19.00
C LEU C 71 -32.12 20.95 20.26
N ASN C 72 -32.48 19.72 20.53
CA ASN C 72 -33.45 19.37 21.55
C ASN C 72 -33.05 18.41 22.63
N HIS C 73 -31.87 17.80 22.56
CA HIS C 73 -31.37 16.78 23.40
C HIS C 73 -30.09 17.17 24.11
N CYS C 74 -29.76 16.47 25.21
CA CYS C 74 -28.61 16.79 26.00
C CYS C 74 -27.39 15.98 25.59
N GLY C 75 -27.54 15.01 24.69
CA GLY C 75 -26.40 14.23 24.26
C GLY C 75 -26.91 13.11 23.35
N ILE C 76 -25.97 12.38 22.71
CA ILE C 76 -26.28 11.33 21.78
C ILE C 76 -25.47 10.11 22.16
N VAL C 77 -26.08 8.97 22.29
CA VAL C 77 -25.47 7.67 22.46
C VAL C 77 -25.83 7.00 21.09
N ILE C 78 -24.82 6.69 20.33
CA ILE C 78 -25.11 6.12 18.98
C ILE C 78 -24.42 4.82 18.76
N ASN C 79 -25.13 3.79 18.28
CA ASN C 79 -24.62 2.56 17.73
C ASN C 79 -24.91 2.62 16.25
N PRO C 80 -23.96 3.07 15.43
CA PRO C 80 -24.21 3.32 14.02
C PRO C 80 -24.35 2.08 13.19
N ALA C 81 -24.03 0.93 13.76
CA ALA C 81 -24.04 -0.36 13.12
C ALA C 81 -23.24 -0.26 11.81
N ALA C 82 -23.73 -0.78 10.72
CA ALA C 82 -22.93 -0.88 9.48
C ALA C 82 -22.48 0.50 9.01
N TYR C 83 -23.28 1.55 9.24
CA TYR C 83 -22.97 2.92 8.88
C TYR C 83 -21.75 3.43 9.60
N SER C 84 -21.31 2.80 10.69
CA SER C 84 -20.06 3.21 11.36
C SER C 84 -18.93 3.22 10.30
N HIS C 85 -18.90 2.17 9.48
CA HIS C 85 -17.81 1.90 8.59
C HIS C 85 -17.88 2.60 7.26
N THR C 86 -19.06 3.11 6.87
CA THR C 86 -19.28 3.68 5.55
C THR C 86 -19.75 5.13 5.54
N SER C 87 -20.37 5.68 6.60
CA SER C 87 -21.02 6.95 6.57
C SER C 87 -20.30 8.21 6.99
N VAL C 88 -19.68 8.85 5.95
CA VAL C 88 -19.16 10.21 6.14
C VAL C 88 -20.33 11.12 6.45
N ALA C 89 -21.52 10.87 5.88
CA ALA C 89 -22.64 11.77 6.15
C ALA C 89 -23.03 11.80 7.63
N ILE C 90 -23.00 10.70 8.32
CA ILE C 90 -23.37 10.64 9.77
C ILE C 90 -22.24 11.33 10.57
N LEU C 91 -20.97 11.11 10.22
CA LEU C 91 -19.87 11.84 10.87
C LEU C 91 -20.15 13.33 10.75
N ASP C 92 -20.44 13.81 9.52
CA ASP C 92 -20.64 15.23 9.27
C ASP C 92 -21.87 15.77 10.05
N ALA C 93 -22.89 14.92 10.18
CA ALA C 93 -24.03 15.34 10.97
C ALA C 93 -23.62 15.48 12.44
N LEU C 94 -22.84 14.58 12.98
CA LEU C 94 -22.36 14.64 14.37
C LEU C 94 -21.42 15.82 14.58
N ASN C 95 -20.69 16.26 13.54
CA ASN C 95 -19.82 17.40 13.63
C ASN C 95 -20.62 18.70 13.71
N THR C 96 -21.90 18.71 13.32
CA THR C 96 -22.70 19.90 13.50
C THR C 96 -23.19 20.04 14.93
N CYS C 97 -23.06 19.05 15.78
CA CYS C 97 -23.48 19.13 17.18
C CYS C 97 -22.39 19.69 18.09
N ASP C 98 -21.97 20.94 17.78
CA ASP C 98 -20.90 21.61 18.51
C ASP C 98 -21.14 21.62 20.00
N GLY C 99 -20.21 21.12 20.80
CA GLY C 99 -20.36 21.06 22.23
C GLY C 99 -21.25 19.96 22.80
N LEU C 100 -21.96 19.21 21.98
CA LEU C 100 -22.83 18.15 22.53
C LEU C 100 -22.09 16.88 22.79
N PRO C 101 -22.21 16.29 23.97
CA PRO C 101 -21.60 15.01 24.29
C PRO C 101 -22.12 13.90 23.37
N VAL C 102 -21.16 13.20 22.76
CA VAL C 102 -21.45 12.05 21.90
C VAL C 102 -20.66 10.83 22.33
N VAL C 103 -21.33 9.68 22.51
CA VAL C 103 -20.71 8.42 22.82
C VAL C 103 -21.14 7.33 21.85
N GLU C 104 -20.18 6.71 21.16
CA GLU C 104 -20.37 5.67 20.20
C GLU C 104 -20.28 4.32 20.90
N VAL C 105 -21.19 3.42 20.61
CA VAL C 105 -21.28 2.09 21.22
C VAL C 105 -21.31 1.01 20.16
N HIS C 106 -20.51 -0.01 20.30
CA HIS C 106 -20.59 -1.25 19.50
C HIS C 106 -20.79 -2.38 20.52
N ILE C 107 -21.79 -3.21 20.39
CA ILE C 107 -22.05 -4.35 21.25
C ILE C 107 -20.93 -5.36 21.10
N SER C 108 -20.50 -5.64 19.87
CA SER C 108 -19.42 -6.55 19.57
C SER C 108 -18.09 -5.83 19.60
N ASN C 109 -17.00 -6.59 19.68
CA ASN C 109 -15.66 -6.02 19.67
C ASN C 109 -15.25 -6.05 18.20
N ILE C 110 -15.56 -4.92 17.57
CA ILE C 110 -15.28 -4.76 16.14
C ILE C 110 -13.83 -5.05 15.78
N HIS C 111 -12.88 -4.80 16.72
CA HIS C 111 -11.46 -5.05 16.49
C HIS C 111 -11.08 -6.50 16.34
N GLN C 112 -11.91 -7.42 16.74
CA GLN C 112 -11.67 -8.86 16.58
C GLN C 112 -12.33 -9.38 15.33
N ARG C 113 -13.08 -8.50 14.62
CA ARG C 113 -13.86 -8.98 13.47
C ARG C 113 -13.23 -8.69 12.12
N GLU C 114 -14.01 -8.66 11.05
CA GLU C 114 -13.40 -8.49 9.72
C GLU C 114 -12.71 -7.13 9.66
N PRO C 115 -11.66 -7.01 8.91
CA PRO C 115 -10.93 -5.76 8.74
C PRO C 115 -11.79 -4.57 8.31
N PHE C 116 -12.88 -4.72 7.56
CA PHE C 116 -13.71 -3.61 7.17
C PHE C 116 -14.47 -3.05 8.37
N ARG C 117 -14.53 -3.81 9.48
CA ARG C 117 -15.17 -3.29 10.68
C ARG C 117 -14.20 -2.56 11.58
N HIS C 118 -12.90 -2.57 11.30
CA HIS C 118 -11.92 -1.95 12.16
C HIS C 118 -11.99 -0.44 12.25
N HIS C 119 -12.33 0.24 11.18
CA HIS C 119 -12.41 1.67 11.08
C HIS C 119 -13.87 2.12 11.21
N SER C 120 -14.01 3.18 11.96
CA SER C 120 -15.30 3.84 12.15
C SER C 120 -15.13 5.33 11.90
N TYR C 121 -15.94 5.90 11.01
CA TYR C 121 -15.94 7.32 10.75
C TYR C 121 -16.52 8.06 11.95
N VAL C 122 -17.41 7.42 12.67
CA VAL C 122 -18.00 8.05 13.87
C VAL C 122 -16.97 8.31 14.95
N SER C 123 -15.96 7.45 15.08
CA SER C 123 -14.97 7.59 16.15
C SER C 123 -14.14 8.84 16.07
N GLN C 124 -14.12 9.46 14.91
CA GLN C 124 -13.38 10.71 14.70
C GLN C 124 -14.08 11.83 15.47
N ARG C 125 -15.40 11.82 15.69
CA ARG C 125 -16.14 12.80 16.39
C ARG C 125 -16.62 12.37 17.78
N ALA C 126 -16.96 11.12 17.98
CA ALA C 126 -17.51 10.72 19.28
C ALA C 126 -16.54 11.10 20.38
N ASP C 127 -17.06 11.61 21.51
CA ASP C 127 -16.13 11.86 22.63
C ASP C 127 -15.50 10.55 23.10
N GLY C 128 -16.25 9.55 23.41
CA GLY C 128 -15.94 8.24 23.85
C GLY C 128 -16.48 7.16 22.93
N VAL C 129 -15.80 6.04 22.91
CA VAL C 129 -16.12 4.88 22.11
C VAL C 129 -16.06 3.63 22.98
N VAL C 130 -17.20 2.92 23.04
CA VAL C 130 -17.25 1.68 23.81
C VAL C 130 -17.49 0.51 22.88
N ALA C 131 -16.61 -0.47 22.87
CA ALA C 131 -16.82 -1.65 22.04
C ALA C 131 -16.66 -2.95 22.76
N GLY C 132 -17.46 -3.96 22.41
CA GLY C 132 -17.34 -5.30 22.96
C GLY C 132 -17.74 -5.48 24.41
N CYS C 133 -18.46 -4.54 24.97
CA CYS C 133 -18.98 -4.65 26.34
C CYS C 133 -20.46 -5.05 26.37
N GLY C 134 -20.89 -5.66 25.32
CA GLY C 134 -22.25 -6.10 25.11
C GLY C 134 -23.26 -4.98 25.15
N VAL C 135 -24.53 -5.33 25.45
CA VAL C 135 -25.54 -4.31 25.61
C VAL C 135 -25.29 -3.46 26.86
N GLN C 136 -24.44 -3.92 27.82
CA GLN C 136 -23.97 -3.07 28.90
C GLN C 136 -23.25 -1.80 28.44
N GLY C 137 -22.66 -1.81 27.21
CA GLY C 137 -22.01 -0.62 26.68
C GLY C 137 -22.98 0.56 26.50
N TYR C 138 -24.29 0.33 26.30
CA TYR C 138 -25.23 1.41 26.21
C TYR C 138 -25.41 2.06 27.58
N VAL C 139 -25.31 1.28 28.65
CA VAL C 139 -25.43 1.90 29.99
C VAL C 139 -24.20 2.72 30.30
N PHE C 140 -23.01 2.27 29.93
CA PHE C 140 -21.78 3.09 29.99
C PHE C 140 -21.97 4.36 29.18
N GLY C 141 -22.57 4.28 27.96
CA GLY C 141 -22.82 5.47 27.18
C GLY C 141 -23.65 6.53 27.92
N VAL C 142 -24.77 6.09 28.47
CA VAL C 142 -25.65 6.93 29.29
C VAL C 142 -24.86 7.49 30.47
N GLU C 143 -24.11 6.66 31.18
CA GLU C 143 -23.28 7.19 32.28
C GLU C 143 -22.30 8.26 31.92
N ARG C 144 -21.61 8.10 30.76
CA ARG C 144 -20.70 9.09 30.26
C ARG C 144 -21.41 10.38 29.87
N ILE C 145 -22.53 10.34 29.20
CA ILE C 145 -23.31 11.46 28.83
C ILE C 145 -23.66 12.19 30.13
N ALA C 146 -24.08 11.46 31.17
CA ALA C 146 -24.47 12.11 32.44
C ALA C 146 -23.29 12.88 33.04
N ALA C 147 -22.09 12.29 32.99
CA ALA C 147 -20.90 12.94 33.47
C ALA C 147 -20.52 14.17 32.68
N LEU C 148 -20.62 14.14 31.37
CA LEU C 148 -20.25 15.24 30.50
C LEU C 148 -21.27 16.37 30.51
N ALA C 149 -22.54 16.02 30.67
CA ALA C 149 -23.60 17.06 30.70
C ALA C 149 -23.51 17.74 32.06
N GLY C 150 -23.04 16.99 33.05
CA GLY C 150 -22.81 17.57 34.38
C GLY C 150 -21.75 18.68 34.25
N ARG D 2 -18.25 -19.80 -35.04
CA ARG D 2 -18.90 -21.15 -35.04
C ARG D 2 -20.17 -21.33 -34.20
N SER D 3 -21.16 -22.04 -34.79
CA SER D 3 -22.40 -22.34 -34.07
C SER D 3 -22.25 -23.59 -33.24
N LEU D 4 -23.12 -23.85 -32.28
CA LEU D 4 -23.10 -25.11 -31.52
C LEU D 4 -23.35 -26.29 -32.44
N ALA D 5 -24.15 -26.10 -33.50
CA ALA D 5 -24.38 -27.26 -34.39
C ALA D 5 -23.12 -27.63 -35.14
N ASN D 6 -22.24 -26.68 -35.44
CA ASN D 6 -21.09 -26.96 -36.27
C ASN D 6 -19.82 -27.30 -35.52
N ALA D 7 -19.82 -27.08 -34.20
CA ALA D 7 -18.55 -27.35 -33.49
C ALA D 7 -18.80 -27.51 -32.01
N PRO D 8 -18.00 -28.33 -31.38
CA PRO D 8 -18.16 -28.52 -29.96
C PRO D 8 -17.73 -27.28 -29.15
N ILE D 9 -18.30 -27.25 -27.96
CA ILE D 9 -17.93 -26.35 -26.90
C ILE D 9 -16.72 -26.96 -26.18
N MET D 10 -15.59 -26.20 -26.05
CA MET D 10 -14.46 -26.72 -25.27
C MET D 10 -14.65 -26.47 -23.77
N ILE D 11 -14.59 -27.42 -22.91
CA ILE D 11 -14.72 -27.31 -21.46
C ILE D 11 -13.37 -27.63 -20.85
N LEU D 12 -12.70 -26.64 -20.29
CA LEU D 12 -11.33 -26.84 -19.75
C LEU D 12 -11.25 -26.70 -18.24
N ASN D 13 -10.52 -27.60 -17.62
CA ASN D 13 -10.39 -27.68 -16.17
C ASN D 13 -8.88 -27.69 -15.87
N GLY D 14 -8.52 -26.86 -14.91
CA GLY D 14 -7.14 -26.69 -14.48
C GLY D 14 -6.74 -27.70 -13.39
N PRO D 15 -5.61 -27.37 -12.73
CA PRO D 15 -4.96 -28.30 -11.85
C PRO D 15 -5.74 -28.72 -10.63
N ASN D 16 -5.46 -29.96 -10.21
CA ASN D 16 -6.09 -30.66 -9.11
C ASN D 16 -7.57 -31.00 -9.26
N LEU D 17 -8.28 -30.58 -10.25
CA LEU D 17 -9.68 -30.89 -10.50
C LEU D 17 -9.83 -32.36 -10.89
N ASN D 18 -8.74 -33.06 -11.23
CA ASN D 18 -8.83 -34.51 -11.43
C ASN D 18 -9.28 -35.16 -10.15
N LEU D 19 -9.09 -34.59 -8.97
CA LEU D 19 -9.50 -35.14 -7.71
C LEU D 19 -10.83 -34.60 -7.22
N LEU D 20 -11.59 -33.94 -8.12
CA LEU D 20 -12.91 -33.41 -7.66
C LEU D 20 -13.81 -34.50 -7.12
N GLY D 21 -14.43 -34.29 -5.97
CA GLY D 21 -15.32 -35.22 -5.35
C GLY D 21 -14.70 -36.23 -4.44
N GLN D 22 -13.39 -36.32 -4.44
CA GLN D 22 -12.66 -37.24 -3.54
C GLN D 22 -12.39 -36.65 -2.19
N ARG D 23 -12.63 -35.39 -1.92
CA ARG D 23 -12.43 -34.76 -0.63
C ARG D 23 -13.04 -33.36 -0.62
N GLN D 24 -13.10 -32.73 0.54
CA GLN D 24 -13.63 -31.39 0.69
C GLN D 24 -14.99 -31.15 0.08
N PRO D 25 -15.95 -32.00 0.38
CA PRO D 25 -17.27 -31.90 -0.20
C PRO D 25 -17.97 -30.62 0.19
N GLU D 26 -17.66 -30.09 1.37
CA GLU D 26 -18.25 -28.84 1.83
C GLU D 26 -17.86 -27.70 0.89
N ILE D 27 -16.63 -27.71 0.40
CA ILE D 27 -16.21 -26.69 -0.57
C ILE D 27 -16.53 -27.08 -2.01
N TYR D 28 -16.11 -28.28 -2.39
CA TYR D 28 -16.28 -28.70 -3.78
C TYR D 28 -17.39 -29.65 -4.18
N GLY D 29 -18.11 -30.26 -3.24
CA GLY D 29 -19.18 -31.15 -3.62
C GLY D 29 -18.71 -32.60 -3.68
N SER D 30 -19.70 -33.48 -3.95
CA SER D 30 -19.35 -34.91 -4.01
C SER D 30 -19.30 -35.46 -5.41
N ASP D 31 -19.66 -34.64 -6.39
CA ASP D 31 -19.61 -35.04 -7.77
C ASP D 31 -18.16 -35.07 -8.25
N THR D 32 -17.88 -35.98 -9.13
CA THR D 32 -16.54 -36.16 -9.68
C THR D 32 -16.47 -35.36 -10.95
N LEU D 33 -15.29 -35.30 -11.58
CA LEU D 33 -15.21 -34.61 -12.86
C LEU D 33 -15.98 -35.32 -13.89
N ALA D 34 -16.10 -36.67 -13.84
CA ALA D 34 -16.87 -37.38 -14.88
C ALA D 34 -18.33 -37.02 -14.73
N ASP D 35 -18.80 -36.81 -13.51
CA ASP D 35 -20.18 -36.41 -13.26
C ASP D 35 -20.42 -35.04 -13.87
N VAL D 36 -19.48 -34.10 -13.75
CA VAL D 36 -19.52 -32.80 -14.36
C VAL D 36 -19.62 -32.89 -15.87
N GLU D 37 -18.77 -33.71 -16.50
CA GLU D 37 -18.79 -33.85 -17.96
C GLU D 37 -20.16 -34.31 -18.43
N ALA D 38 -20.78 -35.24 -17.74
CA ALA D 38 -22.12 -35.76 -18.08
C ALA D 38 -23.13 -34.62 -17.96
N LEU D 39 -23.03 -33.75 -16.95
CA LEU D 39 -23.94 -32.61 -16.82
C LEU D 39 -23.79 -31.66 -18.01
N CYS D 40 -22.54 -31.43 -18.42
CA CYS D 40 -22.29 -30.62 -19.55
C CYS D 40 -22.79 -31.18 -20.87
N VAL D 41 -22.56 -32.45 -21.13
CA VAL D 41 -23.00 -33.18 -22.30
C VAL D 41 -24.50 -33.02 -22.46
N LYS D 42 -25.23 -33.20 -21.36
CA LYS D 42 -26.67 -33.07 -21.35
C LYS D 42 -27.20 -31.68 -21.60
N ALA D 43 -26.56 -30.66 -21.02
CA ALA D 43 -26.91 -29.27 -21.27
C ALA D 43 -26.68 -28.88 -22.71
N ALA D 44 -25.51 -29.29 -23.25
CA ALA D 44 -25.25 -28.93 -24.67
C ALA D 44 -26.19 -29.64 -25.62
N ALA D 45 -26.52 -30.88 -25.36
CA ALA D 45 -27.43 -31.68 -26.22
C ALA D 45 -28.81 -31.07 -26.30
N ALA D 46 -29.28 -30.43 -25.19
CA ALA D 46 -30.55 -29.71 -25.30
C ALA D 46 -30.53 -28.57 -26.30
N HIS D 47 -29.40 -27.98 -26.71
CA HIS D 47 -29.22 -26.99 -27.71
C HIS D 47 -28.68 -27.49 -29.03
N GLY D 48 -28.61 -28.80 -29.17
CA GLY D 48 -28.08 -29.44 -30.37
C GLY D 48 -26.57 -29.38 -30.50
N GLY D 49 -25.85 -29.16 -29.42
CA GLY D 49 -24.41 -29.08 -29.41
C GLY D 49 -23.81 -30.27 -28.71
N THR D 50 -22.48 -30.29 -28.64
CA THR D 50 -21.59 -31.24 -28.09
C THR D 50 -20.45 -30.54 -27.32
N VAL D 51 -19.82 -31.33 -26.48
CA VAL D 51 -18.71 -30.81 -25.65
C VAL D 51 -17.42 -31.58 -25.85
N ASP D 52 -16.31 -30.90 -25.64
CA ASP D 52 -14.96 -31.52 -25.69
C ASP D 52 -14.40 -31.20 -24.30
N PHE D 53 -14.49 -32.08 -23.35
CA PHE D 53 -14.17 -31.85 -21.96
C PHE D 53 -12.79 -32.35 -21.56
N ARG D 54 -11.96 -31.53 -21.03
CA ARG D 54 -10.56 -31.88 -20.73
C ARG D 54 -10.09 -31.34 -19.40
N GLN D 55 -9.04 -31.92 -18.82
CA GLN D 55 -8.47 -31.46 -17.58
C GLN D 55 -6.93 -31.61 -17.71
N SER D 56 -6.19 -30.64 -17.20
CA SER D 56 -4.75 -30.66 -17.13
C SER D 56 -4.18 -29.97 -15.92
N ASN D 57 -3.02 -30.44 -15.42
CA ASN D 57 -2.30 -29.82 -14.35
C ASN D 57 -1.20 -28.88 -14.85
N HIS D 58 -1.10 -28.76 -16.17
CA HIS D 58 -0.07 -27.99 -16.82
C HIS D 58 -0.56 -26.73 -17.51
N GLU D 59 0.01 -25.60 -17.07
CA GLU D 59 -0.33 -24.29 -17.64
C GLU D 59 -0.18 -24.21 -19.15
N GLY D 60 0.95 -24.66 -19.68
CA GLY D 60 1.24 -24.73 -21.08
C GLY D 60 0.30 -25.55 -21.94
N GLU D 61 -0.13 -26.65 -21.31
CA GLU D 61 -1.08 -27.53 -22.06
C GLU D 61 -2.43 -26.88 -22.19
N LEU D 62 -2.86 -26.17 -21.16
CA LEU D 62 -4.09 -25.39 -21.20
C LEU D 62 -3.93 -24.30 -22.27
N VAL D 63 -2.75 -23.65 -22.36
CA VAL D 63 -2.56 -22.65 -23.40
C VAL D 63 -2.75 -23.31 -24.77
N ASP D 64 -2.03 -24.45 -24.94
CA ASP D 64 -2.15 -25.19 -26.19
C ASP D 64 -3.59 -25.50 -26.57
N TRP D 65 -4.38 -25.91 -25.59
CA TRP D 65 -5.79 -26.25 -25.83
C TRP D 65 -6.69 -25.09 -26.16
N ILE D 66 -6.29 -23.91 -25.64
CA ILE D 66 -7.01 -22.68 -25.94
C ILE D 66 -6.72 -22.30 -27.40
N HIS D 67 -5.46 -22.45 -27.86
CA HIS D 67 -5.17 -22.16 -29.27
C HIS D 67 -5.95 -23.10 -30.20
N GLU D 68 -6.13 -24.33 -29.84
CA GLU D 68 -6.92 -25.31 -30.58
C GLU D 68 -8.36 -24.89 -30.66
N ALA D 69 -8.94 -24.51 -29.50
CA ALA D 69 -10.32 -24.04 -29.49
C ALA D 69 -10.58 -22.84 -30.33
N ARG D 70 -9.58 -21.94 -30.39
CA ARG D 70 -9.61 -20.72 -31.16
C ARG D 70 -10.03 -21.10 -32.62
N LEU D 71 -9.49 -22.21 -33.08
CA LEU D 71 -9.76 -22.54 -34.48
C LEU D 71 -10.91 -23.51 -34.70
N ASN D 72 -11.19 -24.38 -33.76
CA ASN D 72 -12.09 -25.48 -33.96
C ASN D 72 -13.36 -25.59 -33.14
N HIS D 73 -13.54 -24.73 -32.14
CA HIS D 73 -14.64 -24.79 -31.20
C HIS D 73 -15.52 -23.57 -31.21
N CYS D 74 -16.74 -23.71 -30.71
CA CYS D 74 -17.67 -22.61 -30.73
C CYS D 74 -17.64 -21.77 -29.46
N GLY D 75 -16.90 -22.17 -28.49
CA GLY D 75 -16.77 -21.36 -27.25
C GLY D 75 -15.93 -22.16 -26.25
N ILE D 76 -15.57 -21.49 -25.15
CA ILE D 76 -14.80 -22.08 -24.10
C ILE D 76 -15.44 -21.87 -22.72
N VAL D 77 -15.73 -22.94 -22.00
CA VAL D 77 -16.12 -22.85 -20.59
C VAL D 77 -14.84 -23.26 -19.83
N ILE D 78 -14.33 -22.48 -18.90
CA ILE D 78 -13.06 -22.80 -18.27
C ILE D 78 -13.11 -22.58 -16.76
N ASN D 79 -12.69 -23.63 -16.08
CA ASN D 79 -12.44 -23.54 -14.62
C ASN D 79 -10.92 -23.65 -14.49
N PRO D 80 -10.19 -22.53 -14.46
CA PRO D 80 -8.73 -22.54 -14.46
C PRO D 80 -8.07 -22.98 -13.18
N ALA D 81 -8.84 -23.13 -12.13
CA ALA D 81 -8.48 -23.63 -10.83
C ALA D 81 -7.34 -22.76 -10.33
N ALA D 82 -6.26 -23.24 -9.76
CA ALA D 82 -5.21 -22.33 -9.24
C ALA D 82 -4.65 -21.38 -10.27
N TYR D 83 -4.56 -21.72 -11.54
CA TYR D 83 -4.03 -20.87 -12.58
C TYR D 83 -4.89 -19.64 -12.79
N SER D 84 -6.09 -19.58 -12.28
CA SER D 84 -6.92 -18.39 -12.31
C SER D 84 -6.13 -17.24 -11.69
N HIS D 85 -5.49 -17.53 -10.56
CA HIS D 85 -4.85 -16.53 -9.73
C HIS D 85 -3.44 -16.19 -10.17
N THR D 86 -2.80 -17.02 -10.91
CA THR D 86 -1.38 -16.88 -11.27
C THR D 86 -1.09 -16.78 -12.74
N SER D 87 -1.99 -17.21 -13.63
CA SER D 87 -1.58 -17.29 -15.05
C SER D 87 -1.90 -16.17 -16.01
N VAL D 88 -0.93 -15.30 -16.25
CA VAL D 88 -1.01 -14.30 -17.32
C VAL D 88 -0.97 -15.04 -18.66
N ALA D 89 -0.28 -16.20 -18.68
CA ALA D 89 -0.21 -16.93 -19.95
C ALA D 89 -1.56 -17.42 -20.46
N ILE D 90 -2.43 -17.90 -19.58
CA ILE D 90 -3.76 -18.33 -19.98
C ILE D 90 -4.67 -17.17 -20.33
N LEU D 91 -4.55 -16.03 -19.66
CA LEU D 91 -5.22 -14.82 -19.99
C LEU D 91 -4.83 -14.43 -21.43
N ASP D 92 -3.56 -14.41 -21.72
CA ASP D 92 -3.05 -14.05 -23.05
C ASP D 92 -3.57 -15.02 -24.12
N ALA D 93 -3.63 -16.30 -23.80
CA ALA D 93 -4.13 -17.29 -24.76
C ALA D 93 -5.62 -16.98 -25.04
N LEU D 94 -6.43 -16.74 -24.00
CA LEU D 94 -7.83 -16.43 -24.23
C LEU D 94 -7.99 -15.13 -25.03
N ASN D 95 -7.13 -14.16 -24.88
CA ASN D 95 -7.15 -12.93 -25.61
C ASN D 95 -7.01 -13.21 -27.11
N THR D 96 -6.32 -14.28 -27.47
CA THR D 96 -6.14 -14.56 -28.90
C THR D 96 -7.45 -15.04 -29.52
N CYS D 97 -8.43 -15.45 -28.76
CA CYS D 97 -9.72 -15.95 -29.26
C CYS D 97 -10.71 -14.86 -29.59
N ASP D 98 -10.33 -14.00 -30.53
CA ASP D 98 -11.12 -12.84 -30.89
C ASP D 98 -12.55 -13.24 -31.27
N GLY D 99 -13.51 -12.63 -30.59
CA GLY D 99 -14.92 -12.93 -30.87
C GLY D 99 -15.45 -14.25 -30.34
N LEU D 100 -14.64 -15.10 -29.72
CA LEU D 100 -15.10 -16.37 -29.23
C LEU D 100 -15.69 -16.22 -27.84
N PRO D 101 -16.87 -16.73 -27.58
CA PRO D 101 -17.49 -16.68 -26.26
C PRO D 101 -16.72 -17.50 -25.25
N VAL D 102 -16.42 -16.89 -24.10
CA VAL D 102 -15.68 -17.50 -23.00
C VAL D 102 -16.39 -17.28 -21.67
N VAL D 103 -16.65 -18.34 -20.93
CA VAL D 103 -17.22 -18.25 -19.59
C VAL D 103 -16.34 -18.98 -18.57
N GLU D 104 -15.97 -18.20 -17.54
CA GLU D 104 -15.13 -18.70 -16.46
C GLU D 104 -16.00 -19.23 -15.36
N VAL D 105 -15.67 -20.40 -14.79
CA VAL D 105 -16.43 -21.02 -13.72
C VAL D 105 -15.57 -21.40 -12.53
N HIS D 106 -16.07 -21.09 -11.34
CA HIS D 106 -15.44 -21.51 -10.06
C HIS D 106 -16.53 -22.23 -9.25
N ILE D 107 -16.31 -23.49 -8.89
CA ILE D 107 -17.33 -24.23 -8.14
C ILE D 107 -17.55 -23.56 -6.79
N SER D 108 -16.47 -23.14 -6.14
CA SER D 108 -16.47 -22.48 -4.84
C SER D 108 -16.63 -20.98 -5.01
N ASN D 109 -17.07 -20.28 -3.95
CA ASN D 109 -17.19 -18.85 -3.97
C ASN D 109 -15.85 -18.28 -3.53
N ILE D 110 -14.98 -18.03 -4.52
CA ILE D 110 -13.63 -17.57 -4.30
C ILE D 110 -13.55 -16.27 -3.51
N HIS D 111 -14.63 -15.45 -3.55
CA HIS D 111 -14.66 -14.22 -2.78
C HIS D 111 -14.81 -14.42 -1.27
N GLN D 112 -15.19 -15.55 -0.78
CA GLN D 112 -15.29 -15.88 0.62
C GLN D 112 -14.02 -16.62 1.11
N ARG D 113 -13.05 -16.86 0.26
CA ARG D 113 -11.87 -17.62 0.62
C ARG D 113 -10.65 -16.78 0.88
N GLU D 114 -9.45 -17.38 0.82
CA GLU D 114 -8.25 -16.63 1.07
C GLU D 114 -8.13 -15.47 0.10
N PRO D 115 -7.55 -14.36 0.52
CA PRO D 115 -7.36 -13.19 -0.33
C PRO D 115 -6.59 -13.48 -1.61
N PHE D 116 -5.66 -14.44 -1.67
CA PHE D 116 -4.99 -14.73 -2.93
C PHE D 116 -5.96 -15.32 -3.97
N ARG D 117 -7.12 -15.82 -3.57
CA ARG D 117 -8.08 -16.34 -4.52
C ARG D 117 -9.02 -15.24 -5.05
N HIS D 118 -8.98 -14.04 -4.47
CA HIS D 118 -10.00 -13.04 -4.88
C HIS D 118 -9.81 -12.47 -6.24
N HIS D 119 -8.60 -12.47 -6.77
CA HIS D 119 -8.31 -11.94 -8.07
C HIS D 119 -8.07 -13.10 -9.08
N SER D 120 -8.66 -12.96 -10.25
CA SER D 120 -8.45 -13.89 -11.36
C SER D 120 -8.03 -13.11 -12.61
N TYR D 121 -6.92 -13.51 -13.22
CA TYR D 121 -6.48 -12.95 -14.49
C TYR D 121 -7.47 -13.35 -15.59
N VAL D 122 -8.12 -14.52 -15.49
CA VAL D 122 -9.04 -14.98 -16.53
C VAL D 122 -10.26 -14.09 -16.65
N SER D 123 -10.70 -13.50 -15.52
CA SER D 123 -11.89 -12.65 -15.50
C SER D 123 -11.72 -11.40 -16.34
N GLN D 124 -10.52 -10.97 -16.64
CA GLN D 124 -10.27 -9.82 -17.49
C GLN D 124 -10.67 -10.06 -18.94
N ARG D 125 -10.76 -11.28 -19.39
CA ARG D 125 -11.18 -11.61 -20.75
C ARG D 125 -12.50 -12.38 -20.78
N ALA D 126 -12.74 -13.28 -19.79
CA ALA D 126 -13.99 -13.99 -19.82
C ALA D 126 -15.21 -13.08 -20.02
N ASP D 127 -16.11 -13.51 -20.90
CA ASP D 127 -17.34 -12.71 -21.10
C ASP D 127 -18.12 -12.72 -19.79
N GLY D 128 -18.37 -13.85 -19.21
CA GLY D 128 -19.06 -14.03 -17.95
C GLY D 128 -18.27 -14.88 -16.99
N VAL D 129 -18.54 -14.70 -15.69
CA VAL D 129 -17.83 -15.37 -14.61
C VAL D 129 -18.86 -15.87 -13.63
N VAL D 130 -18.90 -17.15 -13.35
CA VAL D 130 -19.83 -17.79 -12.44
C VAL D 130 -19.05 -18.39 -11.27
N ALA D 131 -19.32 -17.94 -10.05
CA ALA D 131 -18.58 -18.46 -8.89
C ALA D 131 -19.52 -18.87 -7.79
N GLY D 132 -19.23 -20.01 -7.13
CA GLY D 132 -20.00 -20.39 -5.97
C GLY D 132 -21.36 -21.02 -6.31
N CYS D 133 -21.63 -21.37 -7.54
CA CYS D 133 -22.87 -22.09 -7.89
C CYS D 133 -22.66 -23.58 -7.94
N GLY D 134 -21.62 -24.11 -7.30
CA GLY D 134 -21.30 -25.52 -7.36
C GLY D 134 -20.99 -25.99 -8.76
N VAL D 135 -21.16 -27.29 -9.05
CA VAL D 135 -20.92 -27.86 -10.39
C VAL D 135 -22.01 -27.40 -11.33
N GLN D 136 -23.14 -26.90 -10.77
CA GLN D 136 -24.21 -26.34 -11.61
C GLN D 136 -23.77 -25.15 -12.42
N GLY D 137 -22.69 -24.46 -11.93
CA GLY D 137 -22.07 -23.42 -12.68
C GLY D 137 -21.56 -23.77 -14.04
N TYR D 138 -21.11 -25.02 -14.26
CA TYR D 138 -20.67 -25.47 -15.57
C TYR D 138 -21.88 -25.54 -16.52
N VAL D 139 -23.03 -25.93 -16.02
CA VAL D 139 -24.28 -25.92 -16.85
C VAL D 139 -24.63 -24.47 -17.23
N PHE D 140 -24.51 -23.53 -16.31
CA PHE D 140 -24.73 -22.11 -16.63
C PHE D 140 -23.77 -21.71 -17.74
N GLY D 141 -22.47 -22.12 -17.60
CA GLY D 141 -21.50 -21.82 -18.63
C GLY D 141 -21.92 -22.29 -20.02
N VAL D 142 -22.34 -23.55 -20.15
CA VAL D 142 -22.82 -24.10 -21.40
C VAL D 142 -24.02 -23.32 -21.95
N GLU D 143 -24.97 -22.97 -21.05
CA GLU D 143 -26.12 -22.18 -21.47
C GLU D 143 -25.77 -20.81 -21.96
N ARG D 144 -24.78 -20.17 -21.27
CA ARG D 144 -24.38 -18.84 -21.73
C ARG D 144 -23.67 -18.91 -23.10
N ILE D 145 -22.81 -19.93 -23.29
CA ILE D 145 -22.15 -20.12 -24.58
C ILE D 145 -23.23 -20.36 -25.66
N ALA D 146 -24.23 -21.16 -25.33
CA ALA D 146 -25.32 -21.36 -26.29
C ALA D 146 -25.98 -20.06 -26.70
N ALA D 147 -26.31 -19.20 -25.74
CA ALA D 147 -26.92 -17.91 -26.05
C ALA D 147 -26.01 -16.98 -26.84
N LEU D 148 -24.71 -16.95 -26.55
CA LEU D 148 -23.80 -16.06 -27.26
C LEU D 148 -23.54 -16.57 -28.67
N ALA D 149 -23.37 -17.87 -28.82
CA ALA D 149 -23.13 -18.46 -30.13
C ALA D 149 -24.37 -18.24 -30.99
N GLY D 150 -25.56 -18.24 -30.41
CA GLY D 150 -26.82 -18.00 -31.09
C GLY D 150 -27.01 -16.64 -31.74
N ARG E 2 0.46 -43.56 6.08
CA ARG E 2 1.37 -44.72 6.24
C ARG E 2 2.56 -44.57 7.14
N SER E 3 3.14 -45.75 7.50
CA SER E 3 4.34 -45.77 8.33
C SER E 3 5.58 -45.76 7.42
N LEU E 4 6.75 -45.45 8.00
CA LEU E 4 7.98 -45.50 7.24
C LEU E 4 8.28 -46.90 6.71
N ALA E 5 7.88 -47.92 7.48
CA ALA E 5 8.16 -49.29 7.04
C ALA E 5 7.34 -49.65 5.80
N ASN E 6 6.12 -49.10 5.69
CA ASN E 6 5.25 -49.48 4.61
C ASN E 6 5.41 -48.72 3.32
N ALA E 7 5.97 -47.51 3.35
CA ALA E 7 6.07 -46.74 2.10
C ALA E 7 7.22 -45.71 2.20
N PRO E 8 7.84 -45.42 1.08
CA PRO E 8 8.88 -44.42 1.05
C PRO E 8 8.37 -43.02 1.32
N ILE E 9 9.28 -42.18 1.76
CA ILE E 9 9.10 -40.73 1.90
C ILE E 9 9.38 -40.10 0.53
N MET E 10 8.45 -39.30 0.01
CA MET E 10 8.61 -38.65 -1.28
C MET E 10 9.47 -37.39 -1.02
N ILE E 11 10.53 -37.18 -1.78
CA ILE E 11 11.39 -36.03 -1.62
C ILE E 11 11.42 -35.30 -2.98
N LEU E 12 10.71 -34.17 -3.02
CA LEU E 12 10.52 -33.43 -4.24
C LEU E 12 11.35 -32.15 -4.36
N ASN E 13 11.96 -31.92 -5.51
CA ASN E 13 12.77 -30.72 -5.73
C ASN E 13 12.27 -30.00 -6.97
N GLY E 14 12.13 -28.70 -6.88
CA GLY E 14 11.73 -27.87 -7.97
C GLY E 14 12.77 -27.41 -8.95
N PRO E 15 12.44 -26.37 -9.73
CA PRO E 15 13.19 -25.96 -10.86
C PRO E 15 14.60 -25.55 -10.49
N ASN E 16 15.53 -25.80 -11.39
CA ASN E 16 16.94 -25.39 -11.29
C ASN E 16 17.80 -26.13 -10.28
N LEU E 17 17.22 -26.97 -9.40
CA LEU E 17 17.95 -27.71 -8.40
C LEU E 17 18.73 -28.84 -9.05
N ASN E 18 18.47 -29.20 -10.32
CA ASN E 18 19.33 -30.11 -11.09
C ASN E 18 20.76 -29.58 -11.22
N LEU E 19 20.99 -28.27 -11.07
CA LEU E 19 22.34 -27.71 -11.11
C LEU E 19 22.95 -27.42 -9.77
N LEU E 20 22.33 -27.97 -8.71
CA LEU E 20 22.85 -27.71 -7.36
C LEU E 20 24.28 -28.15 -7.29
N GLY E 21 25.13 -27.34 -6.66
CA GLY E 21 26.52 -27.66 -6.46
C GLY E 21 27.38 -27.20 -7.62
N GLN E 22 26.81 -26.85 -8.76
CA GLN E 22 27.64 -26.43 -9.87
C GLN E 22 27.97 -24.95 -9.87
N ARG E 23 27.41 -24.15 -8.99
CA ARG E 23 27.68 -22.72 -8.92
C ARG E 23 27.08 -22.15 -7.63
N GLN E 24 27.41 -20.91 -7.30
CA GLN E 24 26.90 -20.24 -6.12
C GLN E 24 27.03 -21.04 -4.84
N PRO E 25 28.22 -21.55 -4.54
CA PRO E 25 28.44 -22.31 -3.34
C PRO E 25 28.21 -21.53 -2.07
N GLU E 26 28.40 -20.22 -2.08
CA GLU E 26 28.17 -19.37 -0.92
C GLU E 26 26.69 -19.38 -0.55
N ILE E 27 25.82 -19.47 -1.56
CA ILE E 27 24.39 -19.56 -1.27
C ILE E 27 23.90 -21.01 -1.15
N TYR E 28 24.29 -21.89 -2.06
CA TYR E 28 23.75 -23.24 -2.14
C TYR E 28 24.62 -24.42 -1.79
N GLY E 29 25.90 -24.19 -1.50
CA GLY E 29 26.78 -25.27 -1.06
C GLY E 29 27.46 -25.91 -2.28
N SER E 30 28.34 -26.87 -1.99
CA SER E 30 29.04 -27.53 -3.09
C SER E 30 28.59 -28.96 -3.30
N ASP E 31 27.62 -29.42 -2.52
CA ASP E 31 27.05 -30.74 -2.72
C ASP E 31 26.12 -30.72 -3.94
N THR E 32 26.09 -31.80 -4.68
CA THR E 32 25.21 -31.91 -5.84
C THR E 32 23.86 -32.48 -5.37
N LEU E 33 22.93 -32.50 -6.32
CA LEU E 33 21.61 -33.08 -5.98
C LEU E 33 21.76 -34.57 -5.74
N ALA E 34 22.68 -35.22 -6.46
CA ALA E 34 22.94 -36.66 -6.14
C ALA E 34 23.48 -36.81 -4.74
N ASP E 35 24.39 -35.94 -4.33
CA ASP E 35 24.85 -35.95 -2.94
C ASP E 35 23.69 -35.81 -1.97
N VAL E 36 22.77 -34.85 -2.29
CA VAL E 36 21.66 -34.67 -1.35
C VAL E 36 20.80 -35.94 -1.28
N GLU E 37 20.53 -36.54 -2.43
CA GLU E 37 19.78 -37.81 -2.43
C GLU E 37 20.41 -38.88 -1.52
N ALA E 38 21.72 -39.02 -1.62
CA ALA E 38 22.38 -40.01 -0.70
C ALA E 38 22.29 -39.65 0.76
N LEU E 39 22.29 -38.37 1.11
CA LEU E 39 22.12 -37.97 2.50
C LEU E 39 20.72 -38.40 2.95
N CYS E 40 19.73 -38.20 2.09
CA CYS E 40 18.34 -38.50 2.46
C CYS E 40 18.12 -40.03 2.62
N VAL E 41 18.71 -40.79 1.71
CA VAL E 41 18.64 -42.27 1.80
C VAL E 41 19.16 -42.68 3.18
N LYS E 42 20.36 -42.18 3.57
CA LYS E 42 20.90 -42.53 4.88
C LYS E 42 20.06 -42.04 6.03
N ALA E 43 19.53 -40.80 5.95
CA ALA E 43 18.72 -40.33 7.07
C ALA E 43 17.44 -41.12 7.26
N ALA E 44 16.84 -41.48 6.10
CA ALA E 44 15.61 -42.30 6.21
C ALA E 44 15.96 -43.70 6.76
N ALA E 45 17.11 -44.23 6.33
CA ALA E 45 17.47 -45.61 6.79
C ALA E 45 17.68 -45.74 8.28
N ALA E 46 18.06 -44.58 8.89
CA ALA E 46 18.23 -44.57 10.34
C ALA E 46 16.94 -44.76 11.12
N HIS E 47 15.79 -44.56 10.51
CA HIS E 47 14.47 -44.83 11.01
C HIS E 47 13.79 -46.05 10.36
N GLY E 48 14.52 -46.84 9.59
CA GLY E 48 14.02 -48.01 8.92
C GLY E 48 13.22 -47.75 7.64
N GLY E 49 13.34 -46.50 7.16
CA GLY E 49 12.56 -46.09 6.00
C GLY E 49 13.39 -45.93 4.73
N THR E 50 12.75 -45.46 3.69
CA THR E 50 13.26 -45.29 2.37
C THR E 50 12.73 -43.96 1.75
N VAL E 51 13.40 -43.52 0.72
CA VAL E 51 13.02 -42.29 0.05
C VAL E 51 12.81 -42.55 -1.42
N ASP E 52 12.00 -41.67 -2.05
CA ASP E 52 11.73 -41.68 -3.47
C ASP E 52 12.07 -40.24 -3.91
N PHE E 53 13.27 -40.03 -4.38
CA PHE E 53 13.79 -38.67 -4.61
C PHE E 53 13.72 -38.23 -6.05
N ARG E 54 13.08 -37.05 -6.29
CA ARG E 54 12.80 -36.56 -7.61
C ARG E 54 13.06 -35.07 -7.80
N GLN E 55 13.22 -34.73 -9.10
CA GLN E 55 13.45 -33.29 -9.35
C GLN E 55 12.76 -32.96 -10.69
N SER E 56 12.13 -31.78 -10.78
CA SER E 56 11.49 -31.38 -11.99
C SER E 56 11.49 -29.84 -12.13
N ASN E 57 11.57 -29.37 -13.33
CA ASN E 57 11.47 -27.95 -13.66
C ASN E 57 10.00 -27.59 -14.00
N HIS E 58 9.10 -28.55 -14.02
CA HIS E 58 7.71 -28.36 -14.45
C HIS E 58 6.72 -28.34 -13.32
N GLU E 59 5.99 -27.24 -13.10
CA GLU E 59 4.99 -27.10 -12.12
C GLU E 59 3.92 -28.19 -12.10
N GLY E 60 3.37 -28.53 -13.28
CA GLY E 60 2.36 -29.57 -13.27
C GLY E 60 2.88 -30.96 -13.03
N GLU E 61 4.15 -31.23 -13.28
CA GLU E 61 4.74 -32.55 -12.99
C GLU E 61 4.88 -32.67 -11.48
N LEU E 62 5.29 -31.62 -10.77
CA LEU E 62 5.28 -31.58 -9.34
C LEU E 62 3.91 -31.83 -8.74
N VAL E 63 2.89 -31.17 -9.34
CA VAL E 63 1.51 -31.47 -8.91
C VAL E 63 1.17 -32.97 -9.08
N ASP E 64 1.46 -33.55 -10.24
CA ASP E 64 1.25 -34.98 -10.48
C ASP E 64 1.92 -35.85 -9.44
N TRP E 65 3.16 -35.51 -9.08
CA TRP E 65 3.94 -36.29 -8.12
C TRP E 65 3.40 -36.14 -6.71
N ILE E 66 2.83 -34.97 -6.36
CA ILE E 66 2.16 -34.82 -5.09
C ILE E 66 0.92 -35.71 -5.00
N HIS E 67 0.15 -35.75 -6.09
CA HIS E 67 -1.03 -36.62 -6.12
C HIS E 67 -0.59 -38.10 -5.95
N GLU E 68 0.50 -38.46 -6.58
CA GLU E 68 1.02 -39.84 -6.41
C GLU E 68 1.38 -40.11 -4.95
N ALA E 69 2.10 -39.21 -4.29
CA ALA E 69 2.52 -39.27 -2.91
C ALA E 69 1.35 -39.40 -1.96
N ARG E 70 0.29 -38.65 -2.22
CA ARG E 70 -0.95 -38.68 -1.49
C ARG E 70 -1.44 -40.15 -1.39
N LEU E 71 -1.27 -40.96 -2.42
CA LEU E 71 -1.77 -42.34 -2.34
C LEU E 71 -0.74 -43.38 -1.92
N ASN E 72 0.52 -43.15 -2.26
CA ASN E 72 1.53 -44.22 -2.10
C ASN E 72 2.68 -43.97 -1.15
N HIS E 73 2.86 -42.81 -0.55
CA HIS E 73 4.00 -42.46 0.26
C HIS E 73 3.63 -42.11 1.67
N CYS E 74 4.60 -42.12 2.59
CA CYS E 74 4.27 -41.81 3.98
C CYS E 74 4.45 -40.37 4.36
N GLY E 75 4.94 -39.55 3.45
CA GLY E 75 5.17 -38.14 3.74
C GLY E 75 5.83 -37.49 2.52
N ILE E 76 5.91 -36.15 2.61
CA ILE E 76 6.56 -35.42 1.54
C ILE E 76 7.53 -34.41 2.15
N VAL E 77 8.77 -34.38 1.72
CA VAL E 77 9.76 -33.34 1.98
C VAL E 77 9.90 -32.62 0.62
N ILE E 78 9.61 -31.30 0.62
CA ILE E 78 9.64 -30.62 -0.69
C ILE E 78 10.43 -29.32 -0.58
N ASN E 79 11.34 -29.16 -1.54
CA ASN E 79 12.08 -27.90 -1.78
C ASN E 79 11.49 -27.42 -3.12
N PRO E 80 10.50 -26.52 -3.09
CA PRO E 80 9.77 -26.11 -4.31
C PRO E 80 10.53 -25.14 -5.18
N ALA E 81 11.67 -24.67 -4.69
CA ALA E 81 12.55 -23.75 -5.39
C ALA E 81 11.73 -22.54 -5.84
N ALA E 82 11.91 -22.06 -7.09
CA ALA E 82 11.15 -20.89 -7.49
C ALA E 82 9.65 -20.98 -7.37
N TYR E 83 9.05 -22.16 -7.52
CA TYR E 83 7.61 -22.36 -7.39
C TYR E 83 7.13 -22.10 -5.98
N SER E 84 7.98 -22.08 -4.94
CA SER E 84 7.54 -21.72 -3.62
C SER E 84 6.87 -20.32 -3.63
N HIS E 85 7.40 -19.45 -4.49
CA HIS E 85 6.89 -18.07 -4.45
C HIS E 85 5.77 -17.84 -5.41
N THR E 86 5.58 -18.75 -6.39
CA THR E 86 4.59 -18.49 -7.43
C THR E 86 3.42 -19.42 -7.53
N SER E 87 3.58 -20.65 -7.01
CA SER E 87 2.61 -21.69 -7.28
C SER E 87 1.48 -21.95 -6.29
N VAL E 88 0.34 -21.38 -6.68
CA VAL E 88 -0.90 -21.72 -5.97
C VAL E 88 -1.26 -23.14 -6.29
N ALA E 89 -0.90 -23.61 -7.46
CA ALA E 89 -1.24 -24.96 -7.90
C ALA E 89 -0.60 -26.04 -7.06
N ILE E 90 0.66 -25.84 -6.67
CA ILE E 90 1.36 -26.81 -5.81
C ILE E 90 0.79 -26.72 -4.41
N LEU E 91 0.47 -25.53 -3.92
CA LEU E 91 -0.23 -25.38 -2.66
C LEU E 91 -1.53 -26.18 -2.66
N ASP E 92 -2.28 -26.04 -3.74
CA ASP E 92 -3.57 -26.77 -3.83
C ASP E 92 -3.29 -28.28 -3.89
N ALA E 93 -2.27 -28.76 -4.58
CA ALA E 93 -1.98 -30.20 -4.60
C ALA E 93 -1.63 -30.67 -3.19
N LEU E 94 -0.78 -29.93 -2.44
CA LEU E 94 -0.48 -30.38 -1.06
C LEU E 94 -1.71 -30.42 -0.18
N ASN E 95 -2.64 -29.49 -0.41
CA ASN E 95 -3.91 -29.46 0.33
C ASN E 95 -4.74 -30.71 0.08
N THR E 96 -4.57 -31.40 -0.98
CA THR E 96 -5.28 -32.67 -1.24
C THR E 96 -4.70 -33.82 -0.41
N CYS E 97 -3.57 -33.62 0.27
CA CYS E 97 -2.93 -34.70 1.04
C CYS E 97 -3.34 -34.70 2.48
N ASP E 98 -4.65 -34.82 2.72
CA ASP E 98 -5.22 -34.72 4.08
C ASP E 98 -4.54 -35.72 5.00
N GLY E 99 -3.99 -35.22 6.08
CA GLY E 99 -3.37 -36.06 7.07
C GLY E 99 -1.93 -36.45 6.78
N LEU E 100 -1.38 -36.17 5.62
CA LEU E 100 -0.01 -36.59 5.29
C LEU E 100 0.96 -35.54 5.76
N PRO E 101 2.03 -35.97 6.40
CA PRO E 101 3.05 -35.05 6.88
C PRO E 101 3.80 -34.44 5.71
N VAL E 102 3.92 -33.09 5.75
CA VAL E 102 4.64 -32.40 4.71
C VAL E 102 5.65 -31.44 5.35
N VAL E 103 6.89 -31.44 4.91
CA VAL E 103 7.91 -30.52 5.40
C VAL E 103 8.55 -29.81 4.20
N GLU E 104 8.55 -28.48 4.21
CA GLU E 104 9.15 -27.64 3.19
C GLU E 104 10.58 -27.30 3.60
N VAL E 105 11.49 -27.39 2.66
CA VAL E 105 12.90 -27.14 2.87
C VAL E 105 13.45 -26.11 1.87
N HIS E 106 14.15 -25.12 2.35
CA HIS E 106 14.91 -24.17 1.52
C HIS E 106 16.37 -24.33 1.95
N ILE E 107 17.29 -24.56 1.07
CA ILE E 107 18.72 -24.62 1.40
C ILE E 107 19.20 -23.27 1.94
N SER E 108 18.85 -22.21 1.24
CA SER E 108 19.20 -20.84 1.59
C SER E 108 18.23 -20.24 2.58
N ASN E 109 18.59 -19.11 3.18
CA ASN E 109 17.75 -18.38 4.11
C ASN E 109 17.00 -17.35 3.27
N ILE E 110 15.83 -17.79 2.77
CA ILE E 110 15.03 -16.94 1.86
C ILE E 110 14.74 -15.60 2.49
N HIS E 111 14.67 -15.46 3.79
CA HIS E 111 14.36 -14.23 4.50
C HIS E 111 15.47 -13.21 4.43
N GLN E 112 16.67 -13.55 4.08
CA GLN E 112 17.77 -12.62 3.90
C GLN E 112 17.88 -12.21 2.43
N ARG E 113 17.05 -12.80 1.56
CA ARG E 113 17.24 -12.53 0.13
C ARG E 113 16.25 -11.51 -0.40
N GLU E 114 16.02 -11.50 -1.71
CA GLU E 114 15.13 -10.54 -2.35
C GLU E 114 13.74 -10.65 -1.78
N PRO E 115 13.02 -9.56 -1.63
CA PRO E 115 11.68 -9.56 -1.10
C PRO E 115 10.74 -10.51 -1.79
N PHE E 116 10.87 -10.78 -3.10
CA PHE E 116 9.96 -11.72 -3.74
C PHE E 116 10.18 -13.15 -3.27
N ARG E 117 11.28 -13.47 -2.58
CA ARG E 117 11.48 -14.77 -1.98
C ARG E 117 10.94 -14.90 -0.55
N HIS E 118 10.47 -13.79 0.02
CA HIS E 118 10.05 -13.82 1.42
C HIS E 118 8.79 -14.62 1.68
N HIS E 119 7.88 -14.64 0.76
CA HIS E 119 6.68 -15.40 0.83
C HIS E 119 6.70 -16.72 0.06
N SER E 120 6.15 -17.73 0.71
CA SER E 120 6.00 -19.07 0.12
C SER E 120 4.57 -19.51 0.22
N TYR E 121 3.93 -19.89 -0.89
CA TYR E 121 2.59 -20.41 -0.84
C TYR E 121 2.59 -21.77 -0.14
N VAL E 122 3.70 -22.52 -0.31
CA VAL E 122 3.82 -23.83 0.27
C VAL E 122 3.74 -23.78 1.77
N SER E 123 4.26 -22.77 2.44
CA SER E 123 4.33 -22.65 3.88
C SER E 123 2.93 -22.60 4.53
N GLN E 124 1.92 -22.25 3.72
CA GLN E 124 0.56 -22.21 4.25
C GLN E 124 0.08 -23.62 4.53
N ARG E 125 0.58 -24.67 3.89
CA ARG E 125 0.14 -26.05 4.10
C ARG E 125 1.23 -26.92 4.74
N ALA E 126 2.49 -26.67 4.51
CA ALA E 126 3.54 -27.47 5.12
C ALA E 126 3.40 -27.51 6.64
N ASP E 127 3.57 -28.72 7.20
CA ASP E 127 3.56 -28.79 8.66
C ASP E 127 4.73 -27.98 9.20
N GLY E 128 5.94 -28.18 8.76
CA GLY E 128 7.19 -27.60 9.19
C GLY E 128 7.87 -26.94 8.01
N VAL E 129 8.67 -25.92 8.22
CA VAL E 129 9.39 -25.21 7.22
C VAL E 129 10.81 -24.98 7.73
N VAL E 130 11.78 -25.50 7.06
CA VAL E 130 13.19 -25.35 7.37
C VAL E 130 13.89 -24.51 6.32
N ALA E 131 14.51 -23.40 6.74
CA ALA E 131 15.18 -22.54 5.78
C ALA E 131 16.58 -22.15 6.28
N GLY E 132 17.55 -22.16 5.35
CA GLY E 132 18.86 -21.69 5.72
C GLY E 132 19.74 -22.63 6.49
N CYS E 133 19.41 -23.90 6.55
CA CYS E 133 20.21 -24.90 7.26
C CYS E 133 20.99 -25.70 6.25
N GLY E 134 21.21 -25.18 5.05
CA GLY E 134 21.92 -25.89 4.02
C GLY E 134 21.23 -27.18 3.61
N VAL E 135 22.01 -28.10 3.01
CA VAL E 135 21.42 -29.39 2.58
C VAL E 135 21.10 -30.24 3.78
N GLN E 136 21.65 -29.87 4.96
CA GLN E 136 21.34 -30.51 6.22
C GLN E 136 19.83 -30.32 6.50
N GLY E 137 19.18 -29.29 5.97
CA GLY E 137 17.75 -29.14 6.12
C GLY E 137 16.94 -30.29 5.53
N TYR E 138 17.44 -31.03 4.55
CA TYR E 138 16.75 -32.17 4.00
C TYR E 138 16.75 -33.29 5.05
N VAL E 139 17.83 -33.40 5.82
CA VAL E 139 17.92 -34.42 6.87
C VAL E 139 16.93 -34.08 7.96
N PHE E 140 16.81 -32.79 8.36
CA PHE E 140 15.82 -32.36 9.32
C PHE E 140 14.43 -32.68 8.80
N GLY E 141 14.24 -32.48 7.48
CA GLY E 141 12.90 -32.80 6.93
C GLY E 141 12.54 -34.28 7.05
N VAL E 142 13.47 -35.17 6.70
CA VAL E 142 13.28 -36.61 6.89
C VAL E 142 13.02 -36.97 8.35
N GLU E 143 13.80 -36.41 9.28
CA GLU E 143 13.63 -36.59 10.70
C GLU E 143 12.26 -36.20 11.22
N ARG E 144 11.75 -35.04 10.78
CA ARG E 144 10.42 -34.62 11.14
C ARG E 144 9.34 -35.52 10.54
N ILE E 145 9.47 -35.95 9.30
CA ILE E 145 8.49 -36.87 8.73
C ILE E 145 8.48 -38.16 9.58
N ALA E 146 9.66 -38.60 9.99
CA ALA E 146 9.74 -39.86 10.76
C ALA E 146 9.02 -39.70 12.09
N ALA E 147 9.16 -38.56 12.73
CA ALA E 147 8.48 -38.29 13.99
C ALA E 147 6.97 -38.16 13.80
N LEU E 148 6.49 -37.54 12.77
CA LEU E 148 5.08 -37.37 12.50
C LEU E 148 4.43 -38.69 12.06
N ALA E 149 5.13 -39.48 11.28
CA ALA E 149 4.60 -40.76 10.83
C ALA E 149 4.51 -41.74 12.02
N GLY E 150 5.44 -41.64 12.94
CA GLY E 150 5.57 -42.39 14.16
C GLY E 150 4.55 -42.22 15.26
N ARG F 2 31.33 -18.40 -24.77
CA ARG F 2 31.75 -18.73 -26.15
C ARG F 2 31.66 -17.53 -27.09
N SER F 3 32.31 -17.60 -28.25
CA SER F 3 32.26 -16.57 -29.26
C SER F 3 31.10 -16.89 -30.24
N LEU F 4 30.67 -15.90 -31.00
CA LEU F 4 29.67 -16.12 -32.06
C LEU F 4 30.16 -17.11 -33.10
N ALA F 5 31.44 -17.11 -33.44
CA ALA F 5 31.93 -18.11 -34.41
C ALA F 5 31.85 -19.52 -33.88
N ASN F 6 32.01 -19.76 -32.58
CA ASN F 6 32.03 -21.05 -31.99
C ASN F 6 30.72 -21.68 -31.54
N ALA F 7 29.70 -20.86 -31.30
CA ALA F 7 28.41 -21.42 -30.88
C ALA F 7 27.26 -20.47 -31.21
N PRO F 8 26.09 -21.00 -31.50
CA PRO F 8 24.92 -20.21 -31.84
C PRO F 8 24.42 -19.37 -30.66
N ILE F 9 23.66 -18.36 -31.01
CA ILE F 9 22.92 -17.51 -30.09
C ILE F 9 21.56 -18.19 -29.90
N MET F 10 21.19 -18.44 -28.62
CA MET F 10 19.87 -19.04 -28.36
C MET F 10 18.83 -17.90 -28.34
N ILE F 11 17.80 -18.01 -29.14
CA ILE F 11 16.72 -17.06 -29.25
C ILE F 11 15.44 -17.78 -28.81
N LEU F 12 14.91 -17.42 -27.61
CA LEU F 12 13.79 -18.08 -26.99
C LEU F 12 12.55 -17.20 -26.88
N ASN F 13 11.42 -17.83 -27.18
CA ASN F 13 10.13 -17.12 -27.22
C ASN F 13 9.14 -17.83 -26.34
N GLY F 14 8.41 -17.05 -25.54
CA GLY F 14 7.49 -17.64 -24.56
C GLY F 14 6.10 -17.87 -25.18
N PRO F 15 5.14 -17.97 -24.28
CA PRO F 15 3.79 -18.37 -24.66
C PRO F 15 3.09 -17.42 -25.59
N ASN F 16 2.25 -18.01 -26.48
CA ASN F 16 1.39 -17.34 -27.41
C ASN F 16 2.11 -16.69 -28.59
N LEU F 17 3.44 -16.65 -28.59
CA LEU F 17 4.19 -16.02 -29.67
C LEU F 17 4.12 -16.86 -30.95
N ASN F 18 3.75 -18.13 -30.84
CA ASN F 18 3.50 -18.97 -32.01
C ASN F 18 2.46 -18.34 -32.93
N LEU F 19 1.52 -17.52 -32.43
CA LEU F 19 0.52 -16.82 -33.20
C LEU F 19 0.84 -15.43 -33.64
N LEU F 20 2.10 -15.02 -33.58
CA LEU F 20 2.55 -13.70 -33.88
C LEU F 20 2.19 -13.40 -35.34
N GLY F 21 1.62 -12.27 -35.58
CA GLY F 21 1.32 -11.82 -36.92
C GLY F 21 -0.11 -12.17 -37.30
N GLN F 22 -0.80 -13.02 -36.57
CA GLN F 22 -2.15 -13.46 -36.91
C GLN F 22 -3.22 -12.51 -36.42
N ARG F 23 -2.88 -11.59 -35.51
CA ARG F 23 -3.86 -10.68 -34.95
C ARG F 23 -3.15 -9.57 -34.18
N GLN F 24 -3.93 -8.56 -33.80
CA GLN F 24 -3.39 -7.41 -33.08
C GLN F 24 -2.14 -6.81 -33.72
N PRO F 25 -2.19 -6.48 -35.01
CA PRO F 25 -1.06 -5.90 -35.71
C PRO F 25 -0.64 -4.57 -35.14
N GLU F 26 -1.58 -3.81 -34.58
CA GLU F 26 -1.32 -2.52 -33.97
C GLU F 26 -0.39 -2.71 -32.75
N ILE F 27 -0.53 -3.81 -32.03
CA ILE F 27 0.36 -4.08 -30.90
C ILE F 27 1.60 -4.89 -31.33
N TYR F 28 1.41 -5.96 -32.06
CA TYR F 28 2.47 -6.92 -32.39
C TYR F 28 2.97 -6.94 -33.80
N GLY F 29 2.41 -6.15 -34.71
CA GLY F 29 2.93 -6.16 -36.07
C GLY F 29 2.29 -7.31 -36.89
N SER F 30 2.62 -7.36 -38.17
CA SER F 30 2.10 -8.33 -39.09
C SER F 30 3.12 -9.37 -39.50
N ASP F 31 4.30 -9.38 -38.90
CA ASP F 31 5.30 -10.40 -39.21
C ASP F 31 4.99 -11.63 -38.37
N THR F 32 5.33 -12.80 -38.95
CA THR F 32 5.15 -14.04 -38.19
C THR F 32 6.41 -14.36 -37.42
N LEU F 33 6.35 -15.40 -36.59
CA LEU F 33 7.57 -15.81 -35.86
C LEU F 33 8.62 -16.29 -36.83
N ALA F 34 8.21 -16.93 -37.94
CA ALA F 34 9.19 -17.36 -38.94
C ALA F 34 9.89 -16.14 -39.53
N ASP F 35 9.15 -15.07 -39.79
CA ASP F 35 9.76 -13.82 -40.30
C ASP F 35 10.79 -13.26 -39.31
N VAL F 36 10.42 -13.29 -38.01
CA VAL F 36 11.36 -12.86 -36.99
C VAL F 36 12.63 -13.71 -37.01
N GLU F 37 12.46 -15.03 -37.12
CA GLU F 37 13.62 -15.91 -37.14
C GLU F 37 14.53 -15.55 -38.29
N ALA F 38 14.03 -15.33 -39.47
CA ALA F 38 14.80 -14.92 -40.63
C ALA F 38 15.54 -13.60 -40.37
N LEU F 39 14.91 -12.63 -39.70
CA LEU F 39 15.59 -11.41 -39.33
C LEU F 39 16.82 -11.70 -38.47
N CYS F 40 16.64 -12.58 -37.52
CA CYS F 40 17.67 -12.96 -36.58
C CYS F 40 18.83 -13.67 -37.29
N VAL F 41 18.50 -14.59 -38.18
CA VAL F 41 19.49 -15.33 -38.94
C VAL F 41 20.35 -14.34 -39.72
N LYS F 42 19.76 -13.36 -40.36
CA LYS F 42 20.50 -12.35 -41.12
C LYS F 42 21.40 -11.48 -40.25
N ALA F 43 20.87 -11.01 -39.10
CA ALA F 43 21.66 -10.18 -38.22
C ALA F 43 22.83 -10.95 -37.66
N ALA F 44 22.66 -12.22 -37.26
CA ALA F 44 23.79 -12.97 -36.75
C ALA F 44 24.84 -13.24 -37.82
N ALA F 45 24.37 -13.49 -39.03
CA ALA F 45 25.30 -13.84 -40.11
C ALA F 45 26.21 -12.67 -40.43
N ALA F 46 25.76 -11.44 -40.28
CA ALA F 46 26.61 -10.28 -40.51
C ALA F 46 27.74 -10.26 -39.48
N HIS F 47 27.70 -11.01 -38.39
CA HIS F 47 28.72 -11.09 -37.39
C HIS F 47 29.44 -12.41 -37.41
N GLY F 48 29.24 -13.26 -38.39
CA GLY F 48 29.83 -14.57 -38.50
C GLY F 48 29.15 -15.56 -37.57
N GLY F 49 27.94 -15.30 -37.08
CA GLY F 49 27.30 -16.19 -36.15
C GLY F 49 26.09 -16.88 -36.72
N THR F 50 25.41 -17.66 -35.88
CA THR F 50 24.23 -18.39 -36.21
C THR F 50 23.27 -18.31 -34.98
N VAL F 51 22.03 -18.65 -35.25
CA VAL F 51 21.00 -18.62 -34.19
C VAL F 51 20.30 -19.96 -34.06
N ASP F 52 19.83 -20.23 -32.87
CA ASP F 52 19.04 -21.42 -32.53
C ASP F 52 17.70 -20.86 -31.98
N PHE F 53 16.71 -20.74 -32.84
CA PHE F 53 15.45 -20.04 -32.55
C PHE F 53 14.36 -20.96 -32.07
N ARG F 54 13.75 -20.72 -30.90
CA ARG F 54 12.76 -21.65 -30.37
C ARG F 54 11.56 -20.93 -29.72
N GLN F 55 10.45 -21.62 -29.60
CA GLN F 55 9.23 -21.06 -28.97
C GLN F 55 8.56 -22.18 -28.16
N SER F 56 8.06 -21.87 -26.96
CA SER F 56 7.28 -22.81 -26.23
C SER F 56 6.26 -22.10 -25.35
N ASN F 57 5.18 -22.78 -25.06
CA ASN F 57 4.16 -22.30 -24.14
C ASN F 57 4.36 -22.75 -22.71
N HIS F 58 5.42 -23.55 -22.49
CA HIS F 58 5.68 -24.20 -21.22
C HIS F 58 6.83 -23.56 -20.46
N GLU F 59 6.55 -23.20 -19.22
CA GLU F 59 7.58 -22.54 -18.40
C GLU F 59 8.77 -23.46 -18.17
N GLY F 60 8.57 -24.70 -17.78
CA GLY F 60 9.59 -25.68 -17.56
C GLY F 60 10.49 -25.97 -18.74
N GLU F 61 9.84 -25.97 -19.92
CA GLU F 61 10.62 -26.19 -21.17
C GLU F 61 11.57 -25.05 -21.41
N LEU F 62 11.09 -23.80 -21.18
CA LEU F 62 11.99 -22.64 -21.29
C LEU F 62 13.15 -22.78 -20.31
N VAL F 63 12.86 -23.24 -19.08
CA VAL F 63 13.89 -23.46 -18.09
C VAL F 63 14.92 -24.47 -18.64
N ASP F 64 14.41 -25.58 -19.18
CA ASP F 64 15.32 -26.58 -19.74
C ASP F 64 16.24 -26.05 -20.83
N TRP F 65 15.65 -25.24 -21.72
CA TRP F 65 16.37 -24.62 -22.81
C TRP F 65 17.40 -23.60 -22.36
N ILE F 66 17.11 -22.89 -21.28
CA ILE F 66 18.10 -21.98 -20.69
C ILE F 66 19.29 -22.77 -20.17
N HIS F 67 19.07 -23.88 -19.46
CA HIS F 67 20.18 -24.75 -19.02
C HIS F 67 20.99 -25.26 -20.23
N GLU F 68 20.34 -25.60 -21.33
CA GLU F 68 21.05 -26.04 -22.53
C GLU F 68 21.95 -24.92 -23.05
N ALA F 69 21.41 -23.69 -23.13
CA ALA F 69 22.14 -22.55 -23.63
C ALA F 69 23.37 -22.27 -22.75
N ARG F 70 23.17 -22.42 -21.44
CA ARG F 70 24.24 -22.18 -20.47
C ARG F 70 25.48 -22.99 -20.89
N LEU F 71 25.28 -24.21 -21.34
CA LEU F 71 26.46 -24.99 -21.73
C LEU F 71 26.82 -24.95 -23.20
N ASN F 72 25.95 -24.62 -24.11
CA ASN F 72 26.19 -24.78 -25.54
C ASN F 72 26.13 -23.56 -26.43
N HIS F 73 25.66 -22.44 -25.94
CA HIS F 73 25.43 -21.27 -26.76
C HIS F 73 26.25 -20.07 -26.32
N CYS F 74 26.35 -19.06 -27.19
CA CYS F 74 27.12 -17.87 -26.83
C CYS F 74 26.35 -16.73 -26.16
N GLY F 75 25.06 -16.85 -26.05
CA GLY F 75 24.21 -15.83 -25.43
C GLY F 75 22.77 -16.26 -25.63
N ILE F 76 21.90 -15.46 -24.95
CA ILE F 76 20.48 -15.69 -25.04
C ILE F 76 19.73 -14.36 -25.34
N VAL F 77 18.92 -14.38 -26.37
CA VAL F 77 17.95 -13.32 -26.61
C VAL F 77 16.61 -13.90 -26.20
N ILE F 78 15.84 -13.31 -25.26
CA ILE F 78 14.62 -13.97 -24.85
C ILE F 78 13.42 -12.98 -24.78
N ASN F 79 12.35 -13.41 -25.38
CA ASN F 79 11.06 -12.67 -25.22
C ASN F 79 10.26 -13.65 -24.40
N PRO F 80 10.20 -13.52 -23.06
CA PRO F 80 9.50 -14.42 -22.19
C PRO F 80 7.99 -14.37 -22.27
N ALA F 81 7.44 -13.42 -22.99
CA ALA F 81 5.98 -13.22 -23.15
C ALA F 81 5.34 -13.13 -21.78
N ALA F 82 4.19 -13.82 -21.57
CA ALA F 82 3.53 -13.67 -20.27
C ALA F 82 4.40 -14.10 -19.08
N TYR F 83 5.32 -15.06 -19.27
CA TYR F 83 6.17 -15.49 -18.19
C TYR F 83 7.14 -14.42 -17.72
N SER F 84 7.33 -13.35 -18.48
CA SER F 84 8.13 -12.24 -18.04
C SER F 84 7.59 -11.76 -16.65
N HIS F 85 6.27 -11.77 -16.55
CA HIS F 85 5.58 -11.18 -15.43
C HIS F 85 5.32 -12.09 -14.26
N THR F 86 5.46 -13.41 -14.40
CA THR F 86 5.07 -14.36 -13.40
C THR F 86 6.20 -15.34 -13.04
N SER F 87 7.22 -15.52 -13.92
CA SER F 87 8.16 -16.60 -13.70
C SER F 87 9.48 -16.36 -13.00
N VAL F 88 9.41 -16.57 -11.64
CA VAL F 88 10.65 -16.60 -10.88
C VAL F 88 11.51 -17.75 -11.41
N ALA F 89 10.86 -18.88 -11.79
CA ALA F 89 11.67 -20.00 -12.33
C ALA F 89 12.57 -19.67 -13.46
N ILE F 90 12.04 -18.89 -14.44
CA ILE F 90 12.88 -18.49 -15.58
C ILE F 90 13.97 -17.52 -15.17
N LEU F 91 13.66 -16.57 -14.25
CA LEU F 91 14.72 -15.74 -13.70
C LEU F 91 15.83 -16.57 -13.06
N ASP F 92 15.44 -17.56 -12.26
CA ASP F 92 16.42 -18.43 -11.59
C ASP F 92 17.21 -19.21 -12.61
N ALA F 93 16.61 -19.66 -13.74
CA ALA F 93 17.37 -20.35 -14.77
C ALA F 93 18.42 -19.45 -15.41
N LEU F 94 17.98 -18.20 -15.75
CA LEU F 94 18.93 -17.25 -16.27
C LEU F 94 20.03 -16.90 -15.29
N ASN F 95 19.78 -16.87 -13.99
CA ASN F 95 20.82 -16.61 -13.00
C ASN F 95 21.86 -17.75 -13.01
N THR F 96 21.55 -18.94 -13.52
CA THR F 96 22.58 -19.99 -13.56
C THR F 96 23.54 -19.79 -14.72
N CYS F 97 23.31 -18.80 -15.59
CA CYS F 97 24.13 -18.59 -16.77
C CYS F 97 25.22 -17.57 -16.52
N ASP F 98 26.02 -17.86 -15.45
CA ASP F 98 27.08 -16.96 -15.02
C ASP F 98 27.94 -16.50 -16.18
N GLY F 99 28.01 -15.19 -16.38
CA GLY F 99 28.85 -14.65 -17.43
C GLY F 99 28.28 -14.72 -18.83
N LEU F 100 27.15 -15.32 -19.08
CA LEU F 100 26.57 -15.39 -20.42
C LEU F 100 25.75 -14.14 -20.72
N PRO F 101 25.97 -13.49 -21.85
CA PRO F 101 25.21 -12.32 -22.21
C PRO F 101 23.73 -12.71 -22.40
N VAL F 102 22.84 -11.93 -21.84
CA VAL F 102 21.40 -12.14 -21.91
C VAL F 102 20.67 -10.80 -22.27
N VAL F 103 19.82 -10.83 -23.30
CA VAL F 103 19.06 -9.62 -23.66
C VAL F 103 17.59 -10.01 -23.70
N GLU F 104 16.76 -9.23 -23.01
CA GLU F 104 15.33 -9.42 -22.95
C GLU F 104 14.68 -8.51 -24.00
N VAL F 105 13.73 -9.07 -24.74
CA VAL F 105 13.03 -8.32 -25.78
C VAL F 105 11.52 -8.42 -25.64
N HIS F 106 10.86 -7.26 -25.75
CA HIS F 106 9.38 -7.23 -25.78
C HIS F 106 9.02 -6.46 -27.07
N ILE F 107 8.21 -7.02 -27.92
CA ILE F 107 7.81 -6.34 -29.18
C ILE F 107 7.04 -5.09 -28.83
N SER F 108 6.12 -5.23 -27.88
CA SER F 108 5.29 -4.12 -27.41
C SER F 108 5.96 -3.34 -26.30
N ASN F 109 5.47 -2.09 -26.12
CA ASN F 109 5.97 -1.24 -25.06
C ASN F 109 5.18 -1.57 -23.81
N ILE F 110 5.63 -2.61 -23.07
CA ILE F 110 4.96 -3.05 -21.87
C ILE F 110 4.65 -1.91 -20.87
N HIS F 111 5.43 -0.86 -20.82
CA HIS F 111 5.15 0.28 -19.91
C HIS F 111 3.95 1.09 -20.23
N GLN F 112 3.35 1.01 -21.39
CA GLN F 112 2.13 1.67 -21.78
C GLN F 112 0.93 0.80 -21.59
N ARG F 113 1.15 -0.49 -21.22
CA ARG F 113 0.02 -1.38 -21.16
C ARG F 113 -0.49 -1.60 -19.73
N GLU F 114 -1.19 -2.71 -19.49
CA GLU F 114 -1.80 -2.96 -18.19
C GLU F 114 -0.71 -2.97 -17.13
N PRO F 115 -1.00 -2.54 -15.91
CA PRO F 115 -0.04 -2.51 -14.84
C PRO F 115 0.60 -3.85 -14.52
N PHE F 116 -0.09 -4.98 -14.71
CA PHE F 116 0.49 -6.26 -14.48
C PHE F 116 1.61 -6.54 -15.50
N ARG F 117 1.69 -5.87 -16.64
CA ARG F 117 2.83 -6.04 -17.55
C ARG F 117 4.01 -5.14 -17.21
N HIS F 118 3.93 -4.28 -16.23
CA HIS F 118 5.00 -3.29 -16.00
C HIS F 118 6.26 -3.91 -15.42
N HIS F 119 6.08 -4.95 -14.64
CA HIS F 119 7.21 -5.59 -13.97
C HIS F 119 7.55 -6.89 -14.69
N SER F 120 8.85 -7.06 -14.90
CA SER F 120 9.34 -8.33 -15.44
C SER F 120 10.41 -8.88 -14.51
N TYR F 121 10.30 -10.15 -14.11
CA TYR F 121 11.28 -10.84 -13.32
C TYR F 121 12.58 -11.04 -14.13
N VAL F 122 12.50 -11.16 -15.43
CA VAL F 122 13.68 -11.36 -16.27
C VAL F 122 14.59 -10.18 -16.33
N SER F 123 14.06 -8.96 -16.23
CA SER F 123 14.80 -7.71 -16.23
C SER F 123 15.83 -7.58 -15.11
N GLN F 124 15.61 -8.27 -14.01
CA GLN F 124 16.56 -8.37 -12.91
C GLN F 124 17.88 -9.04 -13.30
N ARG F 125 17.94 -9.92 -14.27
CA ARG F 125 19.12 -10.64 -14.68
C ARG F 125 19.55 -10.22 -16.07
N ALA F 126 18.62 -9.95 -16.99
CA ALA F 126 19.02 -9.58 -18.33
C ALA F 126 20.02 -8.40 -18.32
N ASP F 127 21.01 -8.49 -19.15
CA ASP F 127 22.02 -7.44 -19.29
C ASP F 127 21.27 -6.20 -19.80
N GLY F 128 20.53 -6.36 -20.85
CA GLY F 128 19.86 -5.29 -21.61
C GLY F 128 18.42 -5.70 -21.81
N VAL F 129 17.52 -4.72 -21.88
CA VAL F 129 16.12 -4.95 -22.05
C VAL F 129 15.64 -3.97 -23.13
N VAL F 130 15.07 -4.54 -24.19
CA VAL F 130 14.54 -3.75 -25.29
C VAL F 130 13.03 -3.90 -25.36
N ALA F 131 12.24 -2.83 -25.32
CA ALA F 131 10.79 -2.96 -25.37
C ALA F 131 10.18 -1.89 -26.32
N GLY F 132 9.17 -2.30 -27.02
CA GLY F 132 8.41 -1.37 -27.88
C GLY F 132 9.13 -1.00 -29.18
N CYS F 133 10.15 -1.73 -29.54
CA CYS F 133 10.86 -1.53 -30.80
C CYS F 133 10.43 -2.49 -31.88
N GLY F 134 9.26 -3.09 -31.74
CA GLY F 134 8.71 -4.03 -32.67
C GLY F 134 9.58 -5.29 -32.75
N VAL F 135 9.41 -5.99 -33.91
CA VAL F 135 10.27 -7.16 -34.11
C VAL F 135 11.71 -6.77 -34.35
N GLN F 136 11.98 -5.50 -34.68
CA GLN F 136 13.32 -4.97 -34.81
C GLN F 136 14.09 -5.12 -33.51
N GLY F 137 13.38 -5.13 -32.36
CA GLY F 137 14.08 -5.32 -31.09
C GLY F 137 14.84 -6.65 -31.03
N TYR F 138 14.41 -7.69 -31.77
CA TYR F 138 15.20 -8.94 -31.79
C TYR F 138 16.54 -8.73 -32.48
N VAL F 139 16.56 -7.89 -33.51
CA VAL F 139 17.79 -7.56 -34.21
C VAL F 139 18.73 -6.78 -33.28
N PHE F 140 18.14 -5.87 -32.50
CA PHE F 140 18.96 -5.15 -31.51
C PHE F 140 19.52 -6.18 -30.50
N GLY F 141 18.69 -7.15 -30.10
CA GLY F 141 19.17 -8.18 -29.17
C GLY F 141 20.40 -8.93 -29.71
N VAL F 142 20.27 -9.34 -30.95
CA VAL F 142 21.40 -10.11 -31.60
C VAL F 142 22.62 -9.17 -31.63
N GLU F 143 22.46 -7.94 -32.10
CA GLU F 143 23.61 -7.03 -32.14
C GLU F 143 24.26 -6.85 -30.77
N ARG F 144 23.51 -6.73 -29.68
CA ARG F 144 24.05 -6.53 -28.37
C ARG F 144 24.82 -7.78 -27.92
N ILE F 145 24.28 -8.95 -28.15
CA ILE F 145 24.96 -10.21 -27.83
C ILE F 145 26.29 -10.24 -28.60
N ALA F 146 26.25 -9.89 -29.89
CA ALA F 146 27.51 -9.88 -30.67
C ALA F 146 28.51 -8.95 -30.01
N ALA F 147 28.14 -7.74 -29.60
CA ALA F 147 29.05 -6.82 -28.92
C ALA F 147 29.55 -7.36 -27.59
N LEU F 148 28.72 -8.05 -26.81
CA LEU F 148 29.12 -8.55 -25.51
C LEU F 148 29.98 -9.81 -25.63
N ALA F 149 29.72 -10.63 -26.61
CA ALA F 149 30.53 -11.84 -26.84
C ALA F 149 31.89 -11.42 -27.32
N GLY F 150 32.04 -10.25 -27.93
CA GLY F 150 33.31 -9.66 -28.32
C GLY F 150 34.06 -8.86 -27.27
N ARG G 2 -3.09 43.98 -1.92
CA ARG G 2 -3.62 45.11 -2.72
C ARG G 2 -5.01 44.94 -3.31
N SER G 3 -5.57 46.10 -3.75
CA SER G 3 -6.83 46.05 -4.47
C SER G 3 -6.57 45.81 -5.97
N LEU G 4 -7.62 45.54 -6.74
CA LEU G 4 -7.50 45.43 -8.19
C LEU G 4 -7.07 46.75 -8.84
N ALA G 5 -7.55 47.84 -8.23
CA ALA G 5 -7.22 49.15 -8.80
C ALA G 5 -5.71 49.44 -8.66
N ASN G 6 -5.12 48.95 -7.57
CA ASN G 6 -3.73 49.27 -7.29
C ASN G 6 -2.67 48.39 -7.94
N ALA G 7 -3.03 47.17 -8.35
CA ALA G 7 -2.00 46.31 -8.95
C ALA G 7 -2.69 45.24 -9.81
N PRO G 8 -1.94 44.72 -10.77
CA PRO G 8 -2.47 43.68 -11.62
C PRO G 8 -2.56 42.33 -10.92
N ILE G 9 -3.43 41.50 -11.46
CA ILE G 9 -3.53 40.08 -11.10
C ILE G 9 -2.47 39.32 -11.91
N MET G 10 -1.58 38.62 -11.26
CA MET G 10 -0.58 37.81 -11.99
C MET G 10 -1.25 36.52 -12.47
N ILE G 11 -1.15 36.22 -13.78
CA ILE G 11 -1.75 34.97 -14.28
C ILE G 11 -0.60 34.14 -14.82
N LEU G 12 -0.29 33.02 -14.13
CA LEU G 12 0.85 32.22 -14.50
C LEU G 12 0.47 30.89 -15.12
N ASN G 13 1.19 30.53 -16.17
CA ASN G 13 0.99 29.30 -16.90
C ASN G 13 2.28 28.49 -16.95
N GLY G 14 2.16 27.20 -16.59
CA GLY G 14 3.27 26.27 -16.61
C GLY G 14 3.57 25.62 -17.94
N PRO G 15 4.36 24.53 -17.90
CA PRO G 15 4.99 24.03 -19.11
C PRO G 15 4.02 23.53 -20.14
N ASN G 16 4.39 23.59 -21.41
CA ASN G 16 3.67 23.14 -22.55
C ASN G 16 2.43 23.95 -22.93
N LEU G 17 1.98 24.89 -22.09
CA LEU G 17 0.83 25.74 -22.36
C LEU G 17 1.09 26.78 -23.45
N ASN G 18 2.33 26.96 -23.85
CA ASN G 18 2.67 27.78 -25.01
C ASN G 18 2.05 27.19 -26.27
N LEU G 19 1.78 25.87 -26.34
CA LEU G 19 1.19 25.21 -27.43
C LEU G 19 -0.29 24.96 -27.35
N LEU G 20 -0.95 25.60 -26.36
CA LEU G 20 -2.38 25.48 -26.25
C LEU G 20 -3.09 25.84 -27.57
N GLY G 21 -4.08 24.99 -27.93
CA GLY G 21 -4.87 25.27 -29.12
C GLY G 21 -4.27 24.68 -30.38
N GLN G 22 -3.04 24.23 -30.32
CA GLN G 22 -2.40 23.69 -31.51
C GLN G 22 -2.61 22.20 -31.66
N ARG G 23 -3.23 21.54 -30.69
CA ARG G 23 -3.49 20.11 -30.74
C ARG G 23 -4.40 19.69 -29.59
N GLN G 24 -4.90 18.45 -29.61
CA GLN G 24 -5.76 17.93 -28.58
C GLN G 24 -6.91 18.83 -28.19
N PRO G 25 -7.68 19.29 -29.15
CA PRO G 25 -8.81 20.16 -28.88
C PRO G 25 -9.87 19.53 -28.01
N GLU G 26 -10.04 18.22 -28.08
CA GLU G 26 -10.99 17.49 -27.26
C GLU G 26 -10.60 17.60 -25.77
N ILE G 27 -9.31 17.67 -25.48
CA ILE G 27 -8.90 17.87 -24.09
C ILE G 27 -8.73 19.36 -23.75
N TYR G 28 -7.97 20.09 -24.56
CA TYR G 28 -7.66 21.48 -24.26
C TYR G 28 -8.36 22.59 -25.00
N GLY G 29 -9.20 22.30 -25.98
CA GLY G 29 -9.91 23.36 -26.70
C GLY G 29 -9.07 23.89 -27.86
N SER G 30 -9.68 24.77 -28.66
CA SER G 30 -9.02 25.34 -29.82
C SER G 30 -8.54 26.77 -29.63
N ASP G 31 -8.71 27.33 -28.45
CA ASP G 31 -8.19 28.65 -28.15
C ASP G 31 -6.69 28.58 -27.89
N THR G 32 -5.95 29.56 -28.31
CA THR G 32 -4.53 29.65 -28.09
C THR G 32 -4.29 30.29 -26.72
N LEU G 33 -3.00 30.29 -26.33
CA LEU G 33 -2.71 30.99 -25.07
C LEU G 33 -2.93 32.49 -25.22
N ALA G 34 -2.67 33.02 -26.42
CA ALA G 34 -2.96 34.47 -26.63
C ALA G 34 -4.45 34.71 -26.47
N ASP G 35 -5.27 33.82 -27.00
CA ASP G 35 -6.72 33.95 -26.80
C ASP G 35 -7.08 34.00 -25.30
N VAL G 36 -6.49 33.07 -24.52
CA VAL G 36 -6.76 33.07 -23.09
C VAL G 36 -6.34 34.38 -22.42
N GLU G 37 -5.14 34.88 -22.77
CA GLU G 37 -4.73 36.17 -22.23
C GLU G 37 -5.78 37.28 -22.51
N ALA G 38 -6.30 37.30 -23.74
CA ALA G 38 -7.35 38.32 -24.03
C ALA G 38 -8.63 38.12 -23.24
N LEU G 39 -9.06 36.89 -22.98
CA LEU G 39 -10.21 36.61 -22.15
C LEU G 39 -9.93 37.18 -20.75
N CYS G 40 -8.70 36.94 -20.28
CA CYS G 40 -8.35 37.39 -18.94
C CYS G 40 -8.32 38.94 -18.75
N VAL G 41 -7.80 39.60 -19.74
CA VAL G 41 -7.75 41.09 -19.78
C VAL G 41 -9.20 41.60 -19.66
N LYS G 42 -10.11 41.04 -20.52
CA LYS G 42 -11.50 41.49 -20.43
C LYS G 42 -12.12 41.21 -19.08
N ALA G 43 -11.88 39.98 -18.59
CA ALA G 43 -12.50 39.60 -17.29
C ALA G 43 -12.05 40.51 -16.13
N ALA G 44 -10.74 40.83 -16.09
CA ALA G 44 -10.29 41.71 -15.04
C ALA G 44 -10.85 43.14 -15.27
N ALA G 45 -10.90 43.55 -16.52
CA ALA G 45 -11.40 44.93 -16.83
C ALA G 45 -12.80 45.17 -16.30
N ALA G 46 -13.60 44.05 -16.30
CA ALA G 46 -14.97 44.17 -15.80
C ALA G 46 -15.05 44.51 -14.33
N HIS G 47 -13.97 44.34 -13.58
CA HIS G 47 -13.85 44.74 -12.21
C HIS G 47 -12.88 45.92 -11.99
N GLY G 48 -12.48 46.59 -13.05
CA GLY G 48 -11.61 47.74 -13.01
C GLY G 48 -10.14 47.37 -12.92
N GLY G 49 -9.86 46.06 -13.07
CA GLY G 49 -8.47 45.62 -12.92
C GLY G 49 -7.76 45.26 -14.19
N THR G 50 -6.52 44.77 -14.06
CA THR G 50 -5.62 44.42 -15.10
C THR G 50 -4.90 43.06 -14.79
N VAL G 51 -4.35 42.48 -15.82
CA VAL G 51 -3.61 41.24 -15.61
C VAL G 51 -2.16 41.37 -16.08
N ASP G 52 -1.33 40.49 -15.56
CA ASP G 52 0.06 40.37 -15.97
C ASP G 52 0.19 38.86 -16.30
N PHE G 53 0.03 38.54 -17.55
CA PHE G 53 -0.10 37.16 -17.99
C PHE G 53 1.19 36.62 -18.53
N ARG G 54 1.63 35.46 -17.99
CA ARG G 54 2.95 34.92 -18.31
C ARG G 54 2.92 33.38 -18.46
N GLN G 55 3.93 32.88 -19.16
CA GLN G 55 4.03 31.41 -19.32
C GLN G 55 5.52 31.04 -19.27
N SER G 56 5.82 29.93 -18.63
CA SER G 56 7.18 29.41 -18.61
C SER G 56 7.18 27.88 -18.53
N ASN G 57 8.26 27.33 -19.10
CA ASN G 57 8.47 25.88 -18.97
C ASN G 57 9.41 25.51 -17.81
N HIS G 58 9.90 26.53 -17.06
CA HIS G 58 10.90 26.38 -16.05
C HIS G 58 10.32 26.56 -14.66
N GLU G 59 10.45 25.52 -13.83
CA GLU G 59 9.97 25.51 -12.48
C GLU G 59 10.48 26.68 -11.62
N GLY G 60 11.78 26.92 -11.68
CA GLY G 60 12.42 27.98 -10.94
C GLY G 60 11.97 29.35 -11.39
N GLU G 61 11.69 29.54 -12.67
CA GLU G 61 11.19 30.80 -13.17
C GLU G 61 9.80 31.07 -12.61
N LEU G 62 8.93 30.10 -12.58
CA LEU G 62 7.63 30.20 -11.94
C LEU G 62 7.77 30.62 -10.47
N VAL G 63 8.74 29.99 -9.77
CA VAL G 63 9.04 30.34 -8.40
C VAL G 63 9.40 31.83 -8.30
N ASP G 64 10.31 32.28 -9.15
CA ASP G 64 10.68 33.70 -9.13
C ASP G 64 9.47 34.60 -9.36
N TRP G 65 8.60 34.25 -10.31
CA TRP G 65 7.44 35.09 -10.63
C TRP G 65 6.47 35.11 -9.48
N ILE G 66 6.31 34.04 -8.71
CA ILE G 66 5.48 34.00 -7.53
C ILE G 66 6.03 34.95 -6.46
N HIS G 67 7.35 34.93 -6.27
CA HIS G 67 7.95 35.87 -5.34
C HIS G 67 7.69 37.33 -5.80
N GLU G 68 7.70 37.54 -7.11
CA GLU G 68 7.45 38.89 -7.62
C GLU G 68 6.01 39.30 -7.30
N ALA G 69 5.09 38.38 -7.58
CA ALA G 69 3.67 38.61 -7.32
C ALA G 69 3.37 38.93 -5.87
N ARG G 70 4.07 38.23 -4.99
CA ARG G 70 3.99 38.37 -3.55
C ARG G 70 4.16 39.86 -3.21
N LEU G 71 5.07 40.54 -3.90
CA LEU G 71 5.28 41.95 -3.54
C LEU G 71 4.53 42.95 -4.39
N ASN G 72 4.21 42.64 -5.64
CA ASN G 72 3.69 43.65 -6.56
C ASN G 72 2.30 43.41 -7.16
N HIS G 73 1.63 42.32 -6.86
CA HIS G 73 0.38 41.97 -7.51
C HIS G 73 -0.76 41.79 -6.54
N CYS G 74 -2.01 41.83 -6.95
CA CYS G 74 -3.12 41.69 -6.04
C CYS G 74 -3.61 40.26 -5.89
N GLY G 75 -3.08 39.32 -6.62
CA GLY G 75 -3.51 37.92 -6.54
C GLY G 75 -2.78 37.15 -7.66
N ILE G 76 -2.91 35.83 -7.57
CA ILE G 76 -2.32 34.93 -8.52
C ILE G 76 -3.40 33.95 -8.99
N VAL G 77 -3.55 33.83 -10.28
CA VAL G 77 -4.34 32.80 -10.93
C VAL G 77 -3.25 31.89 -11.57
N ILE G 78 -3.17 30.63 -11.22
CA ILE G 78 -2.14 29.77 -11.78
C ILE G 78 -2.64 28.45 -12.33
N ASN G 79 -2.18 28.18 -13.57
CA ASN G 79 -2.34 26.89 -14.22
C ASN G 79 -0.93 26.31 -14.21
N PRO G 80 -0.59 25.48 -13.22
CA PRO G 80 0.78 24.94 -13.08
C PRO G 80 1.18 23.90 -14.07
N ALA G 81 0.19 23.44 -14.82
CA ALA G 81 0.37 22.37 -15.82
C ALA G 81 1.02 21.16 -15.17
N ALA G 82 2.03 20.56 -15.84
CA ALA G 82 2.69 19.38 -15.26
C ALA G 82 3.29 19.57 -13.88
N TYR G 83 3.76 20.78 -13.54
CA TYR G 83 4.33 21.07 -12.25
C TYR G 83 3.28 20.97 -11.15
N SER G 84 2.00 20.99 -11.48
CA SER G 84 0.97 20.76 -10.45
C SER G 84 1.23 19.46 -9.68
N HIS G 85 1.64 18.44 -10.43
CA HIS G 85 1.79 17.11 -9.88
C HIS G 85 3.14 16.83 -9.28
N THR G 86 4.16 17.63 -9.59
CA THR G 86 5.51 17.35 -9.16
C THR G 86 6.18 18.39 -8.28
N SER G 87 5.69 19.64 -8.31
CA SER G 87 6.47 20.70 -7.70
C SER G 87 6.13 21.14 -6.28
N VAL G 88 6.92 20.62 -5.37
CA VAL G 88 6.90 21.08 -3.99
C VAL G 88 7.43 22.50 -3.94
N ALA G 89 8.38 22.79 -4.83
CA ALA G 89 9.02 24.11 -4.85
C ALA G 89 7.96 25.19 -5.16
N ILE G 90 7.04 24.94 -6.10
CA ILE G 90 6.04 25.95 -6.43
C ILE G 90 5.03 26.09 -5.29
N LEU G 91 4.67 24.99 -4.62
CA LEU G 91 3.83 24.99 -3.44
C LEU G 91 4.48 25.88 -2.37
N ASP G 92 5.74 25.68 -2.15
CA ASP G 92 6.52 26.45 -1.16
C ASP G 92 6.59 27.93 -1.53
N ALA G 93 6.72 28.28 -2.79
CA ALA G 93 6.66 29.65 -3.22
C ALA G 93 5.28 30.27 -2.92
N LEU G 94 4.22 29.54 -3.28
CA LEU G 94 2.87 30.10 -2.96
C LEU G 94 2.61 30.25 -1.47
N ASN G 95 3.19 29.40 -0.63
CA ASN G 95 3.09 29.48 0.80
C ASN G 95 3.77 30.75 1.32
N THR G 96 4.73 31.33 0.63
CA THR G 96 5.29 32.61 1.06
C THR G 96 4.37 33.81 0.83
N CYS G 97 3.30 33.68 0.10
CA CYS G 97 2.36 34.74 -0.27
C CYS G 97 1.25 34.87 0.74
N ASP G 98 1.64 35.09 1.99
CA ASP G 98 0.74 35.20 3.13
C ASP G 98 -0.35 36.23 2.87
N GLY G 99 -1.59 35.82 2.95
CA GLY G 99 -2.73 36.68 2.74
C GLY G 99 -3.06 36.97 1.28
N LEU G 100 -2.30 36.59 0.28
CA LEU G 100 -2.57 36.90 -1.11
C LEU G 100 -3.50 35.86 -1.72
N PRO G 101 -4.60 36.27 -2.33
CA PRO G 101 -5.51 35.31 -2.97
C PRO G 101 -4.80 34.57 -4.10
N VAL G 102 -5.01 33.25 -4.13
CA VAL G 102 -4.49 32.33 -5.08
C VAL G 102 -5.56 31.39 -5.58
N VAL G 103 -5.74 31.31 -6.87
CA VAL G 103 -6.68 30.38 -7.47
C VAL G 103 -5.98 29.51 -8.52
N GLU G 104 -6.11 28.18 -8.41
CA GLU G 104 -5.55 27.21 -9.29
C GLU G 104 -6.55 26.84 -10.38
N VAL G 105 -6.07 26.78 -11.64
CA VAL G 105 -6.94 26.46 -12.75
C VAL G 105 -6.34 25.32 -13.62
N HIS G 106 -7.18 24.30 -13.91
CA HIS G 106 -6.84 23.28 -14.90
C HIS G 106 -7.90 23.34 -16.00
N ILE G 107 -7.50 23.46 -17.25
CA ILE G 107 -8.44 23.45 -18.35
C ILE G 107 -9.24 22.14 -18.39
N SER G 108 -8.49 21.05 -18.28
CA SER G 108 -8.99 19.70 -18.30
C SER G 108 -9.42 19.22 -16.92
N ASN G 109 -10.30 18.21 -16.90
CA ASN G 109 -10.75 17.64 -15.66
C ASN G 109 -9.74 16.56 -15.30
N ILE G 110 -8.71 17.00 -14.54
CA ILE G 110 -7.62 16.10 -14.16
C ILE G 110 -8.09 14.85 -13.46
N HIS G 111 -9.24 14.88 -12.78
CA HIS G 111 -9.79 13.74 -12.06
C HIS G 111 -10.28 12.63 -12.99
N GLN G 112 -10.44 12.85 -14.25
CA GLN G 112 -10.86 11.88 -15.22
C GLN G 112 -9.65 11.33 -15.98
N ARG G 113 -8.46 11.83 -15.63
CA ARG G 113 -7.30 11.46 -16.42
C ARG G 113 -6.40 10.45 -15.69
N GLU G 114 -5.15 10.31 -16.12
CA GLU G 114 -4.26 9.35 -15.47
C GLU G 114 -4.13 9.62 -13.98
N PRO G 115 -3.95 8.58 -13.15
CA PRO G 115 -3.84 8.71 -11.74
C PRO G 115 -2.73 9.67 -11.30
N PHE G 116 -1.65 9.82 -12.05
CA PHE G 116 -0.58 10.73 -11.66
C PHE G 116 -1.05 12.19 -11.78
N ARG G 117 -2.12 12.49 -12.46
CA ARG G 117 -2.68 13.83 -12.53
C ARG G 117 -3.72 14.10 -11.40
N HIS G 118 -4.07 13.10 -10.63
CA HIS G 118 -5.10 13.30 -9.60
C HIS G 118 -4.71 14.18 -8.44
N HIS G 119 -3.44 14.16 -8.05
CA HIS G 119 -2.93 14.96 -6.99
C HIS G 119 -2.19 16.21 -7.50
N SER G 120 -2.45 17.30 -6.83
CA SER G 120 -1.83 18.59 -7.08
C SER G 120 -1.23 19.14 -5.82
N TYR G 121 0.07 19.42 -5.78
CA TYR G 121 0.69 20.06 -4.64
C TYR G 121 0.15 21.48 -4.47
N VAL G 122 -0.15 22.12 -5.62
CA VAL G 122 -0.64 23.52 -5.53
C VAL G 122 -1.97 23.62 -4.80
N SER G 123 -2.79 22.58 -4.86
CA SER G 123 -4.11 22.60 -4.26
C SER G 123 -4.07 22.73 -2.73
N GLN G 124 -2.94 22.34 -2.12
CA GLN G 124 -2.78 22.49 -0.68
C GLN G 124 -2.70 23.93 -0.23
N ARG G 125 -2.33 24.88 -1.07
CA ARG G 125 -2.26 26.28 -0.78
C ARG G 125 -3.31 27.10 -1.52
N ALA G 126 -3.65 26.82 -2.74
CA ALA G 126 -4.60 27.61 -3.45
C ALA G 126 -5.88 27.74 -2.63
N ASP G 127 -6.43 28.93 -2.61
CA ASP G 127 -7.71 29.18 -1.95
C ASP G 127 -8.78 28.36 -2.66
N GLY G 128 -8.90 28.46 -3.94
CA GLY G 128 -9.86 27.86 -4.84
C GLY G 128 -9.16 27.13 -5.98
N VAL G 129 -9.76 26.03 -6.40
CA VAL G 129 -9.29 25.20 -7.47
C VAL G 129 -10.43 24.98 -8.46
N VAL G 130 -10.27 25.27 -9.70
CA VAL G 130 -11.21 25.11 -10.79
C VAL G 130 -10.62 24.12 -11.81
N ALA G 131 -11.29 23.02 -12.03
CA ALA G 131 -10.83 22.04 -13.01
C ALA G 131 -11.91 21.62 -14.01
N GLY G 132 -11.52 21.42 -15.24
CA GLY G 132 -12.50 20.93 -16.24
C GLY G 132 -13.56 21.90 -16.68
N CYS G 133 -13.39 23.22 -16.51
CA CYS G 133 -14.27 24.24 -16.97
C CYS G 133 -13.71 24.90 -18.23
N GLY G 134 -12.75 24.28 -18.86
CA GLY G 134 -12.16 24.82 -20.07
C GLY G 134 -11.37 26.10 -19.80
N VAL G 135 -11.13 26.89 -20.84
CA VAL G 135 -10.43 28.16 -20.66
C VAL G 135 -11.32 29.13 -19.90
N GLN G 136 -12.63 28.86 -19.80
CA GLN G 136 -13.54 29.66 -18.99
C GLN G 136 -13.11 29.63 -17.54
N GLY G 137 -12.42 28.57 -17.07
CA GLY G 137 -11.94 28.49 -15.72
C GLY G 137 -10.97 29.64 -15.41
N TYR G 138 -10.30 30.21 -16.39
CA TYR G 138 -9.43 31.34 -16.14
C TYR G 138 -10.26 32.59 -15.74
N VAL G 139 -11.43 32.70 -16.39
CA VAL G 139 -12.33 33.81 -16.08
C VAL G 139 -12.85 33.64 -14.66
N PHE G 140 -13.25 32.40 -14.30
CA PHE G 140 -13.65 32.12 -12.95
C PHE G 140 -12.54 32.47 -11.95
N GLY G 141 -11.29 32.15 -12.31
CA GLY G 141 -10.22 32.49 -11.38
C GLY G 141 -10.14 34.01 -11.18
N VAL G 142 -10.20 34.76 -12.27
CA VAL G 142 -10.17 36.24 -12.15
C VAL G 142 -11.33 36.76 -11.30
N GLU G 143 -12.49 36.22 -11.51
CA GLU G 143 -13.68 36.60 -10.72
C GLU G 143 -13.51 36.32 -9.25
N ARG G 144 -12.92 35.15 -8.92
CA ARG G 144 -12.68 34.81 -7.51
C ARG G 144 -11.60 35.68 -6.90
N ILE G 145 -10.58 36.04 -7.65
CA ILE G 145 -9.56 36.96 -7.10
C ILE G 145 -10.26 38.32 -6.81
N ALA G 146 -11.06 38.77 -7.76
CA ALA G 146 -11.75 40.07 -7.59
C ALA G 146 -12.62 40.07 -6.35
N ALA G 147 -13.32 38.99 -6.09
CA ALA G 147 -14.15 38.87 -4.91
C ALA G 147 -13.31 38.82 -3.64
N LEU G 148 -12.22 38.11 -3.62
CA LEU G 148 -11.36 38.03 -2.46
C LEU G 148 -10.63 39.34 -2.20
N ALA G 149 -10.19 40.03 -3.22
CA ALA G 149 -9.45 41.26 -3.07
C ALA G 149 -10.36 42.36 -2.55
N GLY G 150 -11.58 42.36 -3.01
CA GLY G 150 -12.64 43.29 -2.75
C GLY G 150 -12.97 43.51 -1.28
N ARG H 2 8.57 14.38 -40.70
CA ARG H 2 9.71 14.62 -41.67
C ARG H 2 10.56 13.37 -41.94
N SER H 3 11.22 13.18 -43.08
CA SER H 3 12.10 12.06 -43.34
C SER H 3 13.49 12.30 -42.77
N LEU H 4 14.34 11.27 -42.74
CA LEU H 4 15.73 11.47 -42.34
C LEU H 4 16.50 12.37 -43.29
N ALA H 5 16.16 12.33 -44.56
CA ALA H 5 16.87 13.14 -45.55
C ALA H 5 16.55 14.62 -45.40
N ASN H 6 15.34 14.89 -44.92
CA ASN H 6 14.88 16.25 -44.78
C ASN H 6 15.25 16.98 -43.52
N ALA H 7 15.39 16.23 -42.42
CA ALA H 7 15.67 16.91 -41.16
C ALA H 7 16.46 16.00 -40.19
N PRO H 8 17.24 16.62 -39.34
CA PRO H 8 18.04 15.85 -38.38
C PRO H 8 17.17 15.15 -37.34
N ILE H 9 17.74 14.11 -36.73
CA ILE H 9 17.24 13.40 -35.59
C ILE H 9 17.72 14.17 -34.34
N MET H 10 16.80 14.58 -33.48
CA MET H 10 17.21 15.27 -32.24
C MET H 10 17.62 14.21 -31.24
N ILE H 11 18.80 14.28 -30.65
CA ILE H 11 19.34 13.38 -29.67
C ILE H 11 19.52 14.18 -28.37
N LEU H 12 18.64 13.92 -27.39
CA LEU H 12 18.64 14.71 -26.15
C LEU H 12 19.10 13.96 -24.91
N ASN H 13 19.98 14.63 -24.13
CA ASN H 13 20.55 14.01 -22.93
C ASN H 13 20.25 14.86 -21.71
N GLY H 14 19.75 14.25 -20.68
CA GLY H 14 19.38 14.86 -19.42
C GLY H 14 20.54 15.10 -18.48
N PRO H 15 20.23 15.42 -17.22
CA PRO H 15 21.19 15.89 -16.25
C PRO H 15 22.29 14.94 -15.95
N ASN H 16 23.48 15.50 -15.64
CA ASN H 16 24.65 14.73 -15.22
C ASN H 16 25.32 13.95 -16.33
N LEU H 17 24.68 13.79 -17.49
CA LEU H 17 25.33 13.08 -18.61
C LEU H 17 26.52 13.85 -19.21
N ASN H 18 26.66 15.15 -18.90
CA ASN H 18 27.87 15.89 -19.30
C ASN H 18 29.09 15.19 -18.71
N LEU H 19 29.00 14.47 -17.59
CA LEU H 19 30.14 13.78 -17.00
C LEU H 19 30.25 12.33 -17.40
N LEU H 20 29.54 11.90 -18.45
CA LEU H 20 29.61 10.51 -18.84
C LEU H 20 31.08 10.12 -19.18
N GLY H 21 31.46 8.93 -18.74
CA GLY H 21 32.77 8.40 -18.97
C GLY H 21 33.83 8.86 -17.97
N GLN H 22 33.52 9.83 -17.12
CA GLN H 22 34.47 10.32 -16.14
C GLN H 22 34.43 9.56 -14.84
N ARG H 23 33.50 8.63 -14.67
CA ARG H 23 33.41 7.84 -13.45
C ARG H 23 32.36 6.75 -13.61
N GLN H 24 32.32 5.80 -12.67
CA GLN H 24 31.38 4.70 -12.71
C GLN H 24 31.35 3.98 -14.05
N PRO H 25 32.48 3.50 -14.52
CA PRO H 25 32.55 2.78 -15.78
C PRO H 25 31.80 1.46 -15.76
N GLU H 26 31.68 0.86 -14.58
CA GLU H 26 30.97 -0.40 -14.42
C GLU H 26 29.47 -0.17 -14.67
N ILE H 27 28.95 1.01 -14.30
CA ILE H 27 27.56 1.31 -14.62
C ILE H 27 27.42 1.99 -15.98
N TYR H 28 28.18 3.09 -16.19
CA TYR H 28 28.03 3.88 -17.42
C TYR H 28 29.03 3.76 -18.54
N GLY H 29 30.08 2.94 -18.41
CA GLY H 29 31.04 2.76 -19.49
C GLY H 29 32.13 3.84 -19.42
N SER H 30 33.07 3.75 -20.36
CA SER H 30 34.20 4.68 -20.40
C SER H 30 34.14 5.63 -21.57
N ASP H 31 33.07 5.56 -22.36
CA ASP H 31 32.92 6.49 -23.47
C ASP H 31 32.34 7.82 -22.95
N THR H 32 32.71 8.92 -23.53
CA THR H 32 32.21 10.22 -23.14
C THR H 32 30.98 10.51 -23.98
N LEU H 33 30.36 11.65 -23.67
CA LEU H 33 29.23 12.08 -24.50
C LEU H 33 29.69 12.38 -25.91
N ALA H 34 30.89 12.93 -26.10
CA ALA H 34 31.37 13.22 -27.47
C ALA H 34 31.52 11.91 -28.24
N ASP H 35 32.00 10.88 -27.56
CA ASP H 35 32.09 9.53 -28.18
C ASP H 35 30.72 8.98 -28.54
N VAL H 36 29.70 9.23 -27.70
CA VAL H 36 28.35 8.83 -28.01
C VAL H 36 27.82 9.59 -29.24
N GLU H 37 28.05 10.91 -29.29
CA GLU H 37 27.64 11.71 -30.45
C GLU H 37 28.21 11.17 -31.76
N ALA H 38 29.50 10.86 -31.77
CA ALA H 38 30.14 10.29 -32.96
C ALA H 38 29.54 8.96 -33.38
N LEU H 39 29.15 8.10 -32.45
CA LEU H 39 28.44 6.89 -32.73
C LEU H 39 27.09 7.19 -33.45
N CYS H 40 26.41 8.23 -32.96
CA CYS H 40 25.11 8.59 -33.50
C CYS H 40 25.20 9.16 -34.90
N VAL H 41 26.21 9.99 -35.10
CA VAL H 41 26.47 10.62 -36.39
C VAL H 41 26.71 9.51 -37.40
N LYS H 42 27.52 8.52 -37.02
CA LYS H 42 27.77 7.42 -37.96
C LYS H 42 26.55 6.59 -38.29
N ALA H 43 25.79 6.23 -37.25
CA ALA H 43 24.59 5.41 -37.50
C ALA H 43 23.62 6.19 -38.35
N ALA H 44 23.43 7.50 -38.09
CA ALA H 44 22.47 8.22 -38.92
C ALA H 44 22.98 8.33 -40.37
N ALA H 45 24.27 8.52 -40.51
CA ALA H 45 24.83 8.68 -41.88
C ALA H 45 24.57 7.44 -42.74
N ALA H 46 24.60 6.26 -42.16
CA ALA H 46 24.29 5.04 -42.88
C ALA H 46 22.89 5.06 -43.46
N HIS H 47 21.91 5.79 -42.93
CA HIS H 47 20.59 5.93 -43.44
C HIS H 47 20.35 7.25 -44.16
N GLY H 48 21.36 7.96 -44.57
CA GLY H 48 21.28 9.23 -45.22
C GLY H 48 20.82 10.37 -44.30
N GLY H 49 20.91 10.22 -42.99
CA GLY H 49 20.44 11.26 -42.09
C GLY H 49 21.52 11.95 -41.30
N THR H 50 21.13 12.82 -40.38
CA THR H 50 22.02 13.63 -39.57
C THR H 50 21.43 13.70 -38.14
N VAL H 51 22.29 14.18 -37.24
CA VAL H 51 21.84 14.30 -35.84
C VAL H 51 22.12 15.68 -35.30
N ASP H 52 21.32 16.04 -34.32
CA ASP H 52 21.37 17.31 -33.58
C ASP H 52 21.45 16.86 -32.10
N PHE H 53 22.68 16.78 -31.64
CA PHE H 53 22.98 16.16 -30.33
C PHE H 53 23.16 17.16 -29.22
N ARG H 54 22.41 17.07 -28.13
CA ARG H 54 22.36 18.05 -27.09
C ARG H 54 22.35 17.42 -25.69
N GLN H 55 22.77 18.20 -24.73
CA GLN H 55 22.67 17.81 -23.28
C GLN H 55 22.30 19.02 -22.43
N SER H 56 21.49 18.81 -21.39
CA SER H 56 21.12 19.87 -20.47
C SER H 56 20.83 19.30 -19.08
N ASN H 57 21.10 20.14 -18.11
CA ASN H 57 20.79 19.81 -16.74
C ASN H 57 19.42 20.37 -16.35
N HIS H 58 18.80 21.12 -17.28
CA HIS H 58 17.56 21.81 -16.93
C HIS H 58 16.34 21.18 -17.56
N GLU H 59 15.34 20.88 -16.75
CA GLU H 59 14.10 20.30 -17.19
C GLU H 59 13.38 21.14 -18.25
N GLY H 60 13.23 22.44 -17.92
CA GLY H 60 12.61 23.37 -18.87
C GLY H 60 13.25 23.51 -20.23
N GLU H 61 14.59 23.50 -20.25
CA GLU H 61 15.38 23.55 -21.44
C GLU H 61 15.13 22.33 -22.31
N LEU H 62 15.04 21.16 -21.65
CA LEU H 62 14.68 19.93 -22.39
C LEU H 62 13.29 20.02 -22.99
N VAL H 63 12.33 20.61 -22.26
CA VAL H 63 11.00 20.83 -22.76
C VAL H 63 11.05 21.74 -23.99
N ASP H 64 11.80 22.84 -23.89
CA ASP H 64 11.90 23.78 -25.02
C ASP H 64 12.50 23.07 -26.23
N TRP H 65 13.53 22.22 -26.02
CA TRP H 65 14.15 21.49 -27.11
C TRP H 65 13.22 20.46 -27.75
N ILE H 66 12.34 19.89 -26.95
CA ILE H 66 11.35 18.97 -27.51
C ILE H 66 10.38 19.73 -28.40
N HIS H 67 9.92 20.91 -27.93
CA HIS H 67 9.02 21.71 -28.78
C HIS H 67 9.71 22.08 -30.10
N GLU H 68 11.02 22.32 -30.07
CA GLU H 68 11.79 22.64 -31.26
C GLU H 68 11.82 21.46 -32.22
N ALA H 69 12.07 20.25 -31.65
CA ALA H 69 12.11 19.05 -32.45
C ALA H 69 10.80 18.76 -33.13
N ARG H 70 9.71 19.03 -32.39
CA ARG H 70 8.36 18.81 -32.88
C ARG H 70 8.21 19.51 -34.23
N LEU H 71 8.75 20.70 -34.36
CA LEU H 71 8.61 21.42 -35.64
C LEU H 71 9.69 21.19 -36.65
N ASN H 72 10.92 20.94 -36.25
CA ASN H 72 12.08 20.92 -37.12
C ASN H 72 12.87 19.64 -37.31
N HIS H 73 12.53 18.58 -36.59
CA HIS H 73 13.32 17.35 -36.63
C HIS H 73 12.49 16.16 -37.06
N CYS H 74 13.17 15.05 -37.43
CA CYS H 74 12.48 13.87 -37.88
C CYS H 74 12.16 12.82 -36.81
N GLY H 75 12.65 13.02 -35.62
CA GLY H 75 12.44 12.11 -34.50
C GLY H 75 13.29 12.56 -33.32
N ILE H 76 13.05 11.90 -32.17
CA ILE H 76 13.80 12.21 -30.96
C ILE H 76 14.31 10.91 -30.33
N VAL H 77 15.60 10.84 -30.06
CA VAL H 77 16.19 9.83 -29.21
C VAL H 77 16.47 10.53 -27.90
N ILE H 78 15.93 10.09 -26.78
CA ILE H 78 16.18 10.78 -25.50
C ILE H 78 16.62 9.86 -24.38
N ASN H 79 17.71 10.28 -23.71
CA ASN H 79 18.15 9.73 -22.47
C ASN H 79 17.82 10.78 -21.40
N PRO H 80 16.64 10.73 -20.79
CA PRO H 80 16.25 11.75 -19.85
C PRO H 80 16.98 11.79 -18.52
N ALA H 81 17.80 10.77 -18.28
CA ALA H 81 18.58 10.69 -17.03
C ALA H 81 17.61 10.84 -15.85
N ALA H 82 18.01 11.55 -14.79
CA ALA H 82 17.14 11.55 -13.59
C ALA H 82 15.73 12.01 -13.87
N TYR H 83 15.56 12.91 -14.85
CA TYR H 83 14.21 13.41 -15.17
C TYR H 83 13.29 12.34 -15.71
N SER H 84 13.82 11.17 -16.13
CA SER H 84 12.95 10.09 -16.54
C SER H 84 11.97 9.74 -15.36
N HIS H 85 12.49 9.79 -14.15
CA HIS H 85 11.74 9.35 -12.98
C HIS H 85 10.89 10.43 -12.38
N THR H 86 11.14 11.70 -12.70
CA THR H 86 10.44 12.78 -12.01
C THR H 86 9.66 13.70 -12.91
N SER H 87 9.94 13.68 -14.22
CA SER H 87 9.37 14.73 -15.05
C SER H 87 8.14 14.44 -15.85
N VAL H 88 7.00 14.84 -15.25
CA VAL H 88 5.74 14.89 -15.95
C VAL H 88 5.84 15.96 -17.03
N ALA H 89 6.55 17.06 -16.83
CA ALA H 89 6.66 18.12 -17.81
C ALA H 89 7.27 17.61 -19.13
N ILE H 90 8.31 16.76 -19.00
CA ILE H 90 8.96 16.22 -20.22
C ILE H 90 8.02 15.23 -20.92
N LEU H 91 7.33 14.39 -20.12
CA LEU H 91 6.32 13.52 -20.75
C LEU H 91 5.30 14.35 -21.53
N ASP H 92 4.77 15.40 -20.93
CA ASP H 92 3.76 16.27 -21.58
C ASP H 92 4.35 16.93 -22.84
N ALA H 93 5.62 17.30 -22.83
CA ALA H 93 6.25 17.86 -24.03
C ALA H 93 6.33 16.86 -25.16
N LEU H 94 6.74 15.63 -24.86
CA LEU H 94 6.78 14.55 -25.83
C LEU H 94 5.38 14.26 -26.36
N ASN H 95 4.37 14.33 -25.51
CA ASN H 95 2.98 14.14 -25.97
C ASN H 95 2.54 15.18 -26.99
N THR H 96 3.16 16.36 -27.04
CA THR H 96 2.82 17.36 -28.05
C THR H 96 3.32 16.94 -29.42
N CYS H 97 4.26 16.01 -29.50
CA CYS H 97 4.89 15.61 -30.74
C CYS H 97 4.08 14.54 -31.47
N ASP H 98 2.82 14.86 -31.76
CA ASP H 98 1.91 13.96 -32.46
C ASP H 98 2.52 13.36 -33.70
N GLY H 99 2.58 12.03 -33.78
CA GLY H 99 3.15 11.39 -34.96
C GLY H 99 4.66 11.32 -35.04
N LEU H 100 5.43 11.99 -34.20
CA LEU H 100 6.89 11.95 -34.28
C LEU H 100 7.43 10.73 -33.55
N PRO H 101 8.35 10.00 -34.17
CA PRO H 101 8.94 8.86 -33.53
C PRO H 101 9.85 9.30 -32.36
N VAL H 102 9.69 8.60 -31.26
CA VAL H 102 10.45 8.88 -30.04
C VAL H 102 10.96 7.57 -29.43
N VAL H 103 12.28 7.48 -29.16
CA VAL H 103 12.89 6.33 -28.54
C VAL H 103 13.66 6.80 -27.29
N GLU H 104 13.37 6.17 -26.14
CA GLU H 104 13.96 6.46 -24.88
C GLU H 104 15.11 5.44 -24.65
N VAL H 105 16.24 5.98 -24.18
CA VAL H 105 17.43 5.21 -23.97
C VAL H 105 17.97 5.41 -22.55
N HIS H 106 18.36 4.33 -21.92
CA HIS H 106 19.05 4.33 -20.63
C HIS H 106 20.32 3.46 -20.86
N ILE H 107 21.49 4.02 -20.58
CA ILE H 107 22.74 3.24 -20.72
C ILE H 107 22.73 2.07 -19.76
N SER H 108 22.32 2.35 -18.52
CA SER H 108 22.22 1.32 -17.49
C SER H 108 20.90 0.59 -17.52
N ASN H 109 20.90 -0.60 -16.84
CA ASN H 109 19.64 -1.33 -16.71
C ASN H 109 18.95 -0.81 -15.46
N ILE H 110 18.04 0.17 -15.66
CA ILE H 110 17.37 0.79 -14.53
C ILE H 110 16.65 -0.25 -13.70
N HIS H 111 16.19 -1.37 -14.26
CA HIS H 111 15.43 -2.40 -13.55
C HIS H 111 16.24 -3.22 -12.56
N GLN H 112 17.52 -3.12 -12.52
CA GLN H 112 18.41 -3.73 -11.54
C GLN H 112 18.86 -2.73 -10.49
N ARG H 113 18.38 -1.46 -10.60
CA ARG H 113 18.88 -0.46 -9.68
C ARG H 113 17.86 -0.10 -8.61
N GLU H 114 18.02 1.08 -8.01
CA GLU H 114 17.12 1.46 -6.92
C GLU H 114 15.70 1.46 -7.43
N PRO H 115 14.71 1.16 -6.60
CA PRO H 115 13.33 1.15 -6.95
C PRO H 115 12.86 2.50 -7.49
N PHE H 116 13.40 3.61 -7.08
CA PHE H 116 12.95 4.91 -7.63
C PHE H 116 13.33 5.03 -9.10
N ARG H 117 14.22 4.22 -9.60
CA ARG H 117 14.58 4.24 -11.01
C ARG H 117 13.73 3.27 -11.85
N HIS H 118 12.84 2.51 -11.25
CA HIS H 118 12.10 1.50 -12.02
C HIS H 118 11.00 2.09 -12.87
N HIS H 119 10.49 3.28 -12.51
CA HIS H 119 9.41 3.89 -13.28
C HIS H 119 9.93 5.10 -14.04
N SER H 120 9.53 5.21 -15.30
CA SER H 120 9.89 6.36 -16.11
C SER H 120 8.60 6.95 -16.64
N TYR H 121 8.36 8.26 -16.45
CA TYR H 121 7.24 8.91 -17.07
C TYR H 121 7.42 8.91 -18.59
N VAL H 122 8.65 9.07 -19.09
CA VAL H 122 8.90 9.11 -20.51
C VAL H 122 8.43 7.86 -21.22
N SER H 123 8.54 6.67 -20.62
CA SER H 123 8.10 5.41 -21.23
C SER H 123 6.63 5.32 -21.62
N GLN H 124 5.76 6.11 -20.99
CA GLN H 124 4.37 6.25 -21.32
C GLN H 124 4.16 6.81 -22.71
N ARG H 125 5.06 7.64 -23.23
CA ARG H 125 4.95 8.15 -24.59
C ARG H 125 5.94 7.57 -25.57
N ALA H 126 7.19 7.32 -25.13
CA ALA H 126 8.16 6.74 -26.05
C ALA H 126 7.60 5.58 -26.85
N ASP H 127 7.92 5.51 -28.15
CA ASP H 127 7.50 4.38 -28.96
C ASP H 127 8.24 3.15 -28.46
N GLY H 128 9.52 3.19 -28.26
CA GLY H 128 10.41 2.16 -27.84
C GLY H 128 11.30 2.67 -26.70
N VAL H 129 11.70 1.74 -25.86
CA VAL H 129 12.55 1.97 -24.72
C VAL H 129 13.68 0.92 -24.66
N VAL H 130 14.91 1.42 -24.68
CA VAL H 130 16.08 0.53 -24.68
C VAL H 130 16.82 0.83 -23.38
N ALA H 131 17.05 -0.21 -22.56
CA ALA H 131 17.77 -0.03 -21.35
C ALA H 131 18.87 -1.11 -21.15
N GLY H 132 19.98 -0.72 -20.59
CA GLY H 132 21.02 -1.69 -20.24
C GLY H 132 21.85 -2.16 -21.40
N CYS H 133 21.79 -1.49 -22.53
CA CYS H 133 22.55 -1.86 -23.72
C CYS H 133 23.75 -0.98 -23.90
N GLY H 134 24.15 -0.27 -22.84
CA GLY H 134 25.26 0.63 -22.86
C GLY H 134 25.00 1.78 -23.80
N VAL H 135 26.10 2.39 -24.27
CA VAL H 135 25.98 3.47 -25.23
C VAL H 135 25.48 2.98 -26.56
N GLN H 136 25.60 1.69 -26.87
CA GLN H 136 25.12 1.06 -28.07
C GLN H 136 23.60 1.25 -28.19
N GLY H 137 22.95 1.39 -27.02
CA GLY H 137 21.52 1.72 -27.03
C GLY H 137 21.20 2.96 -27.87
N TYR H 138 22.06 3.94 -27.92
CA TYR H 138 21.84 5.15 -28.71
C TYR H 138 21.81 4.85 -30.19
N VAL H 139 22.66 3.95 -30.61
CA VAL H 139 22.72 3.47 -31.98
C VAL H 139 21.43 2.75 -32.28
N PHE H 140 20.94 1.89 -31.38
CA PHE H 140 19.63 1.25 -31.59
C PHE H 140 18.51 2.29 -31.72
N GLY H 141 18.60 3.35 -30.91
CA GLY H 141 17.65 4.44 -30.93
C GLY H 141 17.57 5.04 -32.36
N VAL H 142 18.72 5.42 -32.88
CA VAL H 142 18.81 5.97 -34.24
C VAL H 142 18.24 4.99 -35.28
N GLU H 143 18.65 3.72 -35.19
CA GLU H 143 18.08 2.73 -36.11
C GLU H 143 16.58 2.59 -36.03
N ARG H 144 16.00 2.65 -34.83
CA ARG H 144 14.55 2.61 -34.71
C ARG H 144 13.86 3.83 -35.30
N ILE H 145 14.44 4.99 -35.11
CA ILE H 145 13.91 6.24 -35.70
C ILE H 145 13.92 6.10 -37.22
N ALA H 146 15.03 5.61 -37.76
CA ALA H 146 15.16 5.41 -39.22
C ALA H 146 14.07 4.51 -39.75
N ALA H 147 13.71 3.45 -39.05
CA ALA H 147 12.68 2.52 -39.45
C ALA H 147 11.28 3.14 -39.30
N LEU H 148 11.10 3.95 -38.28
CA LEU H 148 9.78 4.57 -38.10
C LEU H 148 9.56 5.74 -39.05
N ALA H 149 10.60 6.48 -39.33
CA ALA H 149 10.48 7.61 -40.27
C ALA H 149 10.27 7.02 -41.66
N GLY H 150 10.73 5.81 -41.93
CA GLY H 150 10.48 5.10 -43.16
C GLY H 150 9.19 4.30 -43.24
N ARG I 2 40.65 17.52 -1.23
CA ARG I 2 41.14 18.87 -0.83
C ARG I 2 40.88 19.19 0.63
N SER I 3 41.74 20.07 1.13
CA SER I 3 41.66 20.49 2.51
C SER I 3 40.92 21.83 2.57
N LEU I 4 40.49 22.19 3.76
CA LEU I 4 39.91 23.51 4.01
C LEU I 4 40.91 24.63 3.77
N ALA I 5 42.20 24.35 3.96
CA ALA I 5 43.21 25.36 3.70
C ALA I 5 43.40 25.62 2.21
N ASN I 6 43.08 24.64 1.35
CA ASN I 6 43.29 24.83 -0.07
C ASN I 6 42.06 25.15 -0.92
N ALA I 7 40.87 24.90 -0.38
CA ALA I 7 39.70 25.15 -1.21
C ALA I 7 38.49 25.48 -0.34
N PRO I 8 37.61 26.29 -0.85
CA PRO I 8 36.44 26.67 -0.08
C PRO I 8 35.44 25.53 0.08
N ILE I 9 34.60 25.70 1.11
CA ILE I 9 33.43 24.85 1.29
C ILE I 9 32.30 25.42 0.48
N MET I 10 31.61 24.64 -0.37
CA MET I 10 30.45 25.14 -1.12
C MET I 10 29.19 25.01 -0.25
N ILE I 11 28.47 26.08 -0.03
CA ILE I 11 27.25 26.02 0.82
C ILE I 11 26.12 26.37 -0.15
N LEU I 12 25.24 25.41 -0.41
CA LEU I 12 24.18 25.56 -1.39
C LEU I 12 22.78 25.57 -0.75
N ASN I 13 21.98 26.52 -1.23
CA ASN I 13 20.62 26.64 -0.68
C ASN I 13 19.63 26.55 -1.86
N GLY I 14 18.58 25.78 -1.68
CA GLY I 14 17.55 25.60 -2.70
C GLY I 14 16.44 26.63 -2.69
N PRO I 15 15.32 26.30 -3.30
CA PRO I 15 14.29 27.28 -3.59
C PRO I 15 13.64 27.92 -2.41
N ASN I 16 13.25 29.16 -2.55
CA ASN I 16 12.50 29.95 -1.57
C ASN I 16 13.32 30.41 -0.36
N LEU I 17 14.54 29.92 -0.20
CA LEU I 17 15.44 30.30 0.89
C LEU I 17 15.94 31.74 0.76
N ASN I 18 15.78 32.33 -0.41
CA ASN I 18 16.04 33.78 -0.53
C ASN I 18 15.13 34.57 0.40
N LEU I 19 13.96 34.08 0.77
CA LEU I 19 13.09 34.78 1.69
C LEU I 19 13.23 34.35 3.14
N LEU I 20 14.31 33.65 3.48
CA LEU I 20 14.48 33.21 4.88
C LEU I 20 14.44 34.39 5.85
N GLY I 21 13.74 34.32 6.94
CA GLY I 21 13.69 35.36 7.94
C GLY I 21 12.57 36.38 7.70
N GLN I 22 12.00 36.38 6.51
CA GLN I 22 10.93 37.34 6.21
C GLN I 22 9.55 36.87 6.63
N ARG I 23 9.38 35.65 7.10
CA ARG I 23 8.09 35.12 7.53
C ARG I 23 8.26 33.75 8.18
N GLN I 24 7.22 33.26 8.83
CA GLN I 24 7.28 31.97 9.48
C GLN I 24 8.46 31.76 10.41
N PRO I 25 8.67 32.69 11.32
CA PRO I 25 9.76 32.60 12.25
C PRO I 25 9.66 31.40 13.16
N GLU I 26 8.45 30.92 13.45
CA GLU I 26 8.24 29.77 14.31
C GLU I 26 8.82 28.52 13.65
N ILE I 27 8.72 28.46 12.31
CA ILE I 27 9.34 27.33 11.62
C ILE I 27 10.79 27.61 11.21
N TYR I 28 11.02 28.75 10.56
CA TYR I 28 12.34 29.05 10.03
C TYR I 28 13.25 30.04 10.73
N GLY I 29 12.78 30.68 11.80
CA GLY I 29 13.61 31.64 12.51
C GLY I 29 13.54 33.04 11.90
N SER I 30 14.27 33.96 12.54
CA SER I 30 14.25 35.36 12.12
C SER I 30 15.53 35.78 11.43
N ASP I 31 16.48 34.86 11.35
CA ASP I 31 17.74 35.21 10.65
C ASP I 31 17.51 35.13 9.14
N THR I 32 18.19 35.97 8.41
CA THR I 32 18.07 35.97 6.95
C THR I 32 19.14 35.03 6.42
N LEU I 33 19.16 34.83 5.11
CA LEU I 33 20.21 34.02 4.48
C LEU I 33 21.55 34.70 4.64
N ALA I 34 21.61 36.05 4.59
CA ALA I 34 22.86 36.78 4.80
C ALA I 34 23.39 36.51 6.19
N ASP I 35 22.53 36.42 7.22
CA ASP I 35 22.85 36.10 8.57
C ASP I 35 23.47 34.69 8.64
N VAL I 36 22.87 33.77 7.89
CA VAL I 36 23.33 32.40 7.80
C VAL I 36 24.72 32.35 7.17
N GLU I 37 24.91 33.07 6.09
CA GLU I 37 26.25 33.10 5.47
C GLU I 37 27.28 33.59 6.47
N ALA I 38 26.99 34.66 7.22
CA ALA I 38 27.94 35.15 8.22
C ALA I 38 28.27 34.13 9.28
N LEU I 39 27.30 33.32 9.74
CA LEU I 39 27.57 32.24 10.68
C LEU I 39 28.54 31.21 10.06
N CYS I 40 28.32 30.89 8.78
CA CYS I 40 29.15 29.90 8.12
C CYS I 40 30.57 30.41 7.91
N VAL I 41 30.69 31.66 7.48
CA VAL I 41 32.01 32.33 7.31
C VAL I 41 32.79 32.26 8.62
N LYS I 42 32.17 32.62 9.77
CA LYS I 42 32.82 32.55 11.05
C LYS I 42 33.23 31.16 11.46
N ALA I 43 32.39 30.16 11.25
CA ALA I 43 32.72 28.79 11.61
C ALA I 43 33.89 28.27 10.77
N ALA I 44 33.89 28.56 9.46
CA ALA I 44 34.94 28.06 8.60
C ALA I 44 36.27 28.75 8.93
N ALA I 45 36.23 30.01 9.24
CA ALA I 45 37.42 30.79 9.57
C ALA I 45 38.12 30.26 10.79
N ALA I 46 37.44 29.67 11.73
CA ALA I 46 38.03 29.05 12.93
C ALA I 46 38.84 27.82 12.55
N HIS I 47 38.64 27.21 11.39
CA HIS I 47 39.38 26.08 10.91
C HIS I 47 40.36 26.48 9.83
N GLY I 48 40.57 27.73 9.52
CA GLY I 48 41.35 28.26 8.46
C GLY I 48 40.79 28.21 7.05
N GLY I 49 39.47 27.96 6.96
CA GLY I 49 38.81 27.85 5.68
C GLY I 49 37.95 29.01 5.32
N THR I 50 37.33 28.88 4.13
CA THR I 50 36.47 29.85 3.53
C THR I 50 35.21 29.16 2.97
N VAL I 51 34.18 29.97 2.83
CA VAL I 51 32.94 29.41 2.25
C VAL I 51 32.57 30.13 0.96
N ASP I 52 31.82 29.45 0.11
CA ASP I 52 31.32 29.89 -1.17
C ASP I 52 29.80 29.61 -1.10
N PHE I 53 29.07 30.63 -0.71
CA PHE I 53 27.69 30.53 -0.29
C PHE I 53 26.74 30.98 -1.36
N ARG I 54 25.81 30.10 -1.78
CA ARG I 54 24.95 30.39 -2.89
C ARG I 54 23.47 30.02 -2.63
N GLN I 55 22.57 30.57 -3.42
CA GLN I 55 21.17 30.18 -3.31
C GLN I 55 20.61 30.20 -4.74
N SER I 56 19.72 29.27 -5.04
CA SER I 56 19.03 29.19 -6.29
C SER I 56 17.65 28.54 -6.22
N ASN I 57 16.77 29.08 -7.09
CA ASN I 57 15.45 28.47 -7.20
C ASN I 57 15.39 27.43 -8.30
N HIS I 58 16.51 27.21 -8.99
CA HIS I 58 16.53 26.32 -10.17
C HIS I 58 17.28 25.01 -9.92
N GLU I 59 16.57 23.93 -10.20
CA GLU I 59 17.13 22.59 -9.97
C GLU I 59 18.42 22.38 -10.76
N GLY I 60 18.41 22.79 -12.03
CA GLY I 60 19.55 22.58 -12.92
C GLY I 60 20.76 23.42 -12.58
N GLU I 61 20.47 24.59 -12.00
CA GLU I 61 21.57 25.45 -11.58
C GLU I 61 22.27 24.80 -10.39
N LEU I 62 21.49 24.26 -9.43
CA LEU I 62 22.04 23.54 -8.30
C LEU I 62 22.85 22.35 -8.81
N VAL I 63 22.36 21.62 -9.84
CA VAL I 63 23.15 20.51 -10.39
C VAL I 63 24.49 21.06 -10.91
N ASP I 64 24.44 22.14 -11.67
CA ASP I 64 25.66 22.76 -12.20
C ASP I 64 26.66 23.14 -11.10
N TRP I 65 26.12 23.72 -10.03
CA TRP I 65 27.05 24.14 -8.94
C TRP I 65 27.63 22.95 -8.21
N ILE I 66 26.94 21.81 -8.09
CA ILE I 66 27.45 20.58 -7.51
C ILE I 66 28.61 20.07 -8.44
N HIS I 67 28.43 20.15 -9.74
CA HIS I 67 29.53 19.71 -10.63
C HIS I 67 30.77 20.61 -10.44
N GLU I 68 30.56 21.86 -10.25
CA GLU I 68 31.62 22.85 -9.96
C GLU I 68 32.33 22.52 -8.66
N ALA I 69 31.61 22.25 -7.58
CA ALA I 69 32.14 21.89 -6.28
C ALA I 69 32.96 20.60 -6.35
N ARG I 70 32.49 19.65 -7.15
CA ARG I 70 33.15 18.37 -7.42
C ARG I 70 34.62 18.64 -7.86
N LEU I 71 34.83 19.68 -8.62
CA LEU I 71 36.23 19.93 -9.03
C LEU I 71 36.97 20.95 -8.20
N ASN I 72 36.29 21.92 -7.59
CA ASN I 72 36.98 23.06 -6.99
C ASN I 72 36.85 23.28 -5.51
N HIS I 73 36.05 22.50 -4.79
CA HIS I 73 35.72 22.75 -3.40
C HIS I 73 36.08 21.58 -2.51
N CYS I 74 36.19 21.77 -1.22
CA CYS I 74 36.59 20.73 -0.29
C CYS I 74 35.41 19.95 0.30
N GLY I 75 34.20 20.42 0.04
CA GLY I 75 33.00 19.71 0.58
C GLY I 75 31.78 20.59 0.26
N ILE I 76 30.61 20.00 0.48
CA ILE I 76 29.32 20.66 0.21
C ILE I 76 28.41 20.55 1.45
N VAL I 77 27.89 21.66 1.89
CA VAL I 77 26.83 21.74 2.88
C VAL I 77 25.61 22.18 2.04
N ILE I 78 24.55 21.35 2.04
CA ILE I 78 23.43 21.72 1.16
C ILE I 78 22.10 21.64 1.92
N ASN I 79 21.34 22.71 1.84
CA ASN I 79 19.92 22.75 2.25
C ASN I 79 19.16 22.78 0.94
N PRO I 80 18.69 21.62 0.46
CA PRO I 80 18.05 21.57 -0.86
C PRO I 80 16.63 22.14 -0.90
N ALA I 81 16.08 22.46 0.25
CA ALA I 81 14.71 23.00 0.34
C ALA I 81 13.77 22.04 -0.36
N ALA I 82 12.80 22.50 -1.11
CA ALA I 82 11.77 21.62 -1.66
C ALA I 82 12.38 20.54 -2.54
N TYR I 83 13.50 20.78 -3.20
CA TYR I 83 14.14 19.85 -4.09
C TYR I 83 14.62 18.65 -3.29
N SER I 84 14.78 18.71 -1.99
CA SER I 84 15.10 17.57 -1.18
C SER I 84 14.13 16.41 -1.46
N HIS I 85 12.85 16.73 -1.63
CA HIS I 85 11.79 15.78 -1.73
C HIS I 85 11.46 15.35 -3.15
N THR I 86 11.96 16.07 -4.15
CA THR I 86 11.58 15.81 -5.52
C THR I 86 12.75 15.50 -6.45
N SER I 87 13.97 15.90 -6.10
CA SER I 87 15.05 15.86 -7.06
C SER I 87 16.00 14.70 -7.07
N VAL I 88 15.65 13.74 -7.94
CA VAL I 88 16.61 12.70 -8.30
C VAL I 88 17.80 13.30 -8.96
N ALA I 89 17.62 14.40 -9.73
CA ALA I 89 18.71 15.01 -10.44
C ALA I 89 19.84 15.50 -9.54
N ILE I 90 19.48 16.14 -8.43
CA ILE I 90 20.44 16.63 -7.45
C ILE I 90 21.08 15.46 -6.70
N LEU I 91 20.30 14.41 -6.40
CA LEU I 91 20.95 13.19 -5.85
C LEU I 91 22.02 12.66 -6.78
N ASP I 92 21.64 12.49 -8.04
CA ASP I 92 22.60 12.02 -9.07
C ASP I 92 23.78 12.98 -9.19
N ALA I 93 23.64 14.31 -9.12
CA ALA I 93 24.78 15.19 -9.17
C ALA I 93 25.71 14.96 -7.94
N LEU I 94 25.14 14.78 -6.72
CA LEU I 94 25.95 14.54 -5.53
C LEU I 94 26.65 13.22 -5.61
N ASN I 95 26.04 12.21 -6.27
CA ASN I 95 26.67 10.95 -6.52
C ASN I 95 27.90 11.07 -7.41
N THR I 96 28.01 12.09 -8.22
CA THR I 96 29.22 12.25 -9.02
C THR I 96 30.40 12.77 -8.18
N CYS I 97 30.17 13.22 -6.95
CA CYS I 97 31.22 13.79 -6.13
C CYS I 97 31.96 12.73 -5.31
N ASP I 98 32.52 11.73 -6.00
CA ASP I 98 33.14 10.59 -5.32
C ASP I 98 34.23 11.06 -4.32
N GLY I 99 34.11 10.62 -3.07
CA GLY I 99 35.10 11.05 -2.08
C GLY I 99 34.87 12.43 -1.47
N LEU I 100 33.96 13.27 -1.94
CA LEU I 100 33.77 14.58 -1.36
C LEU I 100 32.76 14.55 -0.22
N PRO I 101 33.09 15.10 0.94
CA PRO I 101 32.19 15.15 2.06
C PRO I 101 30.99 16.07 1.70
N VAL I 102 29.86 15.48 2.07
CA VAL I 102 28.58 16.16 1.85
C VAL I 102 27.70 16.13 3.07
N VAL I 103 27.23 17.28 3.55
CA VAL I 103 26.29 17.33 4.66
C VAL I 103 25.00 18.06 4.23
N GLU I 104 23.87 17.41 4.52
CA GLU I 104 22.53 17.92 4.22
C GLU I 104 21.93 18.58 5.44
N VAL I 105 21.39 19.79 5.27
CA VAL I 105 20.85 20.53 6.38
C VAL I 105 19.41 20.98 6.15
N HIS I 106 18.53 20.79 7.12
CA HIS I 106 17.18 21.32 7.15
C HIS I 106 17.02 22.18 8.41
N ILE I 107 16.61 23.43 8.25
CA ILE I 107 16.41 24.28 9.39
C ILE I 107 15.31 23.70 10.27
N SER I 108 14.22 23.32 9.62
CA SER I 108 13.05 22.77 10.30
C SER I 108 13.22 21.26 10.53
N ASN I 109 12.42 20.72 11.44
CA ASN I 109 12.41 19.28 11.66
C ASN I 109 11.39 18.69 10.70
N ILE I 110 11.83 18.32 9.50
CA ILE I 110 11.00 17.75 8.46
C ILE I 110 10.18 16.54 8.92
N HIS I 111 10.66 15.75 9.88
CA HIS I 111 9.94 14.61 10.39
C HIS I 111 8.67 14.95 11.15
N GLN I 112 8.50 16.12 11.66
CA GLN I 112 7.31 16.61 12.34
C GLN I 112 6.31 17.27 11.39
N ARG I 113 6.68 17.46 10.12
CA ARG I 113 5.87 18.24 9.19
C ARG I 113 5.07 17.33 8.25
N GLU I 114 4.59 17.83 7.12
CA GLU I 114 3.76 17.01 6.23
C GLU I 114 4.49 15.76 5.75
N PRO I 115 3.78 14.66 5.53
CA PRO I 115 4.34 13.42 5.06
C PRO I 115 5.17 13.54 3.78
N PHE I 116 4.83 14.42 2.83
CA PHE I 116 5.64 14.62 1.67
C PHE I 116 7.03 15.17 2.00
N ARG I 117 7.24 15.75 3.18
CA ARG I 117 8.57 16.25 3.52
C ARG I 117 9.37 15.16 4.27
N HIS I 118 8.80 14.02 4.59
CA HIS I 118 9.55 13.01 5.40
C HIS I 118 10.70 12.38 4.65
N HIS I 119 10.54 12.19 3.34
CA HIS I 119 11.60 11.58 2.54
C HIS I 119 12.45 12.63 1.80
N SER I 120 13.75 12.40 1.79
CA SER I 120 14.70 13.19 1.04
C SER I 120 15.51 12.32 0.10
N TYR I 121 15.55 12.63 -1.19
CA TYR I 121 16.49 11.92 -2.06
C TYR I 121 17.94 12.20 -1.66
N VAL I 122 18.19 13.45 -1.21
CA VAL I 122 19.54 13.86 -0.89
C VAL I 122 20.17 13.02 0.21
N SER I 123 19.34 12.58 1.18
CA SER I 123 19.82 11.80 2.32
C SER I 123 20.46 10.48 1.93
N GLN I 124 20.12 9.93 0.77
CA GLN I 124 20.72 8.70 0.26
C GLN I 124 22.19 8.85 -0.08
N ARG I 125 22.66 10.07 -0.34
CA ARG I 125 24.08 10.28 -0.61
C ARG I 125 24.77 11.07 0.48
N ALA I 126 24.07 12.04 1.08
CA ALA I 126 24.73 12.88 2.09
C ALA I 126 25.40 12.02 3.17
N ASP I 127 26.61 12.40 3.58
CA ASP I 127 27.30 11.64 4.62
C ASP I 127 26.50 11.80 5.89
N GLY I 128 26.15 13.00 6.28
CA GLY I 128 25.41 13.38 7.46
C GLY I 128 24.20 14.23 7.09
N VAL I 129 23.19 14.20 7.95
CA VAL I 129 21.95 14.93 7.75
C VAL I 129 21.56 15.52 9.10
N VAL I 130 21.42 16.85 9.09
CA VAL I 130 21.06 17.59 10.29
C VAL I 130 19.70 18.23 10.04
N ALA I 131 18.70 17.99 10.90
CA ALA I 131 17.38 18.56 10.68
C ALA I 131 16.84 19.12 12.01
N GLY I 132 16.16 20.26 11.90
CA GLY I 132 15.55 20.84 13.10
C GLY I 132 16.46 21.42 14.16
N CYS I 133 17.70 21.76 13.83
CA CYS I 133 18.62 22.42 14.68
C CYS I 133 18.66 23.92 14.30
N GLY I 134 17.63 24.38 13.60
CA GLY I 134 17.62 25.81 13.21
C GLY I 134 18.75 26.15 12.23
N VAL I 135 19.13 27.43 12.12
CA VAL I 135 20.21 27.87 11.26
C VAL I 135 21.55 27.43 11.86
N GLN I 136 21.57 27.05 13.13
CA GLN I 136 22.75 26.41 13.76
C GLN I 136 23.17 25.12 13.06
N GLY I 137 22.22 24.38 12.43
CA GLY I 137 22.59 23.21 11.64
C GLY I 137 23.59 23.53 10.51
N TYR I 138 23.60 24.69 9.93
CA TYR I 138 24.62 25.04 8.92
C TYR I 138 26.03 25.07 9.54
N VAL I 139 26.12 25.57 10.75
CA VAL I 139 27.39 25.57 11.48
C VAL I 139 27.82 24.15 11.77
N PHE I 140 26.88 23.28 12.18
CA PHE I 140 27.22 21.85 12.30
C PHE I 140 27.77 21.32 10.98
N GLY I 141 27.06 21.64 9.89
CA GLY I 141 27.49 21.21 8.54
C GLY I 141 28.97 21.56 8.31
N VAL I 142 29.30 22.85 8.49
CA VAL I 142 30.68 23.33 8.34
C VAL I 142 31.63 22.56 9.23
N GLU I 143 31.29 22.38 10.52
CA GLU I 143 32.16 21.64 11.42
C GLU I 143 32.38 20.20 10.97
N ARG I 144 31.34 19.55 10.45
CA ARG I 144 31.51 18.16 9.99
C ARG I 144 32.37 18.10 8.73
N ILE I 145 32.20 19.00 7.76
CA ILE I 145 33.08 19.05 6.61
C ILE I 145 34.56 19.22 7.08
N ALA I 146 34.76 20.12 8.02
CA ALA I 146 36.11 20.34 8.57
C ALA I 146 36.70 19.05 9.13
N ALA I 147 35.95 18.25 9.89
CA ALA I 147 36.40 16.99 10.42
C ALA I 147 36.63 15.97 9.32
N LEU I 148 35.83 15.92 8.26
CA LEU I 148 35.96 14.93 7.22
C LEU I 148 37.11 15.27 6.28
N ALA I 149 37.25 16.54 6.00
CA ALA I 149 38.31 16.98 5.09
C ALA I 149 39.64 16.88 5.83
N GLY I 150 39.66 17.08 7.15
CA GLY I 150 40.90 17.03 7.90
C GLY I 150 41.26 15.66 8.45
N ARG J 2 -12.52 -17.44 38.87
CA ARG J 2 -12.72 -16.88 40.23
C ARG J 2 -13.80 -15.81 40.19
N SER J 3 -14.58 -15.60 41.25
CA SER J 3 -15.60 -14.59 41.41
C SER J 3 -15.00 -13.35 42.05
N LEU J 4 -15.65 -12.21 42.01
CA LEU J 4 -15.24 -10.98 42.69
C LEU J 4 -15.07 -11.15 44.18
N ALA J 5 -15.92 -11.96 44.79
CA ALA J 5 -15.80 -12.21 46.24
C ALA J 5 -14.55 -12.98 46.62
N ASN J 6 -14.02 -13.84 45.74
CA ASN J 6 -12.91 -14.70 46.03
C ASN J 6 -11.54 -14.18 45.61
N ALA J 7 -11.48 -13.20 44.74
CA ALA J 7 -10.16 -12.74 44.28
C ALA J 7 -10.25 -11.33 43.71
N PRO J 8 -9.19 -10.56 43.85
CA PRO J 8 -9.21 -9.19 43.38
C PRO J 8 -9.20 -9.04 41.85
N ILE J 9 -9.68 -7.90 41.41
CA ILE J 9 -9.57 -7.56 39.96
C ILE J 9 -8.14 -7.02 39.82
N MET J 10 -7.31 -7.50 38.88
CA MET J 10 -6.04 -6.85 38.60
C MET J 10 -6.22 -5.66 37.67
N ILE J 11 -5.76 -4.45 38.03
CA ILE J 11 -5.85 -3.26 37.23
C ILE J 11 -4.42 -2.82 36.91
N LEU J 12 -4.05 -3.03 35.64
CA LEU J 12 -2.69 -2.73 35.21
C LEU J 12 -2.59 -1.49 34.32
N ASN J 13 -1.59 -0.69 34.54
CA ASN J 13 -1.27 0.54 33.84
C ASN J 13 0.14 0.52 33.30
N GLY J 14 0.23 0.84 32.00
CA GLY J 14 1.48 0.86 31.27
C GLY J 14 2.30 2.11 31.43
N PRO J 15 3.28 2.30 30.51
CA PRO J 15 4.30 3.33 30.68
C PRO J 15 3.79 4.71 30.68
N ASN J 16 4.41 5.58 31.45
CA ASN J 16 4.24 6.99 31.61
C ASN J 16 2.98 7.31 32.39
N LEU J 17 2.11 6.34 32.74
CA LEU J 17 0.92 6.66 33.51
C LEU J 17 1.22 7.00 34.96
N ASN J 18 2.44 6.79 35.41
CA ASN J 18 2.86 7.28 36.76
C ASN J 18 2.74 8.78 36.79
N LEU J 19 2.81 9.56 35.72
CA LEU J 19 2.68 10.98 35.58
C LEU J 19 1.29 11.52 35.29
N LEU J 20 0.29 10.66 35.35
CA LEU J 20 -1.10 11.05 35.05
C LEU J 20 -1.51 12.19 35.95
N GLY J 21 -2.09 13.21 35.36
CA GLY J 21 -2.60 14.35 36.11
C GLY J 21 -1.57 15.46 36.22
N GLN J 22 -0.31 15.20 35.91
CA GLN J 22 0.72 16.22 36.08
C GLN J 22 0.90 17.11 34.86
N ARG J 23 0.20 16.84 33.77
CA ARG J 23 0.31 17.60 32.54
C ARG J 23 -0.74 17.16 31.52
N GLN J 24 -0.94 17.91 30.46
CA GLN J 24 -1.87 17.55 29.42
C GLN J 24 -3.27 17.20 29.92
N PRO J 25 -3.86 18.05 30.74
CA PRO J 25 -5.19 17.82 31.24
C PRO J 25 -6.27 17.76 30.17
N GLU J 26 -6.07 18.46 29.06
CA GLU J 26 -7.04 18.44 27.96
C GLU J 26 -7.12 17.02 27.36
N ILE J 27 -5.99 16.32 27.32
CA ILE J 27 -6.00 14.95 26.84
C ILE J 27 -6.27 13.94 27.96
N TYR J 28 -5.53 14.02 29.06
CA TYR J 28 -5.62 13.03 30.11
C TYR J 28 -6.30 13.37 31.41
N GLY J 29 -6.73 14.60 31.61
CA GLY J 29 -7.46 14.98 32.81
C GLY J 29 -6.52 15.44 33.92
N SER J 30 -7.08 15.82 35.05
CA SER J 30 -6.32 16.34 36.18
C SER J 30 -6.29 15.35 37.33
N ASP J 31 -6.90 14.18 37.22
CA ASP J 31 -6.82 13.15 38.22
C ASP J 31 -5.48 12.43 38.14
N THR J 32 -4.98 12.05 39.31
CA THR J 32 -3.72 11.30 39.33
C THR J 32 -4.00 9.84 39.23
N LEU J 33 -2.94 9.00 39.14
CA LEU J 33 -3.17 7.57 39.19
C LEU J 33 -3.75 7.12 40.51
N ALA J 34 -3.37 7.76 41.60
CA ALA J 34 -3.88 7.46 42.93
C ALA J 34 -5.38 7.77 42.93
N ASP J 35 -5.83 8.81 42.33
CA ASP J 35 -7.27 9.15 42.17
C ASP J 35 -8.02 8.08 41.43
N VAL J 36 -7.41 7.55 40.34
CA VAL J 36 -7.95 6.45 39.56
C VAL J 36 -8.07 5.20 40.40
N GLU J 37 -7.01 4.87 41.15
CA GLU J 37 -7.09 3.70 42.04
C GLU J 37 -8.27 3.86 42.97
N ALA J 38 -8.44 5.03 43.57
CA ALA J 38 -9.58 5.19 44.51
C ALA J 38 -10.89 5.00 43.81
N LEU J 39 -11.04 5.45 42.53
CA LEU J 39 -12.26 5.21 41.82
C LEU J 39 -12.57 3.73 41.64
N CYS J 40 -11.60 2.93 41.36
CA CYS J 40 -11.61 1.51 41.13
C CYS J 40 -11.94 0.75 42.40
N VAL J 41 -11.29 1.16 43.50
CA VAL J 41 -11.61 0.58 44.82
C VAL J 41 -13.08 0.75 45.11
N LYS J 42 -13.65 1.92 44.98
CA LYS J 42 -15.04 2.20 45.23
C LYS J 42 -15.97 1.46 44.32
N ALA J 43 -15.70 1.42 43.02
CA ALA J 43 -16.53 0.69 42.09
C ALA J 43 -16.54 -0.79 42.39
N ALA J 44 -15.40 -1.42 42.71
CA ALA J 44 -15.35 -2.83 42.99
C ALA J 44 -16.09 -3.14 44.29
N ALA J 45 -15.88 -2.31 45.28
CA ALA J 45 -16.58 -2.52 46.59
C ALA J 45 -18.08 -2.51 46.46
N ALA J 46 -18.66 -1.81 45.51
CA ALA J 46 -20.11 -1.87 45.29
C ALA J 46 -20.53 -3.26 44.85
N HIS J 47 -19.65 -4.09 44.30
CA HIS J 47 -19.97 -5.42 43.91
C HIS J 47 -19.41 -6.43 44.87
N GLY J 48 -18.94 -6.01 46.04
CA GLY J 48 -18.31 -6.90 46.99
C GLY J 48 -16.89 -7.33 46.63
N GLY J 49 -16.24 -6.64 45.69
CA GLY J 49 -14.90 -7.06 45.29
C GLY J 49 -13.82 -6.09 45.74
N THR J 50 -12.61 -6.37 45.35
CA THR J 50 -11.41 -5.66 45.63
C THR J 50 -10.54 -5.52 44.36
N VAL J 51 -9.59 -4.60 44.42
CA VAL J 51 -8.69 -4.39 43.28
C VAL J 51 -7.26 -4.43 43.71
N ASP J 52 -6.38 -4.83 42.81
CA ASP J 52 -4.94 -4.95 42.93
C ASP J 52 -4.42 -4.04 41.81
N PHE J 53 -4.13 -2.81 42.14
CA PHE J 53 -3.81 -1.76 41.19
C PHE J 53 -2.34 -1.55 41.03
N ARG J 54 -1.81 -1.66 39.81
CA ARG J 54 -0.38 -1.54 39.55
C ARG J 54 -0.03 -0.75 38.28
N GLN J 55 1.20 -0.20 38.26
CA GLN J 55 1.71 0.57 37.12
C GLN J 55 3.15 0.21 36.88
N SER J 56 3.59 0.04 35.60
CA SER J 56 4.95 -0.21 35.24
C SER J 56 5.31 0.41 33.88
N ASN J 57 6.58 0.76 33.74
CA ASN J 57 7.14 1.20 32.46
C ASN J 57 7.75 0.05 31.69
N HIS J 58 7.76 -1.16 32.20
CA HIS J 58 8.44 -2.32 31.68
C HIS J 58 7.50 -3.35 31.07
N GLU J 59 7.70 -3.61 29.77
CA GLU J 59 6.89 -4.50 29.02
C GLU J 59 6.92 -5.90 29.64
N GLY J 60 8.06 -6.44 30.02
CA GLY J 60 8.26 -7.73 30.60
C GLY J 60 7.68 -7.84 32.02
N GLU J 61 7.65 -6.74 32.75
CA GLU J 61 7.00 -6.77 34.07
C GLU J 61 5.50 -6.87 33.92
N LEU J 62 4.90 -6.16 32.96
CA LEU J 62 3.46 -6.28 32.67
C LEU J 62 3.18 -7.70 32.31
N VAL J 63 4.00 -8.35 31.47
CA VAL J 63 3.82 -9.75 31.14
C VAL J 63 3.77 -10.61 32.40
N ASP J 64 4.72 -10.40 33.31
CA ASP J 64 4.79 -11.18 34.56
C ASP J 64 3.47 -11.00 35.32
N TRP J 65 3.05 -9.76 35.51
CA TRP J 65 1.81 -9.47 36.20
C TRP J 65 0.58 -10.07 35.57
N ILE J 66 0.47 -10.15 34.25
CA ILE J 66 -0.60 -10.85 33.58
C ILE J 66 -0.54 -12.35 33.89
N HIS J 67 0.62 -12.96 33.91
CA HIS J 67 0.72 -14.36 34.34
C HIS J 67 0.27 -14.60 35.79
N GLU J 68 0.56 -13.62 36.64
CA GLU J 68 0.13 -13.64 38.05
C GLU J 68 -1.38 -13.61 38.11
N ALA J 69 -2.01 -12.69 37.39
CA ALA J 69 -3.44 -12.52 37.34
C ALA J 69 -4.19 -13.74 36.85
N ARG J 70 -3.58 -14.42 35.87
CA ARG J 70 -4.05 -15.66 35.31
C ARG J 70 -4.37 -16.67 36.41
N LEU J 71 -3.51 -16.76 37.40
CA LEU J 71 -3.65 -17.71 38.48
C LEU J 71 -4.35 -17.19 39.71
N ASN J 72 -4.35 -15.93 40.03
CA ASN J 72 -4.83 -15.37 41.27
C ASN J 72 -5.91 -14.35 41.26
N HIS J 73 -6.37 -13.81 40.15
CA HIS J 73 -7.24 -12.70 40.06
C HIS J 73 -8.50 -13.11 39.30
N CYS J 74 -9.56 -12.33 39.40
CA CYS J 74 -10.84 -12.66 38.79
C CYS J 74 -11.05 -11.95 37.45
N GLY J 75 -10.08 -11.11 37.06
CA GLY J 75 -10.23 -10.39 35.78
C GLY J 75 -9.10 -9.36 35.70
N ILE J 76 -8.97 -8.81 34.47
CA ILE J 76 -7.93 -7.79 34.27
C ILE J 76 -8.59 -6.58 33.60
N VAL J 77 -8.34 -5.39 34.09
CA VAL J 77 -8.64 -4.09 33.50
C VAL J 77 -7.24 -3.58 33.16
N ILE J 78 -6.91 -3.31 31.90
CA ILE J 78 -5.58 -2.89 31.52
C ILE J 78 -5.61 -1.68 30.59
N ASN J 79 -4.87 -0.67 31.00
CA ASN J 79 -4.52 0.46 30.19
C ASN J 79 -3.07 0.28 29.79
N PRO J 80 -2.78 -0.30 28.62
CA PRO J 80 -1.41 -0.62 28.25
C PRO J 80 -0.57 0.51 27.81
N ALA J 81 -1.16 1.69 27.69
CA ALA J 81 -0.54 2.92 27.31
C ALA J 81 0.26 2.71 26.01
N ALA J 82 1.48 3.13 25.84
CA ALA J 82 2.16 3.03 24.53
C ALA J 82 2.33 1.59 24.09
N TYR J 83 2.39 0.62 24.98
CA TYR J 83 2.53 -0.77 24.71
C TYR J 83 1.28 -1.32 24.02
N SER J 84 0.17 -0.61 24.03
CA SER J 84 -1.01 -1.05 23.31
C SER J 84 -0.67 -1.17 21.81
N HIS J 85 0.22 -0.27 21.34
CA HIS J 85 0.48 -0.15 19.92
C HIS J 85 1.64 -0.99 19.47
N THR J 86 2.51 -1.41 20.40
CA THR J 86 3.72 -2.11 20.02
C THR J 86 3.87 -3.52 20.52
N SER J 87 3.14 -3.84 21.62
CA SER J 87 3.42 -5.09 22.30
C SER J 87 2.65 -6.33 21.90
N VAL J 88 3.29 -7.15 21.01
CA VAL J 88 2.81 -8.47 20.74
C VAL J 88 3.02 -9.32 22.02
N ALA J 89 4.07 -9.05 22.79
CA ALA J 89 4.26 -9.79 24.02
C ALA J 89 3.13 -9.70 25.06
N ILE J 90 2.54 -8.54 25.25
CA ILE J 90 1.40 -8.35 26.15
C ILE J 90 0.18 -9.01 25.60
N LEU J 91 -0.07 -8.97 24.26
CA LEU J 91 -1.15 -9.72 23.68
C LEU J 91 -0.99 -11.20 23.95
N ASP J 92 0.21 -11.73 23.72
CA ASP J 92 0.40 -13.18 23.95
C ASP J 92 0.26 -13.53 25.42
N ALA J 93 0.65 -12.65 26.32
CA ALA J 93 0.46 -12.90 27.75
C ALA J 93 -1.03 -12.94 28.04
N LEU J 94 -1.83 -12.00 27.56
CA LEU J 94 -3.29 -12.00 27.75
C LEU J 94 -3.96 -13.21 27.09
N ASN J 95 -3.43 -13.71 26.00
CA ASN J 95 -3.94 -14.93 25.39
C ASN J 95 -3.72 -16.15 26.29
N THR J 96 -2.80 -16.15 27.23
CA THR J 96 -2.65 -17.29 28.12
C THR J 96 -3.74 -17.30 29.19
N CYS J 97 -4.53 -16.27 29.32
CA CYS J 97 -5.56 -16.11 30.34
C CYS J 97 -6.90 -16.65 29.89
N ASP J 98 -6.93 -17.94 29.50
CA ASP J 98 -8.10 -18.61 28.99
C ASP J 98 -9.27 -18.43 29.92
N GLY J 99 -10.38 -17.89 29.40
CA GLY J 99 -11.56 -17.72 30.19
C GLY J 99 -11.59 -16.53 31.13
N LEU J 100 -10.50 -15.80 31.33
CA LEU J 100 -10.55 -14.67 32.23
C LEU J 100 -11.04 -13.42 31.56
N PRO J 101 -11.92 -12.67 32.14
CA PRO J 101 -12.43 -11.43 31.58
C PRO J 101 -11.30 -10.40 31.58
N VAL J 102 -11.18 -9.77 30.40
CA VAL J 102 -10.18 -8.71 30.20
C VAL J 102 -10.83 -7.52 29.57
N VAL J 103 -10.68 -6.32 30.10
CA VAL J 103 -11.21 -5.11 29.56
C VAL J 103 -10.04 -4.10 29.38
N GLU J 104 -9.92 -3.59 28.14
CA GLU J 104 -8.89 -2.63 27.78
C GLU J 104 -9.45 -1.23 27.90
N VAL J 105 -8.69 -0.32 28.52
CA VAL J 105 -9.12 1.05 28.72
C VAL J 105 -8.08 2.02 28.16
N HIS J 106 -8.57 3.05 27.48
CA HIS J 106 -7.77 4.20 27.05
C HIS J 106 -8.48 5.44 27.58
N ILE J 107 -7.80 6.28 28.37
CA ILE J 107 -8.35 7.54 28.86
C ILE J 107 -8.78 8.40 27.70
N SER J 108 -7.87 8.55 26.75
CA SER J 108 -8.04 9.39 25.56
C SER J 108 -8.70 8.62 24.43
N ASN J 109 -9.27 9.36 23.47
CA ASN J 109 -9.86 8.70 22.31
C ASN J 109 -8.76 8.53 21.27
N ILE J 110 -8.10 7.37 21.34
CA ILE J 110 -6.99 7.07 20.43
C ILE J 110 -7.32 7.27 18.97
N HIS J 111 -8.58 7.07 18.55
CA HIS J 111 -9.04 7.20 17.19
C HIS J 111 -8.98 8.60 16.67
N GLN J 112 -8.91 9.60 17.50
CA GLN J 112 -8.78 11.01 17.09
C GLN J 112 -7.34 11.49 17.06
N ARG J 113 -6.42 10.59 17.44
CA ARG J 113 -5.02 10.97 17.58
C ARG J 113 -4.13 10.49 16.44
N GLU J 114 -2.81 10.43 16.66
CA GLU J 114 -1.92 10.04 15.55
C GLU J 114 -2.26 8.67 15.05
N PRO J 115 -2.11 8.40 13.76
CA PRO J 115 -2.39 7.11 13.15
C PRO J 115 -1.65 5.94 13.79
N PHE J 116 -0.46 6.09 14.36
CA PHE J 116 0.22 5.01 15.05
C PHE J 116 -0.55 4.61 16.33
N ARG J 117 -1.44 5.42 16.86
CA ARG J 117 -2.26 5.09 18.01
C ARG J 117 -3.57 4.40 17.64
N HIS J 118 -3.91 4.30 16.35
CA HIS J 118 -5.18 3.75 15.96
C HIS J 118 -5.28 2.24 16.13
N HIS J 119 -4.21 1.51 16.06
CA HIS J 119 -4.20 0.08 16.23
C HIS J 119 -3.70 -0.30 17.63
N SER J 120 -4.40 -1.21 18.24
CA SER J 120 -3.97 -1.82 19.51
C SER J 120 -3.89 -3.33 19.40
N TYR J 121 -2.75 -3.95 19.71
CA TYR J 121 -2.62 -5.41 19.73
C TYR J 121 -3.50 -5.99 20.85
N VAL J 122 -3.64 -5.25 21.95
CA VAL J 122 -4.45 -5.72 23.08
C VAL J 122 -5.89 -5.89 22.70
N SER J 123 -6.45 -5.08 21.79
CA SER J 123 -7.81 -5.19 21.38
C SER J 123 -8.27 -6.50 20.75
N GLN J 124 -7.36 -7.28 20.21
CA GLN J 124 -7.48 -8.53 19.58
C GLN J 124 -7.86 -9.57 20.63
N ARG J 125 -7.51 -9.40 21.91
CA ARG J 125 -7.89 -10.30 22.95
C ARG J 125 -8.88 -9.72 23.93
N ALA J 126 -8.79 -8.42 24.28
CA ALA J 126 -9.66 -7.86 25.28
C ALA J 126 -11.11 -8.14 24.93
N ASP J 127 -11.89 -8.57 25.91
CA ASP J 127 -13.32 -8.83 25.64
C ASP J 127 -14.00 -7.52 25.23
N GLY J 128 -13.74 -6.40 25.89
CA GLY J 128 -14.22 -5.11 25.71
C GLY J 128 -13.11 -4.05 25.70
N VAL J 129 -13.36 -2.98 24.96
CA VAL J 129 -12.44 -1.90 24.81
C VAL J 129 -13.18 -0.59 25.03
N VAL J 130 -12.66 0.25 25.93
CA VAL J 130 -13.28 1.53 26.28
C VAL J 130 -12.26 2.61 26.00
N ALA J 131 -12.58 3.49 25.08
CA ALA J 131 -11.66 4.60 24.78
C ALA J 131 -12.32 5.95 24.87
N GLY J 132 -11.60 6.96 25.32
CA GLY J 132 -12.01 8.31 25.41
C GLY J 132 -13.17 8.63 26.32
N CYS J 133 -13.38 7.82 27.30
CA CYS J 133 -14.33 8.07 28.42
C CYS J 133 -13.64 8.58 29.66
N GLY J 134 -12.41 9.15 29.44
CA GLY J 134 -11.65 9.66 30.57
C GLY J 134 -11.33 8.59 31.60
N VAL J 135 -10.94 8.99 32.82
CA VAL J 135 -10.70 8.09 33.91
C VAL J 135 -11.95 7.32 34.31
N GLN J 136 -13.17 7.77 33.93
CA GLN J 136 -14.40 7.03 34.13
C GLN J 136 -14.38 5.70 33.42
N GLY J 137 -13.59 5.58 32.33
CA GLY J 137 -13.48 4.31 31.65
C GLY J 137 -12.98 3.20 32.55
N TYR J 138 -12.13 3.48 33.56
CA TYR J 138 -11.68 2.46 34.47
C TYR J 138 -12.89 1.94 35.26
N VAL J 139 -13.83 2.77 35.66
CA VAL J 139 -15.01 2.33 36.39
C VAL J 139 -15.87 1.42 35.51
N PHE J 140 -15.99 1.79 34.23
CA PHE J 140 -16.67 0.97 33.25
C PHE J 140 -15.99 -0.39 33.16
N GLY J 141 -14.64 -0.37 33.12
CA GLY J 141 -13.93 -1.64 33.11
C GLY J 141 -14.26 -2.57 34.27
N VAL J 142 -14.23 -2.03 35.49
CA VAL J 142 -14.56 -2.74 36.71
C VAL J 142 -15.97 -3.28 36.65
N GLU J 143 -16.92 -2.47 36.22
CA GLU J 143 -18.31 -2.86 36.04
C GLU J 143 -18.51 -3.97 35.04
N ARG J 144 -17.79 -3.95 33.91
CA ARG J 144 -17.81 -5.02 32.92
C ARG J 144 -17.18 -6.30 33.47
N ILE J 145 -16.05 -6.22 34.20
CA ILE J 145 -15.50 -7.40 34.83
C ILE J 145 -16.54 -8.00 35.80
N ALA J 146 -17.14 -7.18 36.66
CA ALA J 146 -18.17 -7.66 37.58
C ALA J 146 -19.30 -8.38 36.89
N ALA J 147 -19.80 -7.83 35.77
CA ALA J 147 -20.81 -8.52 35.00
C ALA J 147 -20.30 -9.82 34.41
N LEU J 148 -19.10 -9.91 33.88
CA LEU J 148 -18.58 -11.11 33.25
C LEU J 148 -18.19 -12.15 34.29
N ALA J 149 -17.72 -11.75 35.45
CA ALA J 149 -17.37 -12.74 36.49
C ALA J 149 -18.64 -13.34 37.06
N GLY J 150 -19.80 -12.71 36.95
CA GLY J 150 -21.08 -13.19 37.40
C GLY J 150 -21.90 -13.97 36.38
N ARG K 2 15.72 24.52 33.37
CA ARG K 2 17.06 24.75 33.96
C ARG K 2 18.09 25.20 32.94
N SER K 3 19.10 25.97 33.37
CA SER K 3 20.24 26.41 32.58
C SER K 3 21.36 25.35 32.64
N LEU K 4 22.36 25.40 31.79
CA LEU K 4 23.51 24.52 31.81
C LEU K 4 24.35 24.70 33.09
N ALA K 5 24.38 25.94 33.60
CA ALA K 5 25.10 26.18 34.85
C ALA K 5 24.41 25.52 36.04
N ASN K 6 23.10 25.35 36.02
CA ASN K 6 22.37 24.79 37.14
C ASN K 6 22.09 23.32 37.12
N ALA K 7 22.19 22.67 35.95
CA ALA K 7 21.85 21.24 35.97
C ALA K 7 22.56 20.51 34.80
N PRO K 8 22.89 19.25 34.99
CA PRO K 8 23.56 18.53 33.94
C PRO K 8 22.65 18.30 32.72
N ILE K 9 23.29 18.09 31.60
CA ILE K 9 22.66 17.62 30.38
C ILE K 9 22.57 16.10 30.44
N MET K 10 21.39 15.49 30.34
CA MET K 10 21.29 14.02 30.33
C MET K 10 21.65 13.49 28.94
N ILE K 11 22.61 12.57 28.83
CA ILE K 11 22.97 11.97 27.55
C ILE K 11 22.60 10.50 27.64
N LEU K 12 21.55 10.09 26.88
CA LEU K 12 21.11 8.72 26.91
C LEU K 12 21.42 7.89 25.69
N ASN K 13 21.84 6.66 25.89
CA ASN K 13 22.20 5.73 24.84
C ASN K 13 21.46 4.42 24.98
N GLY K 14 20.79 4.01 23.92
CA GLY K 14 19.99 2.80 23.88
C GLY K 14 20.77 1.52 23.68
N PRO K 15 20.11 0.47 23.25
CA PRO K 15 20.61 -0.88 23.27
C PRO K 15 21.77 -1.15 22.35
N ASN K 16 22.67 -2.01 22.76
CA ASN K 16 23.87 -2.43 21.99
C ASN K 16 24.98 -1.42 21.93
N LEU K 17 24.77 -0.16 22.31
CA LEU K 17 25.73 0.92 22.32
C LEU K 17 26.85 0.69 23.36
N ASN K 18 26.64 -0.21 24.27
CA ASN K 18 27.70 -0.65 25.20
C ASN K 18 28.82 -1.28 24.40
N LEU K 19 28.61 -1.84 23.21
CA LEU K 19 29.62 -2.42 22.35
C LEU K 19 30.21 -1.49 21.28
N LEU K 20 29.88 -0.21 21.40
CA LEU K 20 30.36 0.76 20.40
C LEU K 20 31.88 0.69 20.29
N GLY K 21 32.39 0.63 19.08
CA GLY K 21 33.82 0.66 18.82
C GLY K 21 34.45 -0.72 18.79
N GLN K 22 33.74 -1.75 19.24
CA GLN K 22 34.29 -3.09 19.22
C GLN K 22 34.09 -3.83 17.90
N ARG K 23 33.40 -3.27 16.93
CA ARG K 23 33.12 -3.88 15.64
C ARG K 23 32.41 -2.89 14.71
N GLN K 24 32.30 -3.25 13.44
CA GLN K 24 31.66 -2.41 12.44
C GLN K 24 32.12 -0.97 12.44
N PRO K 25 33.41 -0.73 12.35
CA PRO K 25 33.95 0.61 12.33
C PRO K 25 33.55 1.41 11.12
N GLU K 26 33.29 0.75 10.00
CA GLU K 26 32.85 1.44 8.78
C GLU K 26 31.45 2.06 9.01
N ILE K 27 30.61 1.41 9.80
CA ILE K 27 29.31 1.99 10.15
C ILE K 27 29.38 2.86 11.42
N TYR K 28 29.98 2.30 12.48
CA TYR K 28 29.98 2.99 13.76
C TYR K 28 31.23 3.67 14.27
N GLY K 29 32.36 3.43 13.61
CA GLY K 29 33.61 4.06 13.98
C GLY K 29 34.39 3.20 14.98
N SER K 30 35.56 3.70 15.39
CA SER K 30 36.39 2.97 16.33
C SER K 30 36.42 3.58 17.72
N ASP K 31 35.72 4.65 17.94
CA ASP K 31 35.57 5.23 19.27
C ASP K 31 34.63 4.39 20.11
N THR K 32 34.87 4.29 21.41
CA THR K 32 34.06 3.56 22.34
C THR K 32 33.04 4.51 22.96
N LEU K 33 32.13 3.96 23.79
CA LEU K 33 31.20 4.84 24.48
C LEU K 33 31.94 5.72 25.49
N ALA K 34 33.06 5.25 26.05
CA ALA K 34 33.83 6.07 26.98
C ALA K 34 34.36 7.28 26.20
N ASP K 35 34.79 7.05 24.93
CA ASP K 35 35.31 8.09 24.08
C ASP K 35 34.21 9.14 23.79
N VAL K 36 33.01 8.66 23.52
CA VAL K 36 31.87 9.56 23.27
C VAL K 36 31.54 10.39 24.51
N GLU K 37 31.51 9.77 25.67
CA GLU K 37 31.30 10.45 26.94
C GLU K 37 32.31 11.60 27.12
N ALA K 38 33.57 11.32 26.84
CA ALA K 38 34.61 12.36 26.95
C ALA K 38 34.35 13.52 26.00
N LEU K 39 33.93 13.22 24.76
CA LEU K 39 33.57 14.24 23.81
C LEU K 39 32.47 15.17 24.36
N CYS K 40 31.47 14.58 24.97
CA CYS K 40 30.32 15.27 25.52
C CYS K 40 30.71 16.16 26.74
N VAL K 41 31.49 15.58 27.65
CA VAL K 41 32.01 16.30 28.80
C VAL K 41 32.75 17.56 28.33
N LYS K 42 33.62 17.39 27.35
CA LYS K 42 34.38 18.53 26.83
C LYS K 42 33.53 19.60 26.17
N ALA K 43 32.54 19.16 25.39
CA ALA K 43 31.65 20.11 24.70
C ALA K 43 30.81 20.87 25.72
N ALA K 44 30.32 20.17 26.74
CA ALA K 44 29.53 20.83 27.75
C ALA K 44 30.33 21.82 28.58
N ALA K 45 31.59 21.42 28.85
CA ALA K 45 32.45 22.25 29.70
C ALA K 45 32.73 23.59 29.04
N ALA K 46 32.76 23.59 27.72
CA ALA K 46 33.00 24.84 27.01
C ALA K 46 31.83 25.82 27.22
N HIS K 47 30.65 25.38 27.63
CA HIS K 47 29.51 26.21 27.89
C HIS K 47 29.28 26.31 29.38
N GLY K 48 30.22 25.94 30.22
CA GLY K 48 30.10 25.94 31.66
C GLY K 48 29.09 24.88 32.16
N GLY K 49 28.92 23.80 31.40
CA GLY K 49 28.00 22.78 31.83
C GLY K 49 28.62 21.44 32.11
N THR K 50 27.77 20.50 32.50
CA THR K 50 28.11 19.17 32.87
C THR K 50 27.17 18.13 32.23
N VAL K 51 27.58 16.88 32.29
CA VAL K 51 26.79 15.85 31.64
C VAL K 51 26.55 14.67 32.54
N ASP K 52 25.45 13.97 32.28
CA ASP K 52 25.09 12.77 33.05
C ASP K 52 24.87 11.69 31.94
N PHE K 53 25.91 10.94 31.66
CA PHE K 53 25.99 10.03 30.51
C PHE K 53 25.63 8.60 30.88
N ARG K 54 24.66 8.00 30.22
CA ARG K 54 24.17 6.69 30.59
C ARG K 54 23.82 5.85 29.36
N GLN K 55 23.80 4.54 29.57
CA GLN K 55 23.46 3.56 28.53
C GLN K 55 22.63 2.45 29.10
N SER K 56 21.62 1.99 28.35
CA SER K 56 20.81 0.87 28.82
C SER K 56 20.31 0.07 27.61
N ASN K 57 20.11 -1.19 27.89
CA ASN K 57 19.46 -2.05 26.89
C ASN K 57 18.00 -2.22 27.13
N HIS K 58 17.43 -1.55 28.12
CA HIS K 58 16.06 -1.72 28.55
C HIS K 58 15.19 -0.52 28.25
N GLU K 59 14.12 -0.77 27.49
CA GLU K 59 13.20 0.28 27.11
C GLU K 59 12.59 1.05 28.29
N GLY K 60 12.10 0.34 29.28
CA GLY K 60 11.51 0.87 30.49
C GLY K 60 12.51 1.67 31.33
N GLU K 61 13.75 1.18 31.37
CA GLU K 61 14.77 1.96 32.14
C GLU K 61 15.02 3.30 31.46
N LEU K 62 15.09 3.38 30.16
CA LEU K 62 15.23 4.60 29.40
C LEU K 62 14.04 5.53 29.71
N VAL K 63 12.83 4.99 29.72
CA VAL K 63 11.65 5.75 30.11
C VAL K 63 11.88 6.38 31.51
N ASP K 64 12.24 5.56 32.48
CA ASP K 64 12.50 6.06 33.84
C ASP K 64 13.53 7.19 33.84
N TRP K 65 14.61 7.06 33.10
CA TRP K 65 15.68 8.07 33.06
C TRP K 65 15.21 9.34 32.43
N ILE K 66 14.28 9.30 31.44
CA ILE K 66 13.69 10.44 30.79
C ILE K 66 12.82 11.19 31.83
N HIS K 67 12.11 10.45 32.62
CA HIS K 67 11.29 11.10 33.68
C HIS K 67 12.23 11.80 34.71
N GLU K 68 13.33 11.19 34.99
CA GLU K 68 14.30 11.79 35.95
C GLU K 68 14.78 13.07 35.32
N ALA K 69 15.19 13.06 34.06
CA ALA K 69 15.68 14.23 33.40
C ALA K 69 14.71 15.39 33.35
N ARG K 70 13.42 15.07 33.16
CA ARG K 70 12.32 15.98 33.14
C ARG K 70 12.40 16.87 34.38
N LEU K 71 12.72 16.30 35.53
CA LEU K 71 12.78 17.03 36.77
C LEU K 71 14.13 17.59 37.14
N ASN K 72 15.21 16.93 36.72
CA ASN K 72 16.53 17.32 37.25
C ASN K 72 17.57 17.79 36.26
N HIS K 73 17.33 17.82 34.98
CA HIS K 73 18.37 18.07 33.98
C HIS K 73 17.97 19.21 33.07
N CYS K 74 18.89 19.79 32.34
CA CYS K 74 18.60 20.92 31.50
C CYS K 74 18.25 20.60 30.03
N GLY K 75 18.37 19.32 29.69
CA GLY K 75 18.07 18.88 28.34
C GLY K 75 18.48 17.43 28.17
N ILE K 76 18.05 16.84 27.03
CA ILE K 76 18.33 15.45 26.79
C ILE K 76 18.97 15.30 25.43
N VAL K 77 20.13 14.68 25.35
CA VAL K 77 20.72 14.27 24.03
C VAL K 77 20.52 12.73 24.03
N ILE K 78 19.75 12.17 23.07
CA ILE K 78 19.46 10.77 23.07
C ILE K 78 19.78 10.06 21.78
N ASN K 79 20.56 8.99 21.86
CA ASN K 79 20.72 8.06 20.71
C ASN K 79 19.92 6.81 21.13
N PRO K 80 18.67 6.68 20.71
CA PRO K 80 17.81 5.60 21.13
C PRO K 80 18.12 4.25 20.54
N ALA K 81 19.08 4.17 19.62
CA ALA K 81 19.52 2.97 18.94
C ALA K 81 18.29 2.21 18.42
N ALA K 82 18.18 0.93 18.52
CA ALA K 82 17.04 0.21 17.97
C ALA K 82 15.67 0.69 18.41
N TYR K 83 15.54 1.22 19.63
CA TYR K 83 14.30 1.69 20.17
C TYR K 83 13.77 2.90 19.40
N SER K 84 14.65 3.60 18.68
CA SER K 84 14.27 4.70 17.84
C SER K 84 13.12 4.19 16.92
N HIS K 85 13.25 2.99 16.38
CA HIS K 85 12.31 2.49 15.37
C HIS K 85 11.09 1.80 15.94
N THR K 86 11.10 1.43 17.20
CA THR K 86 10.04 0.58 17.76
C THR K 86 9.32 1.23 18.92
N SER K 87 9.94 2.14 19.65
CA SER K 87 9.42 2.59 20.92
C SER K 87 8.54 3.80 21.02
N VAL K 88 7.22 3.53 20.99
CA VAL K 88 6.22 4.53 21.27
C VAL K 88 6.36 4.95 22.74
N ALA K 89 6.77 4.01 23.61
CA ALA K 89 6.91 4.35 25.02
C ALA K 89 7.97 5.41 25.28
N ILE K 90 9.06 5.44 24.57
CA ILE K 90 10.13 6.40 24.71
C ILE K 90 9.70 7.75 24.13
N LEU K 91 8.98 7.69 22.97
CA LEU K 91 8.38 8.92 22.48
C LEU K 91 7.45 9.53 23.52
N ASP K 92 6.56 8.72 24.13
CA ASP K 92 5.61 9.32 25.09
C ASP K 92 6.32 9.82 26.33
N ALA K 93 7.41 9.21 26.74
CA ALA K 93 8.21 9.71 27.87
C ALA K 93 8.79 11.08 27.50
N LEU K 94 9.38 11.22 26.31
CA LEU K 94 9.90 12.50 25.87
C LEU K 94 8.81 13.58 25.76
N ASN K 95 7.59 13.23 25.39
CA ASN K 95 6.44 14.11 25.33
C ASN K 95 6.06 14.63 26.69
N THR K 96 6.39 13.98 27.76
CA THR K 96 6.17 14.49 29.11
C THR K 96 7.19 15.59 29.49
N CYS K 97 8.25 15.82 28.73
CA CYS K 97 9.27 16.80 29.02
C CYS K 97 8.92 18.14 28.39
N ASP K 98 7.74 18.67 28.77
CA ASP K 98 7.25 19.92 28.25
C ASP K 98 8.29 21.01 28.41
N GLY K 99 8.66 21.67 27.33
CA GLY K 99 9.63 22.72 27.38
C GLY K 99 11.10 22.34 27.44
N LEU K 100 11.43 21.07 27.62
CA LEU K 100 12.84 20.66 27.78
C LEU K 100 13.45 20.40 26.41
N PRO K 101 14.62 20.95 26.16
CA PRO K 101 15.29 20.74 24.89
C PRO K 101 15.72 19.29 24.76
N VAL K 102 15.39 18.71 23.60
CA VAL K 102 15.74 17.30 23.29
C VAL K 102 16.36 17.22 21.91
N VAL K 103 17.50 16.58 21.76
CA VAL K 103 18.17 16.38 20.48
C VAL K 103 18.44 14.89 20.30
N GLU K 104 18.04 14.34 19.17
CA GLU K 104 18.18 12.95 18.80
C GLU K 104 19.44 12.79 17.92
N VAL K 105 20.27 11.81 18.26
CA VAL K 105 21.53 11.55 17.56
C VAL K 105 21.61 10.09 17.09
N HIS K 106 21.95 9.91 15.84
CA HIS K 106 22.32 8.64 15.22
C HIS K 106 23.75 8.79 14.63
N ILE K 107 24.65 7.92 15.03
CA ILE K 107 26.03 7.86 14.54
C ILE K 107 26.07 7.57 13.03
N SER K 108 25.29 6.57 12.64
CA SER K 108 25.11 6.17 11.25
C SER K 108 24.01 6.98 10.56
N ASN K 109 24.08 7.02 9.22
CA ASN K 109 23.04 7.65 8.42
C ASN K 109 21.96 6.61 8.18
N ILE K 110 20.97 6.62 9.04
CA ILE K 110 19.91 5.63 9.06
C ILE K 110 19.17 5.68 7.69
N HIS K 111 19.17 6.80 7.02
CA HIS K 111 18.50 6.95 5.73
C HIS K 111 19.11 6.13 4.63
N GLN K 112 20.32 5.66 4.72
CA GLN K 112 21.00 4.85 3.75
C GLN K 112 20.93 3.38 4.10
N ARG K 113 20.28 3.07 5.22
CA ARG K 113 20.32 1.68 5.69
C ARG K 113 19.01 0.96 5.40
N GLU K 114 18.70 -0.15 6.11
CA GLU K 114 17.48 -0.86 5.82
C GLU K 114 16.27 0.05 6.03
N PRO K 115 15.19 -0.16 5.28
CA PRO K 115 13.99 0.61 5.40
C PRO K 115 13.38 0.62 6.78
N PHE K 116 13.52 -0.44 7.58
CA PHE K 116 12.98 -0.41 8.93
C PHE K 116 13.75 0.62 9.77
N ARG K 117 14.91 1.12 9.40
CA ARG K 117 15.60 2.16 10.17
C ARG K 117 15.22 3.58 9.68
N HIS K 118 14.45 3.72 8.58
CA HIS K 118 14.18 5.10 8.08
C HIS K 118 13.25 5.90 8.98
N HIS K 119 12.35 5.20 9.69
CA HIS K 119 11.44 5.96 10.57
C HIS K 119 11.93 5.91 12.02
N SER K 120 11.90 7.04 12.69
CA SER K 120 12.12 7.09 14.14
C SER K 120 10.94 7.72 14.85
N TYR K 121 10.37 7.02 15.87
CA TYR K 121 9.31 7.62 16.69
C TYR K 121 9.84 8.82 17.47
N VAL K 122 11.12 8.78 17.87
CA VAL K 122 11.70 9.88 18.66
C VAL K 122 11.74 11.19 17.89
N SER K 123 11.90 11.17 16.58
CA SER K 123 11.98 12.30 15.70
C SER K 123 10.72 13.19 15.72
N GLN K 124 9.60 12.58 16.07
CA GLN K 124 8.33 13.30 16.25
C GLN K 124 8.36 14.30 17.39
N ARG K 125 9.20 14.10 18.41
CA ARG K 125 9.30 14.96 19.55
C ARG K 125 10.64 15.70 19.67
N ALA K 126 11.72 15.07 19.23
CA ALA K 126 13.01 15.74 19.33
C ALA K 126 12.99 17.10 18.63
N ASP K 127 13.66 18.05 19.29
CA ASP K 127 13.71 19.38 18.67
C ASP K 127 14.52 19.28 17.39
N GLY K 128 15.65 18.69 17.39
CA GLY K 128 16.64 18.48 16.35
C GLY K 128 17.00 17.00 16.28
N VAL K 129 17.42 16.58 15.07
CA VAL K 129 17.80 15.22 14.78
C VAL K 129 19.10 15.29 13.94
N VAL K 130 20.12 14.66 14.40
CA VAL K 130 21.43 14.61 13.73
C VAL K 130 21.71 13.18 13.37
N ALA K 131 21.93 12.84 12.11
CA ALA K 131 22.23 11.50 11.67
C ALA K 131 23.44 11.48 10.76
N GLY K 132 24.26 10.43 10.93
CA GLY K 132 25.34 10.25 9.96
C GLY K 132 26.56 11.13 10.18
N CYS K 133 26.59 11.87 11.27
CA CYS K 133 27.77 12.73 11.53
C CYS K 133 28.74 12.06 12.47
N GLY K 134 28.69 10.74 12.58
CA GLY K 134 29.56 9.99 13.45
C GLY K 134 29.36 10.36 14.90
N VAL K 135 30.35 10.02 15.77
CA VAL K 135 30.26 10.37 17.18
C VAL K 135 30.29 11.88 17.36
N GLN K 136 30.72 12.63 16.34
CA GLN K 136 30.70 14.08 16.38
C GLN K 136 29.28 14.62 16.52
N GLY K 137 28.28 13.81 16.06
CA GLY K 137 26.88 14.19 16.23
C GLY K 137 26.53 14.42 17.69
N TYR K 138 27.15 13.72 18.64
CA TYR K 138 26.85 13.99 20.04
C TYR K 138 27.34 15.36 20.44
N VAL K 139 28.47 15.81 19.91
CA VAL K 139 28.98 17.14 20.20
C VAL K 139 27.97 18.19 19.68
N PHE K 140 27.47 18.03 18.46
CA PHE K 140 26.43 18.89 17.91
C PHE K 140 25.20 18.87 18.82
N GLY K 141 24.81 17.69 19.31
CA GLY K 141 23.68 17.59 20.23
C GLY K 141 23.87 18.48 21.46
N VAL K 142 25.05 18.34 22.12
CA VAL K 142 25.33 19.18 23.26
C VAL K 142 25.29 20.66 22.91
N GLU K 143 25.86 21.02 21.77
CA GLU K 143 25.87 22.41 21.31
C GLU K 143 24.49 22.95 21.08
N ARG K 144 23.58 22.14 20.58
CA ARG K 144 22.20 22.53 20.34
C ARG K 144 21.42 22.70 21.63
N ILE K 145 21.67 21.81 22.61
CA ILE K 145 21.10 21.97 23.94
C ILE K 145 21.57 23.30 24.55
N ALA K 146 22.84 23.60 24.38
CA ALA K 146 23.40 24.83 24.95
C ALA K 146 22.70 26.05 24.36
N ALA K 147 22.54 26.10 23.05
CA ALA K 147 21.82 27.19 22.40
C ALA K 147 20.37 27.27 22.82
N LEU K 148 19.68 26.12 22.95
CA LEU K 148 18.28 26.15 23.32
C LEU K 148 18.05 26.51 24.78
N ALA K 149 18.93 26.10 25.64
CA ALA K 149 18.83 26.39 27.09
C ALA K 149 19.15 27.87 27.29
N GLY K 150 19.89 28.49 26.38
CA GLY K 150 20.19 29.91 26.35
C GLY K 150 18.98 30.71 25.84
N ARG L 2 34.54 -20.50 18.99
CA ARG L 2 34.57 -21.61 19.99
C ARG L 2 33.91 -22.85 19.41
N SER L 3 34.41 -24.06 19.74
CA SER L 3 33.92 -25.37 19.40
C SER L 3 32.92 -25.82 20.46
N LEU L 4 32.08 -26.83 20.16
CA LEU L 4 31.16 -27.38 21.15
C LEU L 4 31.90 -27.98 22.36
N ALA L 5 33.10 -28.52 22.17
CA ALA L 5 33.88 -29.03 23.30
C ALA L 5 34.33 -27.90 24.22
N ASN L 6 34.62 -26.73 23.66
CA ASN L 6 35.13 -25.66 24.51
C ASN L 6 34.11 -24.77 25.16
N ALA L 7 32.88 -24.73 24.62
CA ALA L 7 31.93 -23.80 25.23
C ALA L 7 30.50 -24.23 24.97
N PRO L 8 29.59 -23.94 25.87
CA PRO L 8 28.21 -24.31 25.73
C PRO L 8 27.48 -23.61 24.58
N ILE L 9 26.40 -24.22 24.13
CA ILE L 9 25.46 -23.61 23.16
C ILE L 9 24.48 -22.79 24.00
N MET L 10 24.22 -21.52 23.70
CA MET L 10 23.26 -20.72 24.45
C MET L 10 21.88 -20.99 23.81
N ILE L 11 20.91 -21.37 24.57
CA ILE L 11 19.55 -21.63 24.08
C ILE L 11 18.61 -20.65 24.81
N LEU L 12 18.16 -19.63 24.05
CA LEU L 12 17.34 -18.55 24.58
C LEU L 12 15.88 -18.64 24.14
N ASN L 13 15.00 -18.35 25.08
CA ASN L 13 13.56 -18.39 24.98
C ASN L 13 12.95 -17.06 25.45
N GLY L 14 12.10 -16.53 24.59
CA GLY L 14 11.39 -15.29 24.76
C GLY L 14 10.16 -15.33 25.63
N PRO L 15 9.35 -14.26 25.62
CA PRO L 15 8.21 -14.09 26.51
C PRO L 15 7.16 -15.12 26.36
N ASN L 16 6.56 -15.48 27.52
CA ASN L 16 5.44 -16.41 27.67
C ASN L 16 5.84 -17.85 27.57
N LEU L 17 7.03 -18.25 27.09
CA LEU L 17 7.44 -19.65 26.92
C LEU L 17 7.60 -20.34 28.25
N ASN L 18 7.66 -19.57 29.34
CA ASN L 18 7.63 -20.16 30.68
C ASN L 18 6.35 -20.90 30.91
N LEU L 19 5.26 -20.65 30.20
CA LEU L 19 4.03 -21.41 30.26
C LEU L 19 3.87 -22.49 29.23
N LEU L 20 4.91 -22.84 28.49
CA LEU L 20 4.85 -23.86 27.46
C LEU L 20 4.37 -25.18 28.09
N GLY L 21 3.42 -25.76 27.41
CA GLY L 21 2.90 -27.07 27.83
C GLY L 21 1.69 -26.93 28.74
N GLN L 22 1.43 -25.75 29.25
CA GLN L 22 0.32 -25.57 30.16
C GLN L 22 -0.98 -25.25 29.46
N ARG L 23 -0.96 -25.01 28.16
CA ARG L 23 -2.19 -24.70 27.43
C ARG L 23 -1.92 -24.71 25.93
N GLN L 24 -2.94 -24.68 25.11
CA GLN L 24 -2.81 -24.69 23.67
C GLN L 24 -1.91 -25.77 23.13
N PRO L 25 -2.15 -27.02 23.47
CA PRO L 25 -1.35 -28.12 23.00
C PRO L 25 -1.42 -28.31 21.50
N GLU L 26 -2.54 -27.94 20.88
CA GLU L 26 -2.71 -28.06 19.44
C GLU L 26 -1.70 -27.16 18.72
N ILE L 27 -1.41 -26.01 19.30
CA ILE L 27 -0.41 -25.13 18.72
C ILE L 27 1.00 -25.41 19.26
N TYR L 28 1.16 -25.46 20.58
CA TYR L 28 2.48 -25.56 21.18
C TYR L 28 2.92 -26.89 21.76
N GLY L 29 2.06 -27.89 21.77
CA GLY L 29 2.43 -29.20 22.28
C GLY L 29 2.23 -29.31 23.80
N SER L 30 2.50 -30.49 24.36
CA SER L 30 2.29 -30.70 25.79
C SER L 30 3.57 -30.78 26.57
N ASP L 31 4.71 -30.62 25.92
CA ASP L 31 6.00 -30.61 26.59
C ASP L 31 6.24 -29.27 27.26
N THR L 32 6.87 -29.28 28.42
CA THR L 32 7.20 -28.02 29.11
C THR L 32 8.53 -27.51 28.66
N LEU L 33 8.91 -26.32 29.10
CA LEU L 33 10.25 -25.81 28.82
C LEU L 33 11.33 -26.69 29.41
N ALA L 34 11.07 -27.31 30.56
CA ALA L 34 12.01 -28.26 31.16
C ALA L 34 12.19 -29.48 30.25
N ASP L 35 11.09 -29.94 29.67
CA ASP L 35 11.17 -31.08 28.74
C ASP L 35 12.03 -30.67 27.55
N VAL L 36 11.87 -29.44 27.07
CA VAL L 36 12.67 -28.97 25.92
C VAL L 36 14.15 -28.90 26.25
N GLU L 37 14.47 -28.36 27.41
CA GLU L 37 15.83 -28.33 27.90
C GLU L 37 16.47 -29.69 27.91
N ALA L 38 15.76 -30.73 28.37
CA ALA L 38 16.32 -32.08 28.38
C ALA L 38 16.56 -32.62 26.98
N LEU L 39 15.67 -32.34 26.03
CA LEU L 39 15.92 -32.72 24.65
C LEU L 39 17.20 -32.09 24.13
N CYS L 40 17.41 -30.82 24.41
CA CYS L 40 18.60 -30.10 24.00
C CYS L 40 19.90 -30.66 24.56
N VAL L 41 19.95 -30.88 25.88
CA VAL L 41 21.06 -31.42 26.64
C VAL L 41 21.46 -32.75 26.05
N LYS L 42 20.51 -33.61 25.69
CA LYS L 42 20.77 -34.89 25.09
C LYS L 42 21.30 -34.74 23.67
N ALA L 43 20.73 -33.82 22.91
CA ALA L 43 21.27 -33.65 21.54
C ALA L 43 22.69 -33.14 21.57
N ALA L 44 23.01 -32.15 22.41
CA ALA L 44 24.34 -31.59 22.48
C ALA L 44 25.34 -32.65 22.94
N ALA L 45 24.95 -33.51 23.86
CA ALA L 45 25.89 -34.49 24.46
C ALA L 45 26.34 -35.51 23.43
N ALA L 46 25.51 -35.84 22.48
CA ALA L 46 25.87 -36.69 21.36
C ALA L 46 27.02 -36.03 20.59
N HIS L 47 27.17 -34.70 20.57
CA HIS L 47 28.30 -34.10 19.87
C HIS L 47 29.42 -33.71 20.80
N GLY L 48 29.38 -34.10 22.06
CA GLY L 48 30.34 -33.74 23.09
C GLY L 48 30.17 -32.33 23.61
N GLY L 49 28.99 -31.76 23.52
CA GLY L 49 28.77 -30.39 23.96
C GLY L 49 27.78 -30.30 25.10
N THR L 50 27.50 -29.06 25.52
CA THR L 50 26.66 -28.70 26.61
C THR L 50 25.76 -27.50 26.24
N VAL L 51 24.73 -27.28 27.01
CA VAL L 51 23.82 -26.18 26.70
C VAL L 51 23.65 -25.34 27.95
N ASP L 52 23.36 -24.07 27.67
CA ASP L 52 23.01 -23.09 28.68
C ASP L 52 21.64 -22.55 28.25
N PHE L 53 20.61 -23.08 28.88
CA PHE L 53 19.21 -22.87 28.54
C PHE L 53 18.55 -21.87 29.40
N ARG L 54 17.95 -20.82 28.83
CA ARG L 54 17.37 -19.71 29.58
C ARG L 54 16.07 -19.19 28.96
N GLN L 55 15.27 -18.55 29.82
CA GLN L 55 14.03 -17.95 29.33
C GLN L 55 13.85 -16.62 30.01
N SER L 56 13.36 -15.61 29.29
CA SER L 56 13.01 -14.33 29.86
C SER L 56 11.85 -13.62 29.20
N ASN L 57 11.05 -12.85 29.95
CA ASN L 57 10.01 -12.03 29.35
C ASN L 57 10.48 -10.62 29.01
N HIS L 58 11.77 -10.32 29.20
CA HIS L 58 12.27 -8.95 29.05
C HIS L 58 13.24 -8.80 27.89
N GLU L 59 12.89 -7.93 26.95
CA GLU L 59 13.70 -7.69 25.76
C GLU L 59 15.13 -7.34 26.01
N GLY L 60 15.38 -6.42 26.95
CA GLY L 60 16.76 -6.05 27.27
C GLY L 60 17.56 -7.16 27.94
N GLU L 61 16.91 -8.05 28.71
CA GLU L 61 17.62 -9.17 29.32
C GLU L 61 18.10 -10.13 28.26
N LEU L 62 17.32 -10.37 27.19
CA LEU L 62 17.68 -11.17 26.06
C LEU L 62 18.83 -10.52 25.34
N VAL L 63 18.79 -9.17 25.18
CA VAL L 63 19.94 -8.50 24.56
C VAL L 63 21.22 -8.78 25.35
N ASP L 64 21.15 -8.59 26.67
CA ASP L 64 22.28 -8.85 27.58
C ASP L 64 22.80 -10.27 27.45
N TRP L 65 21.90 -11.24 27.32
CA TRP L 65 22.32 -12.64 27.25
C TRP L 65 22.96 -12.92 25.88
N ILE L 66 22.56 -12.25 24.80
CA ILE L 66 23.18 -12.37 23.48
C ILE L 66 24.60 -11.82 23.52
N HIS L 67 24.81 -10.73 24.24
CA HIS L 67 26.14 -10.11 24.38
C HIS L 67 27.00 -11.11 25.16
N GLU L 68 26.44 -11.75 26.16
CA GLU L 68 27.16 -12.80 26.92
C GLU L 68 27.56 -13.96 26.05
N ALA L 69 26.63 -14.49 25.25
CA ALA L 69 26.92 -15.54 24.31
C ALA L 69 27.99 -15.21 23.35
N ARG L 70 28.02 -13.99 22.84
CA ARG L 70 29.01 -13.46 21.93
C ARG L 70 30.42 -13.74 22.43
N LEU L 71 30.63 -13.56 23.73
CA LEU L 71 31.98 -13.80 24.26
C LEU L 71 32.22 -15.22 24.79
N ASN L 72 31.20 -15.91 25.26
CA ASN L 72 31.42 -17.16 26.02
C ASN L 72 30.88 -18.43 25.49
N HIS L 73 30.08 -18.39 24.42
CA HIS L 73 29.37 -19.53 23.90
C HIS L 73 29.69 -19.86 22.46
N CYS L 74 29.32 -21.08 22.02
CA CYS L 74 29.71 -21.51 20.70
C CYS L 74 28.67 -21.28 19.59
N GLY L 75 27.49 -20.84 20.00
CA GLY L 75 26.39 -20.52 19.13
C GLY L 75 25.15 -20.23 20.00
N ILE L 76 24.12 -19.74 19.28
CA ILE L 76 22.85 -19.40 19.86
C ILE L 76 21.72 -20.14 19.15
N VAL L 77 20.86 -20.79 19.87
CA VAL L 77 19.56 -21.31 19.34
C VAL L 77 18.55 -20.39 20.01
N ILE L 78 17.70 -19.68 19.26
CA ILE L 78 16.80 -18.72 19.89
C ILE L 78 15.37 -18.83 19.38
N ASN L 79 14.43 -19.02 20.29
CA ASN L 79 13.00 -18.86 20.06
C ASN L 79 12.64 -17.51 20.69
N PRO L 80 12.58 -16.45 19.91
CA PRO L 80 12.32 -15.12 20.42
C PRO L 80 10.87 -14.85 20.78
N ALA L 81 9.97 -15.75 20.47
CA ALA L 81 8.57 -15.67 20.81
C ALA L 81 8.01 -14.35 20.32
N ALA L 82 7.18 -13.61 21.01
CA ALA L 82 6.62 -12.38 20.47
C ALA L 82 7.68 -11.39 20.02
N TYR L 83 8.82 -11.25 20.63
CA TYR L 83 9.91 -10.38 20.22
C TYR L 83 10.41 -10.66 18.85
N SER L 84 10.22 -11.85 18.28
CA SER L 84 10.60 -12.11 16.88
C SER L 84 10.01 -11.02 15.98
N HIS L 85 8.74 -10.66 16.26
CA HIS L 85 7.97 -9.74 15.42
C HIS L 85 8.17 -8.27 15.69
N THR L 86 8.69 -7.90 16.90
CA THR L 86 8.74 -6.52 17.28
C THR L 86 10.15 -6.03 17.61
N SER L 87 11.12 -6.89 17.85
CA SER L 87 12.42 -6.41 18.37
C SER L 87 13.57 -6.24 17.39
N VAL L 88 13.73 -4.97 17.02
CA VAL L 88 14.90 -4.54 16.29
C VAL L 88 16.11 -4.61 17.23
N ALA L 89 15.87 -4.40 18.53
CA ALA L 89 16.99 -4.50 19.49
C ALA L 89 17.63 -5.89 19.55
N ILE L 90 16.84 -6.96 19.53
CA ILE L 90 17.40 -8.32 19.54
C ILE L 90 18.09 -8.58 18.23
N LEU L 91 17.51 -8.14 17.09
CA LEU L 91 18.25 -8.27 15.81
C LEU L 91 19.62 -7.64 15.91
N ASP L 92 19.71 -6.41 16.35
CA ASP L 92 20.93 -5.65 16.50
C ASP L 92 21.88 -6.35 17.49
N ALA L 93 21.36 -6.96 18.55
CA ALA L 93 22.25 -7.73 19.47
C ALA L 93 22.86 -8.91 18.76
N LEU L 94 22.06 -9.66 17.98
CA LEU L 94 22.54 -10.81 17.21
C LEU L 94 23.53 -10.39 16.14
N ASN L 95 23.34 -9.22 15.56
CA ASN L 95 24.27 -8.68 14.57
C ASN L 95 25.65 -8.36 15.19
N THR L 96 25.81 -8.19 16.46
CA THR L 96 27.13 -7.99 17.08
C THR L 96 27.89 -9.31 17.18
N CYS L 97 27.26 -10.45 17.00
CA CYS L 97 27.86 -11.76 17.14
C CYS L 97 28.55 -12.23 15.87
N ASP L 98 29.50 -11.46 15.38
CA ASP L 98 30.15 -11.71 14.09
C ASP L 98 30.77 -13.10 14.05
N GLY L 99 30.40 -13.89 13.06
CA GLY L 99 30.90 -15.24 12.94
C GLY L 99 30.28 -16.29 13.83
N LEU L 100 29.38 -15.98 14.77
CA LEU L 100 28.80 -16.96 15.64
C LEU L 100 27.57 -17.56 14.96
N PRO L 101 27.44 -18.87 14.98
CA PRO L 101 26.28 -19.50 14.40
C PRO L 101 25.03 -19.21 15.21
N VAL L 102 23.95 -18.89 14.49
CA VAL L 102 22.66 -18.55 15.11
C VAL L 102 21.53 -19.26 14.39
N VAL L 103 20.68 -19.96 15.11
CA VAL L 103 19.52 -20.64 14.55
C VAL L 103 18.29 -20.18 15.31
N GLU L 104 17.31 -19.66 14.58
CA GLU L 104 16.01 -19.25 15.05
C GLU L 104 15.02 -20.40 14.96
N VAL L 105 14.26 -20.59 16.02
CA VAL L 105 13.26 -21.66 16.16
C VAL L 105 11.89 -21.15 16.62
N HIS L 106 10.82 -21.57 15.90
CA HIS L 106 9.45 -21.35 16.26
C HIS L 106 8.77 -22.73 16.34
N ILE L 107 8.15 -23.04 17.47
CA ILE L 107 7.46 -24.31 17.68
C ILE L 107 6.32 -24.41 16.67
N SER L 108 5.54 -23.31 16.58
CA SER L 108 4.44 -23.21 15.64
C SER L 108 4.86 -22.75 14.25
N ASN L 109 4.00 -23.05 13.27
CA ASN L 109 4.23 -22.60 11.91
C ASN L 109 3.61 -21.20 11.83
N ILE L 110 4.49 -20.20 12.09
CA ILE L 110 4.07 -18.80 12.10
C ILE L 110 3.47 -18.36 10.79
N HIS L 111 3.81 -19.00 9.67
CA HIS L 111 3.26 -18.67 8.36
C HIS L 111 1.82 -19.02 8.19
N GLN L 112 1.27 -19.87 9.02
CA GLN L 112 -0.17 -20.20 8.99
C GLN L 112 -0.97 -19.36 9.96
N ARG L 113 -0.32 -18.53 10.74
CA ARG L 113 -1.00 -17.74 11.78
C ARG L 113 -1.28 -16.33 11.36
N GLU L 114 -1.59 -15.47 12.33
CA GLU L 114 -1.97 -14.09 12.06
C GLU L 114 -0.88 -13.41 11.27
N PRO L 115 -1.21 -12.49 10.39
CA PRO L 115 -0.28 -11.81 9.52
C PRO L 115 0.83 -11.09 10.30
N PHE L 116 0.55 -10.62 11.52
CA PHE L 116 1.60 -9.96 12.32
C PHE L 116 2.71 -10.94 12.72
N ARG L 117 2.46 -12.27 12.72
CA ARG L 117 3.49 -13.24 13.01
C ARG L 117 4.33 -13.59 11.80
N HIS L 118 3.95 -13.18 10.62
CA HIS L 118 4.62 -13.58 9.39
C HIS L 118 6.03 -13.03 9.23
N HIS L 119 6.35 -11.91 9.79
CA HIS L 119 7.67 -11.31 9.68
C HIS L 119 8.41 -11.44 11.00
N SER L 120 9.67 -11.78 10.87
CA SER L 120 10.55 -11.89 12.03
C SER L 120 11.81 -11.08 11.79
N TYR L 121 12.08 -10.10 12.63
CA TYR L 121 13.35 -9.36 12.52
C TYR L 121 14.52 -10.30 12.70
N VAL L 122 14.41 -11.33 13.55
CA VAL L 122 15.52 -12.23 13.84
C VAL L 122 15.96 -12.99 12.59
N SER L 123 15.06 -13.36 11.70
CA SER L 123 15.35 -14.07 10.49
C SER L 123 16.31 -13.40 9.54
N GLN L 124 16.48 -12.07 9.61
CA GLN L 124 17.42 -11.32 8.84
C GLN L 124 18.88 -11.63 9.23
N ARG L 125 19.10 -12.05 10.45
CA ARG L 125 20.45 -12.39 10.92
C ARG L 125 20.63 -13.88 11.18
N ALA L 126 19.63 -14.58 11.58
CA ALA L 126 19.81 -16.04 11.86
C ALA L 126 20.34 -16.75 10.64
N ASP L 127 21.25 -17.67 10.85
CA ASP L 127 21.82 -18.47 9.78
C ASP L 127 20.71 -19.35 9.22
N GLY L 128 19.99 -20.06 10.05
CA GLY L 128 18.88 -20.93 9.72
C GLY L 128 17.66 -20.62 10.58
N VAL L 129 16.47 -20.92 10.03
CA VAL L 129 15.22 -20.63 10.66
C VAL L 129 14.32 -21.88 10.55
N VAL L 130 13.91 -22.40 11.69
CA VAL L 130 13.09 -23.62 11.71
C VAL L 130 11.73 -23.24 12.30
N ALA L 131 10.63 -23.48 11.59
CA ALA L 131 9.32 -23.13 12.06
C ALA L 131 8.35 -24.30 11.88
N GLY L 132 7.49 -24.53 12.81
CA GLY L 132 6.45 -25.52 12.71
C GLY L 132 6.91 -26.98 12.86
N CYS L 133 8.06 -27.21 13.39
CA CYS L 133 8.62 -28.55 13.59
C CYS L 133 8.46 -29.00 15.03
N GLY L 134 7.65 -28.31 15.82
CA GLY L 134 7.32 -28.54 17.22
C GLY L 134 8.57 -28.25 18.06
N VAL L 135 8.62 -28.88 19.24
CA VAL L 135 9.82 -28.73 20.07
C VAL L 135 11.02 -29.46 19.48
N GLN L 136 10.80 -30.35 18.51
CA GLN L 136 11.85 -31.04 17.80
C GLN L 136 12.71 -30.00 17.09
N GLY L 137 12.16 -28.85 16.67
CA GLY L 137 12.89 -27.78 16.07
C GLY L 137 14.08 -27.33 16.91
N TYR L 138 13.98 -27.35 18.23
CA TYR L 138 15.13 -27.01 19.06
C TYR L 138 16.27 -28.00 18.83
N VAL L 139 15.95 -29.28 18.67
CA VAL L 139 16.96 -30.32 18.41
C VAL L 139 17.65 -30.06 17.06
N PHE L 140 16.84 -29.77 16.03
CA PHE L 140 17.46 -29.36 14.73
C PHE L 140 18.39 -28.14 14.92
N GLY L 141 17.99 -27.17 15.74
CA GLY L 141 18.86 -26.06 16.05
C GLY L 141 20.18 -26.46 16.63
N VAL L 142 20.15 -27.34 17.65
CA VAL L 142 21.39 -27.85 18.24
C VAL L 142 22.23 -28.57 17.20
N GLU L 143 21.57 -29.37 16.38
CA GLU L 143 22.35 -30.10 15.34
C GLU L 143 22.98 -29.16 14.34
N ARG L 144 22.27 -28.10 13.96
CA ARG L 144 22.82 -27.16 12.98
C ARG L 144 24.03 -26.38 13.55
N ILE L 145 23.97 -26.03 14.81
CA ILE L 145 25.02 -25.31 15.54
C ILE L 145 26.20 -26.29 15.58
N ALA L 146 25.92 -27.55 15.95
CA ALA L 146 27.04 -28.50 15.91
C ALA L 146 27.68 -28.58 14.55
N ALA L 147 26.94 -28.64 13.45
CA ALA L 147 27.55 -28.68 12.13
C ALA L 147 28.29 -27.41 11.77
N LEU L 148 27.86 -26.23 12.18
CA LEU L 148 28.45 -24.98 11.81
C LEU L 148 29.70 -24.70 12.65
N ALA L 149 29.63 -25.12 13.92
CA ALA L 149 30.77 -24.91 14.79
C ALA L 149 31.89 -25.87 14.42
N GLY L 150 31.55 -27.07 13.97
CA GLY L 150 32.50 -28.10 13.58
C GLY L 150 32.58 -28.36 12.08
#